data_7HLO
# 
_entry.id   7HLO 
# 
_audit_conform.dict_name       mmcif_pdbx.dic 
_audit_conform.dict_version    5.399 
_audit_conform.dict_location   http://mmcif.pdb.org/dictionaries/ascii/mmcif_pdbx.dic 
# 
loop_
_database_2.database_id 
_database_2.database_code 
_database_2.pdbx_database_accession 
_database_2.pdbx_DOI 
PDB   7HLO         pdb_00007hlo 10.2210/pdb7hlo/pdb 
WWPDB D_1001407630 ?            ?                   
# 
_pdbx_audit_revision_history.ordinal             1 
_pdbx_audit_revision_history.data_content_type   'Structure model' 
_pdbx_audit_revision_history.major_revision      1 
_pdbx_audit_revision_history.minor_revision      0 
_pdbx_audit_revision_history.revision_date       2024-11-27 
# 
_pdbx_audit_revision_details.ordinal             1 
_pdbx_audit_revision_details.revision_ordinal    1 
_pdbx_audit_revision_details.data_content_type   'Structure model' 
_pdbx_audit_revision_details.provider            repository 
_pdbx_audit_revision_details.type                'Initial release' 
_pdbx_audit_revision_details.description         ? 
_pdbx_audit_revision_details.details             ? 
# 
_pdbx_database_status.entry_id                        7HLO 
_pdbx_database_status.status_code                     REL 
_pdbx_database_status.status_code_sf                  REL 
_pdbx_database_status.status_code_mr                  ? 
_pdbx_database_status.status_code_cs                  ? 
_pdbx_database_status.recvd_initial_deposition_date   2024-11-04 
_pdbx_database_status.status_code_nmr_data            ? 
_pdbx_database_status.deposit_site                    RCSB 
_pdbx_database_status.process_site                    RCSB 
_pdbx_database_status.SG_entry                        ? 
_pdbx_database_status.pdb_format_compatible           N 
_pdbx_database_status.methods_development_category    ? 
# 
_pdbx_contact_author.id                 1 
_pdbx_contact_author.email              knapp@pharmchem.uni-frankfurt.de 
_pdbx_contact_author.name_first         Stefan 
_pdbx_contact_author.name_last          Knapp 
_pdbx_contact_author.role               'principal investigator/group leader' 
_pdbx_contact_author.identifier_ORCID   0000-0001-5995-6494 
_pdbx_contact_author.name_mi            ? 
# 
loop_
_audit_author.name 
_audit_author.pdbx_ordinal 
'Kim, Y.'                              1 
'Marples, P.'                          2 
'Fearon, D.'                           3 
'von Delft, F.'                        4 
'Knapp, S.'                            5 
'Kraemer, A.'                          6 
'Structural Genomics Consortium (SGC)' 7 
# 
_citation.id                        primary 
_citation.title                     'PanDDA analysis group deposition' 
_citation.journal_abbrev            'To Be Published' 
_citation.journal_volume            ? 
_citation.page_first                ? 
_citation.page_last                 ? 
_citation.year                      ? 
_citation.journal_id_ASTM           ? 
_citation.country                   ? 
_citation.journal_id_ISSN           ? 
_citation.journal_id_CSD            0353 
_citation.book_publisher            ? 
_citation.pdbx_database_id_PubMed   ? 
_citation.pdbx_database_id_DOI      ? 
# 
loop_
_citation_author.citation_id 
_citation_author.name 
_citation_author.identifier_ORCID 
_citation_author.ordinal 
primary 'Kim, Y.'                              ? 1 
primary 'Marples, P.'                          ? 2 
primary 'Fearon, D.'                           ? 3 
primary 'von Delft, F.'                        ? 4 
primary 'Knapp, S.'                            ? 5 
primary 'Kraemer, A.'                          ? 6 
primary 'Structural Genomics Consortium (SGC)' ? 7 
# 
loop_
_entity.id 
_entity.type 
_entity.src_method 
_entity.pdbx_description 
_entity.formula_weight 
_entity.pdbx_number_of_molecules 
_entity.pdbx_ec 
_entity.pdbx_mutation 
_entity.pdbx_fragment 
_entity.details 
1 polymer     man 'E3 ubiquitin-protein ligase TRIM21' 21596.361 1  2.3.2.27 ? ? ? 
2 non-polymer syn 1,2-ETHANEDIOL                       62.068    2  ?        ? ? ? 
3 non-polymer syn 'SULFATE ION'                        96.063    1  ?        ? ? ? 
4 non-polymer syn 4-acetylpiperazine-1-carboxamide     171.197   1  ?        ? ? ? 
5 water       nat water                                18.015    38 ?        ? ? ? 
# 
_entity_name_com.entity_id   1 
_entity_name_com.name        
;52 kDa Ro protein,52 kDa ribonucleoprotein autoantigen Ro/SS-A,Ro(SS-A),Sjoegren syndrome type A antigen,SS-A,Tripartite motif-containing protein 21
;
# 
_entity_poly.entity_id                      1 
_entity_poly.type                           'polypeptide(L)' 
_entity_poly.nstd_linkage                   no 
_entity_poly.nstd_monomer                   no 
_entity_poly.pdbx_seq_one_letter_code       
;MHHHHHHMVHITLDRNTANSWLIISKDRRQVRMGDTHQNVSDNKERFSNYPMVLGAQRFSSGKMYWEVDVTQKEAWDLGV
CRDSVQRKGQFSLSPENGFWTIWLWQDSYEAGTSPQTTLHIQVPPCQIGIFVDYEAGVVSFYNITDHGSLIYTFSECVFA
GPLRPFFNVGFNYSGGNAAPLKLCPLKM
;
_entity_poly.pdbx_seq_one_letter_code_can   
;MHHHHHHMVHITLDRNTANSWLIISKDRRQVRMGDTHQNVSDNKERFSNYPMVLGAQRFSSGKMYWEVDVTQKEAWDLGV
CRDSVQRKGQFSLSPENGFWTIWLWQDSYEAGTSPQTTLHIQVPPCQIGIFVDYEAGVVSFYNITDHGSLIYTFSECVFA
GPLRPFFNVGFNYSGGNAAPLKLCPLKM
;
_entity_poly.pdbx_strand_id                 B 
_entity_poly.pdbx_target_identifier         ? 
# 
loop_
_pdbx_entity_nonpoly.entity_id 
_pdbx_entity_nonpoly.name 
_pdbx_entity_nonpoly.comp_id 
2 1,2-ETHANEDIOL                   EDO   
3 'SULFATE ION'                    SO4   
4 4-acetylpiperazine-1-carboxamide A1BFA 
5 water                            HOH   
# 
loop_
_entity_poly_seq.entity_id 
_entity_poly_seq.num 
_entity_poly_seq.mon_id 
_entity_poly_seq.hetero 
1 1   MET n 
1 2   HIS n 
1 3   HIS n 
1 4   HIS n 
1 5   HIS n 
1 6   HIS n 
1 7   HIS n 
1 8   MET n 
1 9   VAL n 
1 10  HIS n 
1 11  ILE n 
1 12  THR n 
1 13  LEU n 
1 14  ASP n 
1 15  ARG n 
1 16  ASN n 
1 17  THR n 
1 18  ALA n 
1 19  ASN n 
1 20  SER n 
1 21  TRP n 
1 22  LEU n 
1 23  ILE n 
1 24  ILE n 
1 25  SER n 
1 26  LYS n 
1 27  ASP n 
1 28  ARG n 
1 29  ARG n 
1 30  GLN n 
1 31  VAL n 
1 32  ARG n 
1 33  MET n 
1 34  GLY n 
1 35  ASP n 
1 36  THR n 
1 37  HIS n 
1 38  GLN n 
1 39  ASN n 
1 40  VAL n 
1 41  SER n 
1 42  ASP n 
1 43  ASN n 
1 44  LYS n 
1 45  GLU n 
1 46  ARG n 
1 47  PHE n 
1 48  SER n 
1 49  ASN n 
1 50  TYR n 
1 51  PRO n 
1 52  MET n 
1 53  VAL n 
1 54  LEU n 
1 55  GLY n 
1 56  ALA n 
1 57  GLN n 
1 58  ARG n 
1 59  PHE n 
1 60  SER n 
1 61  SER n 
1 62  GLY n 
1 63  LYS n 
1 64  MET n 
1 65  TYR n 
1 66  TRP n 
1 67  GLU n 
1 68  VAL n 
1 69  ASP n 
1 70  VAL n 
1 71  THR n 
1 72  GLN n 
1 73  LYS n 
1 74  GLU n 
1 75  ALA n 
1 76  TRP n 
1 77  ASP n 
1 78  LEU n 
1 79  GLY n 
1 80  VAL n 
1 81  CYS n 
1 82  ARG n 
1 83  ASP n 
1 84  SER n 
1 85  VAL n 
1 86  GLN n 
1 87  ARG n 
1 88  LYS n 
1 89  GLY n 
1 90  GLN n 
1 91  PHE n 
1 92  SER n 
1 93  LEU n 
1 94  SER n 
1 95  PRO n 
1 96  GLU n 
1 97  ASN n 
1 98  GLY n 
1 99  PHE n 
1 100 TRP n 
1 101 THR n 
1 102 ILE n 
1 103 TRP n 
1 104 LEU n 
1 105 TRP n 
1 106 GLN n 
1 107 ASP n 
1 108 SER n 
1 109 TYR n 
1 110 GLU n 
1 111 ALA n 
1 112 GLY n 
1 113 THR n 
1 114 SER n 
1 115 PRO n 
1 116 GLN n 
1 117 THR n 
1 118 THR n 
1 119 LEU n 
1 120 HIS n 
1 121 ILE n 
1 122 GLN n 
1 123 VAL n 
1 124 PRO n 
1 125 PRO n 
1 126 CYS n 
1 127 GLN n 
1 128 ILE n 
1 129 GLY n 
1 130 ILE n 
1 131 PHE n 
1 132 VAL n 
1 133 ASP n 
1 134 TYR n 
1 135 GLU n 
1 136 ALA n 
1 137 GLY n 
1 138 VAL n 
1 139 VAL n 
1 140 SER n 
1 141 PHE n 
1 142 TYR n 
1 143 ASN n 
1 144 ILE n 
1 145 THR n 
1 146 ASP n 
1 147 HIS n 
1 148 GLY n 
1 149 SER n 
1 150 LEU n 
1 151 ILE n 
1 152 TYR n 
1 153 THR n 
1 154 PHE n 
1 155 SER n 
1 156 GLU n 
1 157 CYS n 
1 158 VAL n 
1 159 PHE n 
1 160 ALA n 
1 161 GLY n 
1 162 PRO n 
1 163 LEU n 
1 164 ARG n 
1 165 PRO n 
1 166 PHE n 
1 167 PHE n 
1 168 ASN n 
1 169 VAL n 
1 170 GLY n 
1 171 PHE n 
1 172 ASN n 
1 173 TYR n 
1 174 SER n 
1 175 GLY n 
1 176 GLY n 
1 177 ASN n 
1 178 ALA n 
1 179 ALA n 
1 180 PRO n 
1 181 LEU n 
1 182 LYS n 
1 183 LEU n 
1 184 CYS n 
1 185 PRO n 
1 186 LEU n 
1 187 LYS n 
1 188 MET n 
# 
_entity_src_gen.entity_id                          1 
_entity_src_gen.pdbx_src_id                        1 
_entity_src_gen.pdbx_alt_source_flag               sample 
_entity_src_gen.pdbx_seq_type                      'Biological sequence' 
_entity_src_gen.pdbx_beg_seq_num                   1 
_entity_src_gen.pdbx_end_seq_num                   188 
_entity_src_gen.gene_src_common_name               'house mouse' 
_entity_src_gen.gene_src_genus                     ? 
_entity_src_gen.pdbx_gene_src_gene                 'Trim21, Ro52, Ssa1' 
_entity_src_gen.gene_src_species                   ? 
_entity_src_gen.gene_src_strain                    ? 
_entity_src_gen.gene_src_tissue                    ? 
_entity_src_gen.gene_src_tissue_fraction           ? 
_entity_src_gen.gene_src_details                   ? 
_entity_src_gen.pdbx_gene_src_fragment             ? 
_entity_src_gen.pdbx_gene_src_scientific_name      'Mus musculus' 
_entity_src_gen.pdbx_gene_src_ncbi_taxonomy_id     10090 
_entity_src_gen.pdbx_gene_src_variant              ? 
_entity_src_gen.pdbx_gene_src_cell_line            ? 
_entity_src_gen.pdbx_gene_src_atcc                 ? 
_entity_src_gen.pdbx_gene_src_organ                ? 
_entity_src_gen.pdbx_gene_src_organelle            ? 
_entity_src_gen.pdbx_gene_src_cell                 ? 
_entity_src_gen.pdbx_gene_src_cellular_location    ? 
_entity_src_gen.host_org_common_name               ? 
_entity_src_gen.pdbx_host_org_scientific_name      'Escherichia coli' 
_entity_src_gen.pdbx_host_org_ncbi_taxonomy_id     562 
_entity_src_gen.host_org_genus                     ? 
_entity_src_gen.pdbx_host_org_gene                 ? 
_entity_src_gen.pdbx_host_org_organ                ? 
_entity_src_gen.host_org_species                   ? 
_entity_src_gen.pdbx_host_org_tissue               ? 
_entity_src_gen.pdbx_host_org_tissue_fraction      ? 
_entity_src_gen.pdbx_host_org_strain               ? 
_entity_src_gen.pdbx_host_org_variant              ? 
_entity_src_gen.pdbx_host_org_cell_line            ? 
_entity_src_gen.pdbx_host_org_atcc                 ? 
_entity_src_gen.pdbx_host_org_culture_collection   ? 
_entity_src_gen.pdbx_host_org_cell                 ? 
_entity_src_gen.pdbx_host_org_organelle            ? 
_entity_src_gen.pdbx_host_org_cellular_location    ? 
_entity_src_gen.pdbx_host_org_vector_type          ? 
_entity_src_gen.pdbx_host_org_vector               ? 
_entity_src_gen.host_org_details                   ? 
_entity_src_gen.expression_system_id               ? 
_entity_src_gen.plasmid_name                       ? 
_entity_src_gen.plasmid_details                    ? 
_entity_src_gen.pdbx_description                   ? 
# 
loop_
_chem_comp.id 
_chem_comp.type 
_chem_comp.mon_nstd_flag 
_chem_comp.name 
_chem_comp.pdbx_synonyms 
_chem_comp.formula 
_chem_comp.formula_weight 
A1BFA non-polymer         . 4-acetylpiperazine-1-carboxamide ?                 'C7 H13 N3 O2'   171.197 
ALA   'L-peptide linking' y ALANINE                          ?                 'C3 H7 N O2'     89.093  
ARG   'L-peptide linking' y ARGININE                         ?                 'C6 H15 N4 O2 1' 175.209 
ASN   'L-peptide linking' y ASPARAGINE                       ?                 'C4 H8 N2 O3'    132.118 
ASP   'L-peptide linking' y 'ASPARTIC ACID'                  ?                 'C4 H7 N O4'     133.103 
CYS   'L-peptide linking' y CYSTEINE                         ?                 'C3 H7 N O2 S'   121.158 
EDO   non-polymer         . 1,2-ETHANEDIOL                   'ETHYLENE GLYCOL' 'C2 H6 O2'       62.068  
GLN   'L-peptide linking' y GLUTAMINE                        ?                 'C5 H10 N2 O3'   146.144 
GLU   'L-peptide linking' y 'GLUTAMIC ACID'                  ?                 'C5 H9 N O4'     147.129 
GLY   'peptide linking'   y GLYCINE                          ?                 'C2 H5 N O2'     75.067  
HIS   'L-peptide linking' y HISTIDINE                        ?                 'C6 H10 N3 O2 1' 156.162 
HOH   non-polymer         . WATER                            ?                 'H2 O'           18.015  
ILE   'L-peptide linking' y ISOLEUCINE                       ?                 'C6 H13 N O2'    131.173 
LEU   'L-peptide linking' y LEUCINE                          ?                 'C6 H13 N O2'    131.173 
LYS   'L-peptide linking' y LYSINE                           ?                 'C6 H15 N2 O2 1' 147.195 
MET   'L-peptide linking' y METHIONINE                       ?                 'C5 H11 N O2 S'  149.211 
PHE   'L-peptide linking' y PHENYLALANINE                    ?                 'C9 H11 N O2'    165.189 
PRO   'L-peptide linking' y PROLINE                          ?                 'C5 H9 N O2'     115.130 
SER   'L-peptide linking' y SERINE                           ?                 'C3 H7 N O3'     105.093 
SO4   non-polymer         . 'SULFATE ION'                    ?                 'O4 S -2'        96.063  
THR   'L-peptide linking' y THREONINE                        ?                 'C4 H9 N O3'     119.119 
TRP   'L-peptide linking' y TRYPTOPHAN                       ?                 'C11 H12 N2 O2'  204.225 
TYR   'L-peptide linking' y TYROSINE                         ?                 'C9 H11 N O3'    181.189 
VAL   'L-peptide linking' y VALINE                           ?                 'C5 H11 N O2'    117.146 
# 
loop_
_pdbx_poly_seq_scheme.asym_id 
_pdbx_poly_seq_scheme.entity_id 
_pdbx_poly_seq_scheme.seq_id 
_pdbx_poly_seq_scheme.mon_id 
_pdbx_poly_seq_scheme.ndb_seq_num 
_pdbx_poly_seq_scheme.pdb_seq_num 
_pdbx_poly_seq_scheme.auth_seq_num 
_pdbx_poly_seq_scheme.pdb_mon_id 
_pdbx_poly_seq_scheme.auth_mon_id 
_pdbx_poly_seq_scheme.pdb_strand_id 
_pdbx_poly_seq_scheme.pdb_ins_code 
_pdbx_poly_seq_scheme.hetero 
A 1 1   MET 1   7   ?   ?   ?   B . n 
A 1 2   HIS 2   8   8   HIS HIS B . n 
A 1 3   HIS 3   9   9   HIS HIS B . n 
A 1 4   HIS 4   10  10  HIS HIS B . n 
A 1 5   HIS 5   11  11  HIS HIS B . n 
A 1 6   HIS 6   12  12  HIS HIS B . n 
A 1 7   HIS 7   13  13  HIS HIS B . n 
A 1 8   MET 8   14  14  MET MET B . n 
A 1 9   VAL 9   15  15  VAL VAL B . n 
A 1 10  HIS 10  16  16  HIS HIS B . n 
A 1 11  ILE 11  17  17  ILE ILE B . n 
A 1 12  THR 12  18  18  THR THR B . n 
A 1 13  LEU 13  19  19  LEU LEU B . n 
A 1 14  ASP 14  20  20  ASP ASP B . n 
A 1 15  ARG 15  21  21  ARG ARG B . n 
A 1 16  ASN 16  22  22  ASN ASN B . n 
A 1 17  THR 17  23  23  THR THR B . n 
A 1 18  ALA 18  24  24  ALA ALA B . n 
A 1 19  ASN 19  25  25  ASN ASN B . n 
A 1 20  SER 20  26  26  SER SER B . n 
A 1 21  TRP 21  27  27  TRP TRP B . n 
A 1 22  LEU 22  28  28  LEU LEU B . n 
A 1 23  ILE 23  29  29  ILE ILE B . n 
A 1 24  ILE 24  30  30  ILE ILE B . n 
A 1 25  SER 25  31  31  SER SER B . n 
A 1 26  LYS 26  32  32  LYS LYS B . n 
A 1 27  ASP 27  33  33  ASP ASP B . n 
A 1 28  ARG 28  34  34  ARG ARG B . n 
A 1 29  ARG 29  35  35  ARG ARG B . n 
A 1 30  GLN 30  36  36  GLN GLN B . n 
A 1 31  VAL 31  37  37  VAL VAL B . n 
A 1 32  ARG 32  38  38  ARG ARG B . n 
A 1 33  MET 33  39  39  MET MET B . n 
A 1 34  GLY 34  40  40  GLY GLY B . n 
A 1 35  ASP 35  41  41  ASP ASP B . n 
A 1 36  THR 36  42  42  THR THR B . n 
A 1 37  HIS 37  43  43  HIS HIS B . n 
A 1 38  GLN 38  44  44  GLN GLN B . n 
A 1 39  ASN 39  45  45  ASN ASN B . n 
A 1 40  VAL 40  46  46  VAL VAL B . n 
A 1 41  SER 41  47  47  SER SER B . n 
A 1 42  ASP 42  48  48  ASP ASP B . n 
A 1 43  ASN 43  49  49  ASN ASN B . n 
A 1 44  LYS 44  50  50  LYS LYS B . n 
A 1 45  GLU 45  51  51  GLU GLU B . n 
A 1 46  ARG 46  52  52  ARG ARG B . n 
A 1 47  PHE 47  53  53  PHE PHE B . n 
A 1 48  SER 48  54  54  SER SER B . n 
A 1 49  ASN 49  55  55  ASN ASN B . n 
A 1 50  TYR 50  56  56  TYR TYR B . n 
A 1 51  PRO 51  57  57  PRO PRO B . n 
A 1 52  MET 52  58  58  MET MET B . n 
A 1 53  VAL 53  59  59  VAL VAL B . n 
A 1 54  LEU 54  60  60  LEU LEU B . n 
A 1 55  GLY 55  61  61  GLY GLY B . n 
A 1 56  ALA 56  62  62  ALA ALA B . n 
A 1 57  GLN 57  63  63  GLN GLN B . n 
A 1 58  ARG 58  64  64  ARG ARG B . n 
A 1 59  PHE 59  65  65  PHE PHE B . n 
A 1 60  SER 60  66  66  SER SER B . n 
A 1 61  SER 61  67  67  SER SER B . n 
A 1 62  GLY 62  68  68  GLY GLY B . n 
A 1 63  LYS 63  69  69  LYS LYS B . n 
A 1 64  MET 64  70  70  MET MET B . n 
A 1 65  TYR 65  71  71  TYR TYR B . n 
A 1 66  TRP 66  72  72  TRP TRP B . n 
A 1 67  GLU 67  73  73  GLU GLU B . n 
A 1 68  VAL 68  74  74  VAL VAL B . n 
A 1 69  ASP 69  75  75  ASP ASP B . n 
A 1 70  VAL 70  76  76  VAL VAL B . n 
A 1 71  THR 71  77  77  THR THR B . n 
A 1 72  GLN 72  78  78  GLN GLN B . n 
A 1 73  LYS 73  79  79  LYS LYS B . n 
A 1 74  GLU 74  80  80  GLU GLU B . n 
A 1 75  ALA 75  81  81  ALA ALA B . n 
A 1 76  TRP 76  82  82  TRP TRP B . n 
A 1 77  ASP 77  83  83  ASP ASP B . n 
A 1 78  LEU 78  84  84  LEU LEU B . n 
A 1 79  GLY 79  85  85  GLY GLY B . n 
A 1 80  VAL 80  86  86  VAL VAL B . n 
A 1 81  CYS 81  87  87  CYS CYS B . n 
A 1 82  ARG 82  88  88  ARG ARG B . n 
A 1 83  ASP 83  89  89  ASP ASP B . n 
A 1 84  SER 84  90  90  SER SER B . n 
A 1 85  VAL 85  91  91  VAL VAL B . n 
A 1 86  GLN 86  92  92  GLN GLN B . n 
A 1 87  ARG 87  93  93  ARG ARG B . n 
A 1 88  LYS 88  94  94  LYS LYS B . n 
A 1 89  GLY 89  95  95  GLY GLY B . n 
A 1 90  GLN 90  96  96  GLN GLN B . n 
A 1 91  PHE 91  97  97  PHE PHE B . n 
A 1 92  SER 92  98  98  SER SER B . n 
A 1 93  LEU 93  99  99  LEU LEU B . n 
A 1 94  SER 94  100 100 SER SER B . n 
A 1 95  PRO 95  101 101 PRO PRO B . n 
A 1 96  GLU 96  102 102 GLU GLU B . n 
A 1 97  ASN 97  103 103 ASN ASN B . n 
A 1 98  GLY 98  104 104 GLY GLY B . n 
A 1 99  PHE 99  105 105 PHE PHE B . n 
A 1 100 TRP 100 106 106 TRP TRP B . n 
A 1 101 THR 101 107 107 THR THR B . n 
A 1 102 ILE 102 108 108 ILE ILE B . n 
A 1 103 TRP 103 109 109 TRP TRP B . n 
A 1 104 LEU 104 110 110 LEU LEU B . n 
A 1 105 TRP 105 111 111 TRP TRP B . n 
A 1 106 GLN 106 112 112 GLN GLN B . n 
A 1 107 ASP 107 113 113 ASP ASP B . n 
A 1 108 SER 108 114 114 SER SER B . n 
A 1 109 TYR 109 115 115 TYR TYR B . n 
A 1 110 GLU 110 116 116 GLU GLU B . n 
A 1 111 ALA 111 117 117 ALA ALA B . n 
A 1 112 GLY 112 118 118 GLY GLY B . n 
A 1 113 THR 113 119 119 THR THR B . n 
A 1 114 SER 114 120 120 SER SER B . n 
A 1 115 PRO 115 121 121 PRO PRO B . n 
A 1 116 GLN 116 122 122 GLN GLN B . n 
A 1 117 THR 117 123 123 THR THR B . n 
A 1 118 THR 118 124 124 THR THR B . n 
A 1 119 LEU 119 125 125 LEU LEU B . n 
A 1 120 HIS 120 126 126 HIS HIS B . n 
A 1 121 ILE 121 127 127 ILE ILE B . n 
A 1 122 GLN 122 128 128 GLN GLN B . n 
A 1 123 VAL 123 129 129 VAL VAL B . n 
A 1 124 PRO 124 130 130 PRO PRO B . n 
A 1 125 PRO 125 131 131 PRO PRO B . n 
A 1 126 CYS 126 132 132 CYS CYS B . n 
A 1 127 GLN 127 133 133 GLN GLN B . n 
A 1 128 ILE 128 134 134 ILE ILE B . n 
A 1 129 GLY 129 135 135 GLY GLY B . n 
A 1 130 ILE 130 136 136 ILE ILE B . n 
A 1 131 PHE 131 137 137 PHE PHE B . n 
A 1 132 VAL 132 138 138 VAL VAL B . n 
A 1 133 ASP 133 139 139 ASP ASP B . n 
A 1 134 TYR 134 140 140 TYR TYR B . n 
A 1 135 GLU 135 141 141 GLU GLU B . n 
A 1 136 ALA 136 142 142 ALA ALA B . n 
A 1 137 GLY 137 143 143 GLY GLY B . n 
A 1 138 VAL 138 144 144 VAL VAL B . n 
A 1 139 VAL 139 145 145 VAL VAL B . n 
A 1 140 SER 140 146 146 SER SER B . n 
A 1 141 PHE 141 147 147 PHE PHE B . n 
A 1 142 TYR 142 148 148 TYR TYR B . n 
A 1 143 ASN 143 149 149 ASN ASN B . n 
A 1 144 ILE 144 150 150 ILE ILE B . n 
A 1 145 THR 145 151 151 THR THR B . n 
A 1 146 ASP 146 152 152 ASP ASP B . n 
A 1 147 HIS 147 153 153 HIS HIS B . n 
A 1 148 GLY 148 154 154 GLY GLY B . n 
A 1 149 SER 149 155 155 SER SER B . n 
A 1 150 LEU 150 156 156 LEU LEU B . n 
A 1 151 ILE 151 157 157 ILE ILE B . n 
A 1 152 TYR 152 158 158 TYR TYR B . n 
A 1 153 THR 153 159 159 THR THR B . n 
A 1 154 PHE 154 160 160 PHE PHE B . n 
A 1 155 SER 155 161 161 SER SER B . n 
A 1 156 GLU 156 162 162 GLU GLU B . n 
A 1 157 CYS 157 163 163 CYS CYS B . n 
A 1 158 VAL 158 164 164 VAL VAL B . n 
A 1 159 PHE 159 165 165 PHE PHE B . n 
A 1 160 ALA 160 166 166 ALA ALA B . n 
A 1 161 GLY 161 167 167 GLY GLY B . n 
A 1 162 PRO 162 168 168 PRO PRO B . n 
A 1 163 LEU 163 169 169 LEU LEU B . n 
A 1 164 ARG 164 170 170 ARG ARG B . n 
A 1 165 PRO 165 171 171 PRO PRO B . n 
A 1 166 PHE 166 172 172 PHE PHE B . n 
A 1 167 PHE 167 173 173 PHE PHE B . n 
A 1 168 ASN 168 174 174 ASN ASN B . n 
A 1 169 VAL 169 175 175 VAL VAL B . n 
A 1 170 GLY 170 176 176 GLY GLY B . n 
A 1 171 PHE 171 177 177 PHE PHE B . n 
A 1 172 ASN 172 178 178 ASN ASN B . n 
A 1 173 TYR 173 179 179 TYR TYR B . n 
A 1 174 SER 174 180 180 SER SER B . n 
A 1 175 GLY 175 181 181 GLY GLY B . n 
A 1 176 GLY 176 182 182 GLY GLY B . n 
A 1 177 ASN 177 183 183 ASN ASN B . n 
A 1 178 ALA 178 184 184 ALA ALA B . n 
A 1 179 ALA 179 185 185 ALA ALA B . n 
A 1 180 PRO 180 186 186 PRO PRO B . n 
A 1 181 LEU 181 187 187 LEU LEU B . n 
A 1 182 LYS 182 188 188 LYS LYS B . n 
A 1 183 LEU 183 189 189 LEU LEU B . n 
A 1 184 CYS 184 190 190 CYS CYS B . n 
A 1 185 PRO 185 191 191 PRO PRO B . n 
A 1 186 LEU 186 192 192 LEU LEU B . n 
A 1 187 LYS 187 193 ?   ?   ?   B . n 
A 1 188 MET 188 194 ?   ?   ?   B . n 
# 
_pdbx_entity_instance_feature.ordinal        1 
_pdbx_entity_instance_feature.comp_id        A1BFA 
_pdbx_entity_instance_feature.asym_id        ? 
_pdbx_entity_instance_feature.seq_num        ? 
_pdbx_entity_instance_feature.auth_comp_id   A1BFA 
_pdbx_entity_instance_feature.auth_asym_id   ? 
_pdbx_entity_instance_feature.auth_seq_num   ? 
_pdbx_entity_instance_feature.feature_type   'SUBJECT OF INVESTIGATION' 
_pdbx_entity_instance_feature.details        ? 
# 
loop_
_pdbx_nonpoly_scheme.asym_id 
_pdbx_nonpoly_scheme.entity_id 
_pdbx_nonpoly_scheme.mon_id 
_pdbx_nonpoly_scheme.ndb_seq_num 
_pdbx_nonpoly_scheme.pdb_seq_num 
_pdbx_nonpoly_scheme.auth_seq_num 
_pdbx_nonpoly_scheme.pdb_mon_id 
_pdbx_nonpoly_scheme.auth_mon_id 
_pdbx_nonpoly_scheme.pdb_strand_id 
_pdbx_nonpoly_scheme.pdb_ins_code 
B 2 EDO   1  201 202 EDO   EDO B . 
C 2 EDO   1  202 305 EDO   EDO B . 
D 3 SO4   1  203 1   SO4   SO4 B . 
E 4 A1BFA 1  204 1   A1BFA LIG B . 
F 5 HOH   1  301 12  HOH   HOH B . 
F 5 HOH   2  302 2   HOH   HOH B . 
F 5 HOH   3  303 63  HOH   HOH B . 
F 5 HOH   4  304 99  HOH   HOH B . 
F 5 HOH   5  305 27  HOH   HOH B . 
F 5 HOH   6  306 5   HOH   HOH B . 
F 5 HOH   7  307 129 HOH   HOH B . 
F 5 HOH   8  308 11  HOH   HOH B . 
F 5 HOH   9  309 51  HOH   HOH B . 
F 5 HOH   10 310 100 HOH   HOH B . 
F 5 HOH   11 311 20  HOH   HOH B . 
F 5 HOH   12 312 22  HOH   HOH B . 
F 5 HOH   13 313 62  HOH   HOH B . 
F 5 HOH   14 314 6   HOH   HOH B . 
F 5 HOH   15 315 86  HOH   HOH B . 
F 5 HOH   16 316 19  HOH   HOH B . 
F 5 HOH   17 317 4   HOH   HOH B . 
F 5 HOH   18 318 8   HOH   HOH B . 
F 5 HOH   19 319 304 HOH   HOH B . 
F 5 HOH   20 320 71  HOH   HOH B . 
F 5 HOH   21 321 264 HOH   HOH B . 
F 5 HOH   22 322 3   HOH   HOH B . 
F 5 HOH   23 323 156 HOH   HOH B . 
F 5 HOH   24 324 46  HOH   HOH B . 
F 5 HOH   25 325 257 HOH   HOH B . 
F 5 HOH   26 326 8   HOH   HOH B . 
F 5 HOH   27 327 23  HOH   HOH B . 
F 5 HOH   28 328 20  HOH   HOH B . 
F 5 HOH   29 329 69  HOH   HOH B . 
F 5 HOH   30 330 22  HOH   HOH B . 
F 5 HOH   31 331 18  HOH   HOH B . 
F 5 HOH   32 332 41  HOH   HOH B . 
F 5 HOH   33 333 53  HOH   HOH B . 
F 5 HOH   34 334 44  HOH   HOH B . 
F 5 HOH   35 335 197 HOH   HOH B . 
F 5 HOH   36 336 115 HOH   HOH B . 
F 5 HOH   37 337 23  HOH   HOH B . 
F 5 HOH   38 338 21  HOH   HOH B . 
# 
loop_
_pdbx_unobs_or_zero_occ_atoms.id 
_pdbx_unobs_or_zero_occ_atoms.PDB_model_num 
_pdbx_unobs_or_zero_occ_atoms.polymer_flag 
_pdbx_unobs_or_zero_occ_atoms.occupancy_flag 
_pdbx_unobs_or_zero_occ_atoms.auth_asym_id 
_pdbx_unobs_or_zero_occ_atoms.auth_comp_id 
_pdbx_unobs_or_zero_occ_atoms.auth_seq_id 
_pdbx_unobs_or_zero_occ_atoms.PDB_ins_code 
_pdbx_unobs_or_zero_occ_atoms.auth_atom_id 
_pdbx_unobs_or_zero_occ_atoms.label_alt_id 
_pdbx_unobs_or_zero_occ_atoms.label_asym_id 
_pdbx_unobs_or_zero_occ_atoms.label_comp_id 
_pdbx_unobs_or_zero_occ_atoms.label_seq_id 
_pdbx_unobs_or_zero_occ_atoms.label_atom_id 
1 1 Y 1 B LEU 192 ? CG  ? A LEU 186 CG  
2 1 Y 1 B LEU 192 ? CD1 ? A LEU 186 CD1 
3 1 Y 1 B LEU 192 ? CD2 ? A LEU 186 CD2 
# 
loop_
_software.pdbx_ordinal 
_software.name 
_software.version 
_software.date 
_software.type 
_software.contact_author 
_software.contact_author_email 
_software.classification 
_software.location 
_software.language 
_software.citation_id 
1 REFMAC      5.8.0267 ?               program 'Garib N. Murshudov' garib@ysbl.york.ac.uk    refinement        
http://www.ccp4.ac.uk/dist/html/refmac5.html        Fortran_77 ? 
2 Aimless     0.7.7    23/04/21        program 'Phil Evans'         ?                        'data scaling'    
http://www.mrc-lmb.cam.ac.uk/harry/pre/aimless.html ?          ? 
3 PDB_EXTRACT 3.23     'SEP. 23, 2016' package PDB                  deposit@deposit.rcsb.org 'data extraction' 
http://sw-tools.pdb.org/apps/PDB_EXTRACT/           C++        ? 
4 XDS         .        ?               program ?                    ?                        'data reduction'  ? ?          ? 
5 REFMAC      .        ?               program ?                    ?                        phasing           ? ?          ? 
# 
_cell.entry_id           7HLO 
_cell.length_a           95.403 
_cell.length_b           95.403 
_cell.length_c           45.792 
_cell.angle_alpha        90.000 
_cell.angle_beta         90.000 
_cell.angle_gamma        90.000 
_cell.Z_PDB              8 
_cell.pdbx_unique_axis   ? 
# 
_symmetry.entry_id                         7HLO 
_symmetry.space_group_name_H-M             'I 4' 
_symmetry.pdbx_full_space_group_name_H-M   ? 
_symmetry.cell_setting                     ? 
_symmetry.Int_Tables_number                79 
# 
_exptl.crystals_number   1 
_exptl.entry_id          7HLO 
_exptl.method            'X-RAY DIFFRACTION' 
# 
_exptl_crystal.id                    1 
_exptl_crystal.pdbx_mosaicity        0.000 
_exptl_crystal.pdbx_mosaicity_esd    ? 
_exptl_crystal.density_Matthews      2.41 
_exptl_crystal.density_diffrn        ? 
_exptl_crystal.density_meas          ? 
_exptl_crystal.density_meas_temp     ? 
_exptl_crystal.density_percent_sol   49.01 
_exptl_crystal.size_max              ? 
_exptl_crystal.size_mid              ? 
_exptl_crystal.size_min              ? 
_exptl_crystal.size_rad              ? 
_exptl_crystal.description           ? 
# 
_exptl_crystal_grow.crystal_id      1 
_exptl_crystal_grow.method          'VAPOR DIFFUSION, SITTING DROP' 
_exptl_crystal_grow.pH              8 
_exptl_crystal_grow.temp            293 
_exptl_crystal_grow.pdbx_details    '4 % PEG 400, 2 M AmmSO4, 0.1 M HEPES pH 8' 
_exptl_crystal_grow.temp_details    ? 
_exptl_crystal_grow.pdbx_pH_range   ? 
# 
_diffrn.id                     1 
_diffrn.ambient_temp           100 
_diffrn.crystal_id             1 
_diffrn.ambient_temp_details   ? 
# 
_diffrn_detector.detector               PIXEL 
_diffrn_detector.type                   'DECTRIS EIGER2 XE 9M' 
_diffrn_detector.pdbx_collection_date   2024-05-22 
_diffrn_detector.diffrn_id              1 
_diffrn_detector.details                ? 
# 
_diffrn_radiation.diffrn_id                        1 
_diffrn_radiation.wavelength_id                    1 
_diffrn_radiation.pdbx_diffrn_protocol             'SINGLE WAVELENGTH' 
_diffrn_radiation.pdbx_monochromatic_or_laue_m_l   ? 
_diffrn_radiation.monochromator                    ? 
_diffrn_radiation.pdbx_scattering_type             x-ray 
# 
_diffrn_radiation_wavelength.id           1 
_diffrn_radiation_wavelength.wavelength   0.92124 
_diffrn_radiation_wavelength.wt           1.0 
# 
_diffrn_source.diffrn_id                   1 
_diffrn_source.source                      SYNCHROTRON 
_diffrn_source.type                        'DIAMOND BEAMLINE I04-1' 
_diffrn_source.pdbx_wavelength_list        0.92124 
_diffrn_source.pdbx_synchrotron_site       Diamond 
_diffrn_source.pdbx_synchrotron_beamline   I04-1 
_diffrn_source.pdbx_wavelength             ? 
# 
_reflns.entry_id                     7HLO 
_reflns.pdbx_diffrn_id               1 
_reflns.pdbx_ordinal                 1 
_reflns.observed_criterion_sigma_I   ? 
_reflns.observed_criterion_sigma_F   ? 
_reflns.d_resolution_low             33.730 
_reflns.d_resolution_high            1.150 
_reflns.number_obs                   62299 
_reflns.number_all                   ? 
_reflns.percent_possible_obs         85.400 
_reflns.pdbx_Rmerge_I_obs            0.040 
_reflns.pdbx_Rsym_value              ? 
_reflns.pdbx_netI_over_sigmaI        26.000 
_reflns.B_iso_Wilson_estimate        ? 
_reflns.pdbx_redundancy              9.400 
_reflns.pdbx_Rrim_I_all              0.042 
_reflns.pdbx_Rpim_I_all              0.012 
_reflns.pdbx_CC_half                 1.000 
_reflns.pdbx_netI_over_av_sigmaI     ? 
_reflns.pdbx_number_measured_all     587100 
_reflns.pdbx_scaling_rejects         0 
_reflns.pdbx_chi_squared             ? 
_reflns.Rmerge_F_all                 ? 
_reflns.Rmerge_F_obs                 ? 
_reflns.observed_criterion_F_max     ? 
_reflns.observed_criterion_F_min     ? 
_reflns.observed_criterion_I_max     ? 
_reflns.observed_criterion_I_min     ? 
_reflns.pdbx_d_res_high_opt          ? 
_reflns.pdbx_d_res_low_opt           ? 
_reflns.details                      ? 
# 
loop_
_reflns_shell.pdbx_diffrn_id 
_reflns_shell.pdbx_ordinal 
_reflns_shell.d_res_high 
_reflns_shell.d_res_low 
_reflns_shell.number_measured_obs 
_reflns_shell.number_measured_all 
_reflns_shell.number_unique_obs 
_reflns_shell.pdbx_rejects 
_reflns_shell.Rmerge_I_obs 
_reflns_shell.meanI_over_sigI_obs 
_reflns_shell.pdbx_Rsym_value 
_reflns_shell.pdbx_chi_squared 
_reflns_shell.pdbx_redundancy 
_reflns_shell.percent_possible_obs 
_reflns_shell.pdbx_netI_over_sigmaI_obs 
_reflns_shell.number_possible 
_reflns_shell.number_unique_all 
_reflns_shell.Rmerge_F_all 
_reflns_shell.Rmerge_F_obs 
_reflns_shell.Rmerge_I_all 
_reflns_shell.meanI_over_sigI_all 
_reflns_shell.percent_possible_all 
_reflns_shell.pdbx_Rrim_I_all 
_reflns_shell.pdbx_Rpim_I_all 
_reflns_shell.pdbx_CC_half 
1 1 1.150 1.170  ? 449  436 ? 0.532 ? ? ? 1.000  ? 0.500   ? ? ? ? ? ? 12.300 0.752 0.532 0.622 
1 2 6.300 33.730 ? 6134 480 ? 0.033 ? ? ? 12.800 ? 122.600 ? ? ? ? ? ? 99.500 0.035 0.010 0.999 
# 
_refine.entry_id                                 7HLO 
_refine.pdbx_refine_id                           'X-RAY DIFFRACTION' 
_refine.ls_d_res_high                            1.1500 
_refine.ls_d_res_low                             33.7500 
_refine.pdbx_ls_sigma_F                          0.000 
_refine.pdbx_data_cutoff_high_absF               ? 
_refine.pdbx_data_cutoff_low_absF                ? 
_refine.ls_percent_reflns_obs                    85.2300 
_refine.ls_number_reflns_obs                     59283 
_refine.ls_number_reflns_all                     ? 
_refine.pdbx_ls_cross_valid_method               THROUGHOUT 
_refine.ls_matrix_type                           ? 
_refine.pdbx_R_Free_selection_details            RANDOM 
_refine.details                                  
'HYDROGENS HAVE BEEN ADDED IN THE RIDING POSITIONS U VALUES      : REFINED INDIVIDUALLY' 
_refine.ls_R_factor_all                          ? 
_refine.ls_R_factor_obs                          0.1763 
_refine.ls_R_factor_R_work                       0.1756 
_refine.ls_wR_factor_R_work                      ? 
_refine.ls_R_factor_R_free                       0.1899 
_refine.ls_wR_factor_R_free                      ? 
_refine.ls_percent_reflns_R_free                 4.8000 
_refine.ls_number_reflns_R_free                  3015 
_refine.ls_number_reflns_R_work                  ? 
_refine.ls_R_factor_R_free_error                 ? 
_refine.B_iso_mean                               14.7110 
_refine.solvent_model_param_bsol                 ? 
_refine.solvent_model_param_ksol                 ? 
_refine.pdbx_isotropic_thermal_model             ? 
_refine.aniso_B[1][1]                            0.0700 
_refine.aniso_B[2][2]                            0.0700 
_refine.aniso_B[3][3]                            -0.1400 
_refine.aniso_B[1][2]                            0.0000 
_refine.aniso_B[1][3]                            -0.0000 
_refine.aniso_B[2][3]                            -0.0000 
_refine.correlation_coeff_Fo_to_Fc               0.9690 
_refine.correlation_coeff_Fo_to_Fc_free          0.9650 
_refine.overall_SU_R_Cruickshank_DPI             ? 
_refine.pdbx_overall_SU_R_free_Cruickshank_DPI   ? 
_refine.pdbx_overall_SU_R_Blow_DPI               ? 
_refine.pdbx_overall_SU_R_free_Blow_DPI          ? 
_refine.overall_SU_R_free                        ? 
_refine.pdbx_overall_ESU_R                       0.0430 
_refine.pdbx_overall_ESU_R_Free                  0.0430 
_refine.overall_SU_ML                            0.0320 
_refine.overall_SU_B                             0.7340 
_refine.solvent_model_details                    MASK 
_refine.pdbx_solvent_vdw_probe_radii             1.2000 
_refine.pdbx_solvent_ion_probe_radii             0.8000 
_refine.pdbx_solvent_shrinkage_radii             0.8000 
_refine.ls_number_parameters                     ? 
_refine.ls_number_restraints                     ? 
_refine.pdbx_starting_model                      ? 
_refine.pdbx_method_to_determine_struct          'FOURIER SYNTHESIS' 
_refine.pdbx_stereochemistry_target_values       'MAXIMUM LIKELIHOOD' 
_refine.pdbx_stereochem_target_val_spec_case     ? 
_refine.overall_FOM_work_R_set                   ? 
_refine.B_iso_max                                56.740 
_refine.B_iso_min                                7.590 
_refine.pdbx_overall_phase_error                 ? 
_refine.occupancy_max                            ? 
_refine.occupancy_min                            ? 
_refine.pdbx_diffrn_id                           1 
_refine.pdbx_TLS_residual_ADP_flag               ? 
_refine.pdbx_ls_sigma_I                          ? 
_refine.pdbx_data_cutoff_high_rms_absF           ? 
_refine.ls_R_factor_R_free_error_details         ? 
# 
_refine_hist.cycle_id                         final 
_refine_hist.pdbx_refine_id                   'X-RAY DIFFRACTION' 
_refine_hist.d_res_high                       1.1500 
_refine_hist.d_res_low                        33.7500 
_refine_hist.pdbx_number_atoms_ligand         25 
_refine_hist.number_atoms_solvent             38 
_refine_hist.number_atoms_total               1556 
_refine_hist.pdbx_number_residues_total       185 
_refine_hist.pdbx_B_iso_mean_ligand           31.85 
_refine_hist.pdbx_B_iso_mean_solvent          22.34 
_refine_hist.pdbx_number_atoms_protein        1493 
_refine_hist.pdbx_number_atoms_nucleic_acid   0 
# 
loop_
_refine_ls_restr.pdbx_refine_id 
_refine_ls_restr.type 
_refine_ls_restr.number 
_refine_ls_restr.dev_ideal 
_refine_ls_restr.dev_ideal_target 
_refine_ls_restr.weight 
_refine_ls_restr.pdbx_restraint_function 
'X-RAY DIFFRACTION' r_bond_refined_d       2135 0.013  0.014  ? ? 
'X-RAY DIFFRACTION' r_bond_other_d         1626 0.001  0.015  ? ? 
'X-RAY DIFFRACTION' r_angle_refined_deg    2543 1.876  1.641  ? ? 
'X-RAY DIFFRACTION' r_angle_other_deg      3758 1.434  1.579  ? ? 
'X-RAY DIFFRACTION' r_dihedral_angle_1_deg 241  7.314  5.000  ? ? 
'X-RAY DIFFRACTION' r_dihedral_angle_2_deg 114  28.842 21.053 ? ? 
'X-RAY DIFFRACTION' r_dihedral_angle_3_deg 291  11.446 15.000 ? ? 
'X-RAY DIFFRACTION' r_dihedral_angle_4_deg 15   21.129 15.000 ? ? 
'X-RAY DIFFRACTION' r_chiral_restr         220  0.085  0.200  ? ? 
'X-RAY DIFFRACTION' r_gen_planes_refined   2292 0.011  0.020  ? ? 
'X-RAY DIFFRACTION' r_gen_planes_other     498  0.003  0.020  ? ? 
'X-RAY DIFFRACTION' r_mcbond_it            1077 1.170  1.398  ? ? 
'X-RAY DIFFRACTION' r_mcbond_other         965  1.199  1.252  ? ? 
'X-RAY DIFFRACTION' r_mcangle_it           1153 1.901  1.889  ? ? 
# 
_refine_ls_shell.d_res_high                       1.1500 
_refine_ls_shell.d_res_low                        1.1800 
_refine_ls_shell.pdbx_total_number_of_bins_used   20 
_refine_ls_shell.percent_reflns_obs               16.1600 
_refine_ls_shell.number_reflns_R_work             824 
_refine_ls_shell.R_factor_all                     ? 
_refine_ls_shell.R_factor_R_work                  0.3450 
_refine_ls_shell.R_factor_R_free                  0.3390 
_refine_ls_shell.percent_reflns_R_free            ? 
_refine_ls_shell.number_reflns_R_free             38 
_refine_ls_shell.R_factor_R_free_error            ? 
_refine_ls_shell.number_reflns_all                862 
_refine_ls_shell.number_reflns_obs                ? 
_refine_ls_shell.pdbx_refine_id                   'X-RAY DIFFRACTION' 
# 
_struct.entry_id                  7HLO 
_struct.title                     'PanDDA analysis group deposition -- Crystal Structure of TRIM21 in complex with Z90122368' 
_struct.pdbx_model_details        ? 
_struct.pdbx_CASP_flag            ? 
_struct.pdbx_model_type_details   ? 
# 
_struct_keywords.entry_id        7HLO 
_struct_keywords.text            'SGC - Diamond I04-1 fragment screening, PanDDA, XChemExplorer, TRIM21, LIGASE' 
_struct_keywords.pdbx_keywords   LIGASE 
# 
loop_
_struct_asym.id 
_struct_asym.pdbx_blank_PDB_chainid_flag 
_struct_asym.pdbx_modified 
_struct_asym.entity_id 
_struct_asym.details 
A N N 1 ? 
B N N 2 ? 
C N N 2 ? 
D N N 3 ? 
E N N 4 ? 
F N N 5 ? 
# 
_struct_ref.id                         1 
_struct_ref.db_name                    UNP 
_struct_ref.db_code                    RO52_MOUSE 
_struct_ref.pdbx_db_accession          Q62191 
_struct_ref.pdbx_db_isoform            ? 
_struct_ref.entity_id                  1 
_struct_ref.pdbx_seq_one_letter_code   
;VHITLDRNTANSWLIISKDRRQVRMGDTHQNVSDNKERFSNYPMVLGAQRFSSGKMYWEVDVTQKEAWDLGVCRDSVQRK
GQFSLSPENGFWTIWLWQDSYEAGTSPQTTLHIQVPPCQIGIFVDYEAGVVSFYNITDHGSLIYTFSECVFAGPLRPFFN
VGFNYSGGNAAPLKLCPLKM
;
_struct_ref.pdbx_align_begin           291 
# 
_struct_ref_seq.align_id                      1 
_struct_ref_seq.ref_id                        1 
_struct_ref_seq.pdbx_PDB_id_code              7HLO 
_struct_ref_seq.pdbx_strand_id                B 
_struct_ref_seq.seq_align_beg                 9 
_struct_ref_seq.pdbx_seq_align_beg_ins_code   ? 
_struct_ref_seq.seq_align_end                 188 
_struct_ref_seq.pdbx_seq_align_end_ins_code   ? 
_struct_ref_seq.pdbx_db_accession             Q62191 
_struct_ref_seq.db_align_beg                  291 
_struct_ref_seq.pdbx_db_align_beg_ins_code    ? 
_struct_ref_seq.db_align_end                  470 
_struct_ref_seq.pdbx_db_align_end_ins_code    ? 
_struct_ref_seq.pdbx_auth_seq_align_beg       15 
_struct_ref_seq.pdbx_auth_seq_align_end       194 
# 
loop_
_struct_ref_seq_dif.align_id 
_struct_ref_seq_dif.pdbx_pdb_id_code 
_struct_ref_seq_dif.mon_id 
_struct_ref_seq_dif.pdbx_pdb_strand_id 
_struct_ref_seq_dif.seq_num 
_struct_ref_seq_dif.pdbx_pdb_ins_code 
_struct_ref_seq_dif.pdbx_seq_db_name 
_struct_ref_seq_dif.pdbx_seq_db_accession_code 
_struct_ref_seq_dif.db_mon_id 
_struct_ref_seq_dif.pdbx_seq_db_seq_num 
_struct_ref_seq_dif.details 
_struct_ref_seq_dif.pdbx_auth_seq_num 
_struct_ref_seq_dif.pdbx_ordinal 
1 7HLO MET B 1 ? UNP Q62191 ? ? 'initiating methionine' 7  1 
1 7HLO HIS B 2 ? UNP Q62191 ? ? 'expression tag'        8  2 
1 7HLO HIS B 3 ? UNP Q62191 ? ? 'expression tag'        9  3 
1 7HLO HIS B 4 ? UNP Q62191 ? ? 'expression tag'        10 4 
1 7HLO HIS B 5 ? UNP Q62191 ? ? 'expression tag'        11 5 
1 7HLO HIS B 6 ? UNP Q62191 ? ? 'expression tag'        12 6 
1 7HLO HIS B 7 ? UNP Q62191 ? ? 'expression tag'        13 7 
1 7HLO MET B 8 ? UNP Q62191 ? ? 'expression tag'        14 8 
# 
_pdbx_struct_assembly.id                   1 
_pdbx_struct_assembly.details              author_defined_assembly 
_pdbx_struct_assembly.method_details       ? 
_pdbx_struct_assembly.oligomeric_details   monomeric 
_pdbx_struct_assembly.oligomeric_count     1 
# 
_pdbx_struct_assembly_gen.assembly_id       1 
_pdbx_struct_assembly_gen.oper_expression   1 
_pdbx_struct_assembly_gen.asym_id_list      A,B,C,D,E,F 
# 
_pdbx_struct_oper_list.id                   1 
_pdbx_struct_oper_list.type                 'identity operation' 
_pdbx_struct_oper_list.name                 1_555 
_pdbx_struct_oper_list.symmetry_operation   x,y,z 
_pdbx_struct_oper_list.matrix[1][1]         1.0000000000 
_pdbx_struct_oper_list.matrix[1][2]         0.0000000000 
_pdbx_struct_oper_list.matrix[1][3]         0.0000000000 
_pdbx_struct_oper_list.vector[1]            0.0000000000 
_pdbx_struct_oper_list.matrix[2][1]         0.0000000000 
_pdbx_struct_oper_list.matrix[2][2]         1.0000000000 
_pdbx_struct_oper_list.matrix[2][3]         0.0000000000 
_pdbx_struct_oper_list.vector[2]            0.0000000000 
_pdbx_struct_oper_list.matrix[3][1]         0.0000000000 
_pdbx_struct_oper_list.matrix[3][2]         0.0000000000 
_pdbx_struct_oper_list.matrix[3][3]         1.0000000000 
_pdbx_struct_oper_list.vector[3]            0.0000000000 
# 
loop_
_struct_conf.conf_type_id 
_struct_conf.id 
_struct_conf.pdbx_PDB_helix_id 
_struct_conf.beg_label_comp_id 
_struct_conf.beg_label_asym_id 
_struct_conf.beg_label_seq_id 
_struct_conf.pdbx_beg_PDB_ins_code 
_struct_conf.end_label_comp_id 
_struct_conf.end_label_asym_id 
_struct_conf.end_label_seq_id 
_struct_conf.pdbx_end_PDB_ins_code 
_struct_conf.beg_auth_comp_id 
_struct_conf.beg_auth_asym_id 
_struct_conf.beg_auth_seq_id 
_struct_conf.end_auth_comp_id 
_struct_conf.end_auth_asym_id 
_struct_conf.end_auth_seq_id 
_struct_conf.pdbx_PDB_helix_class 
_struct_conf.details 
_struct_conf.pdbx_PDB_helix_length 
HELX_P HELX_P1 AA1 HIS A 4  ? MET A 8  ? HIS B 10  MET B 14  5 ? 5 
HELX_P HELX_P2 AA2 ASP A 14 ? ALA A 18 ? ASP B 20  ALA B 24  5 ? 5 
HELX_P HELX_P3 AA3 SER A 94 ? ASN A 97 ? SER B 100 ASN B 103 5 ? 4 
# 
_struct_conf_type.id          HELX_P 
_struct_conf_type.criteria    ? 
_struct_conf_type.reference   ? 
# 
_struct_mon_prot_cis.pdbx_id                1 
_struct_mon_prot_cis.label_comp_id          SER 
_struct_mon_prot_cis.label_seq_id           114 
_struct_mon_prot_cis.label_asym_id          A 
_struct_mon_prot_cis.label_alt_id           . 
_struct_mon_prot_cis.pdbx_PDB_ins_code      ? 
_struct_mon_prot_cis.auth_comp_id           SER 
_struct_mon_prot_cis.auth_seq_id            120 
_struct_mon_prot_cis.auth_asym_id           B 
_struct_mon_prot_cis.pdbx_label_comp_id_2   PRO 
_struct_mon_prot_cis.pdbx_label_seq_id_2    115 
_struct_mon_prot_cis.pdbx_label_asym_id_2   A 
_struct_mon_prot_cis.pdbx_PDB_ins_code_2    ? 
_struct_mon_prot_cis.pdbx_auth_comp_id_2    PRO 
_struct_mon_prot_cis.pdbx_auth_seq_id_2     121 
_struct_mon_prot_cis.pdbx_auth_asym_id_2    B 
_struct_mon_prot_cis.pdbx_PDB_model_num     1 
_struct_mon_prot_cis.pdbx_omega_angle       -0.19 
# 
loop_
_struct_sheet.id 
_struct_sheet.type 
_struct_sheet.number_strands 
_struct_sheet.details 
AA1 ? 7 ? 
AA2 ? 6 ? 
# 
loop_
_struct_sheet_order.sheet_id 
_struct_sheet_order.range_id_1 
_struct_sheet_order.range_id_2 
_struct_sheet_order.offset 
_struct_sheet_order.sense 
AA1 1 2 ? anti-parallel 
AA1 2 3 ? anti-parallel 
AA1 3 4 ? anti-parallel 
AA1 4 5 ? anti-parallel 
AA1 5 6 ? anti-parallel 
AA1 6 7 ? anti-parallel 
AA2 1 2 ? anti-parallel 
AA2 2 3 ? anti-parallel 
AA2 3 4 ? anti-parallel 
AA2 4 5 ? anti-parallel 
AA2 5 6 ? anti-parallel 
# 
loop_
_struct_sheet_range.sheet_id 
_struct_sheet_range.id 
_struct_sheet_range.beg_label_comp_id 
_struct_sheet_range.beg_label_asym_id 
_struct_sheet_range.beg_label_seq_id 
_struct_sheet_range.pdbx_beg_PDB_ins_code 
_struct_sheet_range.end_label_comp_id 
_struct_sheet_range.end_label_asym_id 
_struct_sheet_range.end_label_seq_id 
_struct_sheet_range.pdbx_end_PDB_ins_code 
_struct_sheet_range.beg_auth_comp_id 
_struct_sheet_range.beg_auth_asym_id 
_struct_sheet_range.beg_auth_seq_id 
_struct_sheet_range.end_auth_comp_id 
_struct_sheet_range.end_auth_asym_id 
_struct_sheet_range.end_auth_seq_id 
AA1 1 LEU A 22  ? ILE A 24  ? LEU B 28  ILE B 30  
AA1 2 GLN A 30  ? MET A 33  ? GLN B 36  MET B 39  
AA1 3 LEU A 181 ? LEU A 183 ? LEU B 187 LEU B 189 
AA1 4 LYS A 63  ? ASP A 69  ? LYS B 69  ASP B 75  
AA1 5 GLN A 127 ? ASP A 133 ? GLN B 133 ASP B 139 
AA1 6 VAL A 138 ? ASN A 143 ? VAL B 144 ASN B 149 
AA1 7 SER A 149 ? PHE A 154 ? SER B 155 PHE B 160 
AA2 1 MET A 52  ? LEU A 54  ? MET B 58  LEU B 60  
AA2 2 LEU A 163 ? ASN A 168 ? LEU B 169 ASN B 174 
AA2 3 TRP A 76  ? ARG A 82  ? TRP B 82  ARG B 88  
AA2 4 PHE A 99  ? TRP A 105 ? PHE B 105 TRP B 111 
AA2 5 SER A 108 ? ALA A 111 ? SER B 114 ALA B 117 
AA2 6 THR A 117 ? THR A 118 ? THR B 123 THR B 124 
# 
loop_
_pdbx_struct_sheet_hbond.sheet_id 
_pdbx_struct_sheet_hbond.range_id_1 
_pdbx_struct_sheet_hbond.range_id_2 
_pdbx_struct_sheet_hbond.range_1_label_atom_id 
_pdbx_struct_sheet_hbond.range_1_label_comp_id 
_pdbx_struct_sheet_hbond.range_1_label_asym_id 
_pdbx_struct_sheet_hbond.range_1_label_seq_id 
_pdbx_struct_sheet_hbond.range_1_PDB_ins_code 
_pdbx_struct_sheet_hbond.range_1_auth_atom_id 
_pdbx_struct_sheet_hbond.range_1_auth_comp_id 
_pdbx_struct_sheet_hbond.range_1_auth_asym_id 
_pdbx_struct_sheet_hbond.range_1_auth_seq_id 
_pdbx_struct_sheet_hbond.range_2_label_atom_id 
_pdbx_struct_sheet_hbond.range_2_label_comp_id 
_pdbx_struct_sheet_hbond.range_2_label_asym_id 
_pdbx_struct_sheet_hbond.range_2_label_seq_id 
_pdbx_struct_sheet_hbond.range_2_PDB_ins_code 
_pdbx_struct_sheet_hbond.range_2_auth_atom_id 
_pdbx_struct_sheet_hbond.range_2_auth_comp_id 
_pdbx_struct_sheet_hbond.range_2_auth_asym_id 
_pdbx_struct_sheet_hbond.range_2_auth_seq_id 
AA1 1 2 N ILE A 23  ? N ILE B 29  O ARG A 32  ? O ARG B 38  
AA1 2 3 N VAL A 31  ? N VAL B 37  O LEU A 181 ? O LEU B 187 
AA1 3 4 O LYS A 182 ? O LYS B 188 N ASP A 69  ? N ASP B 75  
AA1 4 5 N TRP A 66  ? N TRP B 72  O ILE A 130 ? O ILE B 136 
AA1 5 6 N PHE A 131 ? N PHE B 137 O SER A 140 ? O SER B 146 
AA1 6 7 N PHE A 141 ? N PHE B 147 O ILE A 151 ? O ILE B 157 
AA2 1 2 N VAL A 53  ? N VAL B 59  O PHE A 167 ? O PHE B 173 
AA2 2 3 O ARG A 164 ? O ARG B 170 N CYS A 81  ? N CYS B 87  
AA2 3 4 N VAL A 80  ? N VAL B 86  O TRP A 100 ? O TRP B 106 
AA2 4 5 N TRP A 105 ? N TRP B 111 O SER A 108 ? O SER B 114 
AA2 5 6 N ALA A 111 ? N ALA B 117 O THR A 117 ? O THR B 123 
# 
_pdbx_entry_details.entry_id                   7HLO 
_pdbx_entry_details.compound_details           ? 
_pdbx_entry_details.source_details             ? 
_pdbx_entry_details.nonpolymer_details         ? 
_pdbx_entry_details.sequence_details           ? 
_pdbx_entry_details.has_ligand_of_interest     Y 
_pdbx_entry_details.has_protein_modification   N 
# 
_pdbx_validate_rmsd_bond.id                        1 
_pdbx_validate_rmsd_bond.PDB_model_num             1 
_pdbx_validate_rmsd_bond.auth_atom_id_1            CD 
_pdbx_validate_rmsd_bond.auth_asym_id_1            B 
_pdbx_validate_rmsd_bond.auth_comp_id_1            GLU 
_pdbx_validate_rmsd_bond.auth_seq_id_1             141 
_pdbx_validate_rmsd_bond.PDB_ins_code_1            ? 
_pdbx_validate_rmsd_bond.label_alt_id_1            ? 
_pdbx_validate_rmsd_bond.auth_atom_id_2            OE1 
_pdbx_validate_rmsd_bond.auth_asym_id_2            B 
_pdbx_validate_rmsd_bond.auth_comp_id_2            GLU 
_pdbx_validate_rmsd_bond.auth_seq_id_2             141 
_pdbx_validate_rmsd_bond.PDB_ins_code_2            ? 
_pdbx_validate_rmsd_bond.label_alt_id_2            ? 
_pdbx_validate_rmsd_bond.bond_value                1.186 
_pdbx_validate_rmsd_bond.bond_target_value         1.252 
_pdbx_validate_rmsd_bond.bond_deviation            -0.066 
_pdbx_validate_rmsd_bond.bond_standard_deviation   0.011 
_pdbx_validate_rmsd_bond.linker_flag               N 
# 
_pdbx_validate_rmsd_angle.id                         1 
_pdbx_validate_rmsd_angle.PDB_model_num              1 
_pdbx_validate_rmsd_angle.auth_atom_id_1             CG 
_pdbx_validate_rmsd_angle.auth_asym_id_1             B 
_pdbx_validate_rmsd_angle.auth_comp_id_1             ARG 
_pdbx_validate_rmsd_angle.auth_seq_id_1              64 
_pdbx_validate_rmsd_angle.PDB_ins_code_1             ? 
_pdbx_validate_rmsd_angle.label_alt_id_1             ? 
_pdbx_validate_rmsd_angle.auth_atom_id_2             CD 
_pdbx_validate_rmsd_angle.auth_asym_id_2             B 
_pdbx_validate_rmsd_angle.auth_comp_id_2             ARG 
_pdbx_validate_rmsd_angle.auth_seq_id_2              64 
_pdbx_validate_rmsd_angle.PDB_ins_code_2             ? 
_pdbx_validate_rmsd_angle.label_alt_id_2             ? 
_pdbx_validate_rmsd_angle.auth_atom_id_3             NE 
_pdbx_validate_rmsd_angle.auth_asym_id_3             B 
_pdbx_validate_rmsd_angle.auth_comp_id_3             ARG 
_pdbx_validate_rmsd_angle.auth_seq_id_3              64 
_pdbx_validate_rmsd_angle.PDB_ins_code_3             ? 
_pdbx_validate_rmsd_angle.label_alt_id_3             ? 
_pdbx_validate_rmsd_angle.angle_value                127.61 
_pdbx_validate_rmsd_angle.angle_target_value         111.80 
_pdbx_validate_rmsd_angle.angle_deviation            15.81 
_pdbx_validate_rmsd_angle.angle_standard_deviation   2.10 
_pdbx_validate_rmsd_angle.linker_flag                N 
# 
loop_
_pdbx_validate_torsion.id 
_pdbx_validate_torsion.PDB_model_num 
_pdbx_validate_torsion.auth_comp_id 
_pdbx_validate_torsion.auth_asym_id 
_pdbx_validate_torsion.auth_seq_id 
_pdbx_validate_torsion.PDB_ins_code 
_pdbx_validate_torsion.label_alt_id 
_pdbx_validate_torsion.phi 
_pdbx_validate_torsion.psi 
1 1 ASN B 45  ? ? 70.80   35.84  
2 1 GLN B 78  ? ? 83.73   -34.17 
3 1 ASP B 152 ? ? -102.49 51.79  
# 
_phasing.method   MR 
# 
loop_
_pdbx_unobs_or_zero_occ_residues.id 
_pdbx_unobs_or_zero_occ_residues.PDB_model_num 
_pdbx_unobs_or_zero_occ_residues.polymer_flag 
_pdbx_unobs_or_zero_occ_residues.occupancy_flag 
_pdbx_unobs_or_zero_occ_residues.auth_asym_id 
_pdbx_unobs_or_zero_occ_residues.auth_comp_id 
_pdbx_unobs_or_zero_occ_residues.auth_seq_id 
_pdbx_unobs_or_zero_occ_residues.PDB_ins_code 
_pdbx_unobs_or_zero_occ_residues.label_asym_id 
_pdbx_unobs_or_zero_occ_residues.label_comp_id 
_pdbx_unobs_or_zero_occ_residues.label_seq_id 
1 1 Y 1 B MET 7   ? A MET 1   
2 1 Y 1 B LYS 193 ? A LYS 187 
3 1 Y 1 B MET 194 ? A MET 188 
# 
loop_
_chem_comp_atom.comp_id 
_chem_comp_atom.atom_id 
_chem_comp_atom.type_symbol 
_chem_comp_atom.pdbx_aromatic_flag 
_chem_comp_atom.pdbx_stereo_config 
_chem_comp_atom.pdbx_ordinal 
A1BFA N1   N N N 1   
A1BFA N3   N N N 2   
A1BFA C4   C N N 3   
A1BFA C5   C N N 4   
A1BFA C6   C N N 5   
A1BFA C7   C N N 6   
A1BFA C1   C N N 7   
A1BFA C2   C N N 8   
A1BFA C3   C N N 9   
A1BFA N2   N N N 10  
A1BFA O1   O N N 11  
A1BFA O2   O N N 12  
A1BFA H13  H N N 13  
A1BFA H12  H N N 14  
A1BFA H6   H N N 15  
A1BFA H7   H N N 16  
A1BFA H8   H N N 17  
A1BFA H9   H N N 18  
A1BFA H10  H N N 19  
A1BFA H11  H N N 20  
A1BFA H3   H N N 21  
A1BFA H1   H N N 22  
A1BFA H2   H N N 23  
A1BFA H4   H N N 24  
A1BFA H5   H N N 25  
ALA   N    N N N 26  
ALA   CA   C N S 27  
ALA   C    C N N 28  
ALA   O    O N N 29  
ALA   CB   C N N 30  
ALA   OXT  O N N 31  
ALA   H    H N N 32  
ALA   H2   H N N 33  
ALA   HA   H N N 34  
ALA   HB1  H N N 35  
ALA   HB2  H N N 36  
ALA   HB3  H N N 37  
ALA   HXT  H N N 38  
ARG   N    N N N 39  
ARG   CA   C N S 40  
ARG   C    C N N 41  
ARG   O    O N N 42  
ARG   CB   C N N 43  
ARG   CG   C N N 44  
ARG   CD   C N N 45  
ARG   NE   N N N 46  
ARG   CZ   C N N 47  
ARG   NH1  N N N 48  
ARG   NH2  N N N 49  
ARG   OXT  O N N 50  
ARG   H    H N N 51  
ARG   H2   H N N 52  
ARG   HA   H N N 53  
ARG   HB2  H N N 54  
ARG   HB3  H N N 55  
ARG   HG2  H N N 56  
ARG   HG3  H N N 57  
ARG   HD2  H N N 58  
ARG   HD3  H N N 59  
ARG   HE   H N N 60  
ARG   HH11 H N N 61  
ARG   HH12 H N N 62  
ARG   HH21 H N N 63  
ARG   HH22 H N N 64  
ARG   HXT  H N N 65  
ASN   N    N N N 66  
ASN   CA   C N S 67  
ASN   C    C N N 68  
ASN   O    O N N 69  
ASN   CB   C N N 70  
ASN   CG   C N N 71  
ASN   OD1  O N N 72  
ASN   ND2  N N N 73  
ASN   OXT  O N N 74  
ASN   H    H N N 75  
ASN   H2   H N N 76  
ASN   HA   H N N 77  
ASN   HB2  H N N 78  
ASN   HB3  H N N 79  
ASN   HD21 H N N 80  
ASN   HD22 H N N 81  
ASN   HXT  H N N 82  
ASP   N    N N N 83  
ASP   CA   C N S 84  
ASP   C    C N N 85  
ASP   O    O N N 86  
ASP   CB   C N N 87  
ASP   CG   C N N 88  
ASP   OD1  O N N 89  
ASP   OD2  O N N 90  
ASP   OXT  O N N 91  
ASP   H    H N N 92  
ASP   H2   H N N 93  
ASP   HA   H N N 94  
ASP   HB2  H N N 95  
ASP   HB3  H N N 96  
ASP   HD2  H N N 97  
ASP   HXT  H N N 98  
CYS   N    N N N 99  
CYS   CA   C N R 100 
CYS   C    C N N 101 
CYS   O    O N N 102 
CYS   CB   C N N 103 
CYS   SG   S N N 104 
CYS   OXT  O N N 105 
CYS   H    H N N 106 
CYS   H2   H N N 107 
CYS   HA   H N N 108 
CYS   HB2  H N N 109 
CYS   HB3  H N N 110 
CYS   HG   H N N 111 
CYS   HXT  H N N 112 
EDO   C1   C N N 113 
EDO   O1   O N N 114 
EDO   C2   C N N 115 
EDO   O2   O N N 116 
EDO   H11  H N N 117 
EDO   H12  H N N 118 
EDO   HO1  H N N 119 
EDO   H21  H N N 120 
EDO   H22  H N N 121 
EDO   HO2  H N N 122 
GLN   N    N N N 123 
GLN   CA   C N S 124 
GLN   C    C N N 125 
GLN   O    O N N 126 
GLN   CB   C N N 127 
GLN   CG   C N N 128 
GLN   CD   C N N 129 
GLN   OE1  O N N 130 
GLN   NE2  N N N 131 
GLN   OXT  O N N 132 
GLN   H    H N N 133 
GLN   H2   H N N 134 
GLN   HA   H N N 135 
GLN   HB2  H N N 136 
GLN   HB3  H N N 137 
GLN   HG2  H N N 138 
GLN   HG3  H N N 139 
GLN   HE21 H N N 140 
GLN   HE22 H N N 141 
GLN   HXT  H N N 142 
GLU   N    N N N 143 
GLU   CA   C N S 144 
GLU   C    C N N 145 
GLU   O    O N N 146 
GLU   CB   C N N 147 
GLU   CG   C N N 148 
GLU   CD   C N N 149 
GLU   OE1  O N N 150 
GLU   OE2  O N N 151 
GLU   OXT  O N N 152 
GLU   H    H N N 153 
GLU   H2   H N N 154 
GLU   HA   H N N 155 
GLU   HB2  H N N 156 
GLU   HB3  H N N 157 
GLU   HG2  H N N 158 
GLU   HG3  H N N 159 
GLU   HE2  H N N 160 
GLU   HXT  H N N 161 
GLY   N    N N N 162 
GLY   CA   C N N 163 
GLY   C    C N N 164 
GLY   O    O N N 165 
GLY   OXT  O N N 166 
GLY   H    H N N 167 
GLY   H2   H N N 168 
GLY   HA2  H N N 169 
GLY   HA3  H N N 170 
GLY   HXT  H N N 171 
HIS   N    N N N 172 
HIS   CA   C N S 173 
HIS   C    C N N 174 
HIS   O    O N N 175 
HIS   CB   C N N 176 
HIS   CG   C Y N 177 
HIS   ND1  N Y N 178 
HIS   CD2  C Y N 179 
HIS   CE1  C Y N 180 
HIS   NE2  N Y N 181 
HIS   OXT  O N N 182 
HIS   H    H N N 183 
HIS   H2   H N N 184 
HIS   HA   H N N 185 
HIS   HB2  H N N 186 
HIS   HB3  H N N 187 
HIS   HD1  H N N 188 
HIS   HD2  H N N 189 
HIS   HE1  H N N 190 
HIS   HE2  H N N 191 
HIS   HXT  H N N 192 
HOH   O    O N N 193 
HOH   H1   H N N 194 
HOH   H2   H N N 195 
ILE   N    N N N 196 
ILE   CA   C N S 197 
ILE   C    C N N 198 
ILE   O    O N N 199 
ILE   CB   C N S 200 
ILE   CG1  C N N 201 
ILE   CG2  C N N 202 
ILE   CD1  C N N 203 
ILE   OXT  O N N 204 
ILE   H    H N N 205 
ILE   H2   H N N 206 
ILE   HA   H N N 207 
ILE   HB   H N N 208 
ILE   HG12 H N N 209 
ILE   HG13 H N N 210 
ILE   HG21 H N N 211 
ILE   HG22 H N N 212 
ILE   HG23 H N N 213 
ILE   HD11 H N N 214 
ILE   HD12 H N N 215 
ILE   HD13 H N N 216 
ILE   HXT  H N N 217 
LEU   N    N N N 218 
LEU   CA   C N S 219 
LEU   C    C N N 220 
LEU   O    O N N 221 
LEU   CB   C N N 222 
LEU   CG   C N N 223 
LEU   CD1  C N N 224 
LEU   CD2  C N N 225 
LEU   OXT  O N N 226 
LEU   H    H N N 227 
LEU   H2   H N N 228 
LEU   HA   H N N 229 
LEU   HB2  H N N 230 
LEU   HB3  H N N 231 
LEU   HG   H N N 232 
LEU   HD11 H N N 233 
LEU   HD12 H N N 234 
LEU   HD13 H N N 235 
LEU   HD21 H N N 236 
LEU   HD22 H N N 237 
LEU   HD23 H N N 238 
LEU   HXT  H N N 239 
LYS   N    N N N 240 
LYS   CA   C N S 241 
LYS   C    C N N 242 
LYS   O    O N N 243 
LYS   CB   C N N 244 
LYS   CG   C N N 245 
LYS   CD   C N N 246 
LYS   CE   C N N 247 
LYS   NZ   N N N 248 
LYS   OXT  O N N 249 
LYS   H    H N N 250 
LYS   H2   H N N 251 
LYS   HA   H N N 252 
LYS   HB2  H N N 253 
LYS   HB3  H N N 254 
LYS   HG2  H N N 255 
LYS   HG3  H N N 256 
LYS   HD2  H N N 257 
LYS   HD3  H N N 258 
LYS   HE2  H N N 259 
LYS   HE3  H N N 260 
LYS   HZ1  H N N 261 
LYS   HZ2  H N N 262 
LYS   HZ3  H N N 263 
LYS   HXT  H N N 264 
MET   N    N N N 265 
MET   CA   C N S 266 
MET   C    C N N 267 
MET   O    O N N 268 
MET   CB   C N N 269 
MET   CG   C N N 270 
MET   SD   S N N 271 
MET   CE   C N N 272 
MET   OXT  O N N 273 
MET   H    H N N 274 
MET   H2   H N N 275 
MET   HA   H N N 276 
MET   HB2  H N N 277 
MET   HB3  H N N 278 
MET   HG2  H N N 279 
MET   HG3  H N N 280 
MET   HE1  H N N 281 
MET   HE2  H N N 282 
MET   HE3  H N N 283 
MET   HXT  H N N 284 
PHE   N    N N N 285 
PHE   CA   C N S 286 
PHE   C    C N N 287 
PHE   O    O N N 288 
PHE   CB   C N N 289 
PHE   CG   C Y N 290 
PHE   CD1  C Y N 291 
PHE   CD2  C Y N 292 
PHE   CE1  C Y N 293 
PHE   CE2  C Y N 294 
PHE   CZ   C Y N 295 
PHE   OXT  O N N 296 
PHE   H    H N N 297 
PHE   H2   H N N 298 
PHE   HA   H N N 299 
PHE   HB2  H N N 300 
PHE   HB3  H N N 301 
PHE   HD1  H N N 302 
PHE   HD2  H N N 303 
PHE   HE1  H N N 304 
PHE   HE2  H N N 305 
PHE   HZ   H N N 306 
PHE   HXT  H N N 307 
PRO   N    N N N 308 
PRO   CA   C N S 309 
PRO   C    C N N 310 
PRO   O    O N N 311 
PRO   CB   C N N 312 
PRO   CG   C N N 313 
PRO   CD   C N N 314 
PRO   OXT  O N N 315 
PRO   H    H N N 316 
PRO   HA   H N N 317 
PRO   HB2  H N N 318 
PRO   HB3  H N N 319 
PRO   HG2  H N N 320 
PRO   HG3  H N N 321 
PRO   HD2  H N N 322 
PRO   HD3  H N N 323 
PRO   HXT  H N N 324 
SER   N    N N N 325 
SER   CA   C N S 326 
SER   C    C N N 327 
SER   O    O N N 328 
SER   CB   C N N 329 
SER   OG   O N N 330 
SER   OXT  O N N 331 
SER   H    H N N 332 
SER   H2   H N N 333 
SER   HA   H N N 334 
SER   HB2  H N N 335 
SER   HB3  H N N 336 
SER   HG   H N N 337 
SER   HXT  H N N 338 
SO4   S    S N N 339 
SO4   O1   O N N 340 
SO4   O2   O N N 341 
SO4   O3   O N N 342 
SO4   O4   O N N 343 
THR   N    N N N 344 
THR   CA   C N S 345 
THR   C    C N N 346 
THR   O    O N N 347 
THR   CB   C N R 348 
THR   OG1  O N N 349 
THR   CG2  C N N 350 
THR   OXT  O N N 351 
THR   H    H N N 352 
THR   H2   H N N 353 
THR   HA   H N N 354 
THR   HB   H N N 355 
THR   HG1  H N N 356 
THR   HG21 H N N 357 
THR   HG22 H N N 358 
THR   HG23 H N N 359 
THR   HXT  H N N 360 
TRP   N    N N N 361 
TRP   CA   C N S 362 
TRP   C    C N N 363 
TRP   O    O N N 364 
TRP   CB   C N N 365 
TRP   CG   C Y N 366 
TRP   CD1  C Y N 367 
TRP   CD2  C Y N 368 
TRP   NE1  N Y N 369 
TRP   CE2  C Y N 370 
TRP   CE3  C Y N 371 
TRP   CZ2  C Y N 372 
TRP   CZ3  C Y N 373 
TRP   CH2  C Y N 374 
TRP   OXT  O N N 375 
TRP   H    H N N 376 
TRP   H2   H N N 377 
TRP   HA   H N N 378 
TRP   HB2  H N N 379 
TRP   HB3  H N N 380 
TRP   HD1  H N N 381 
TRP   HE1  H N N 382 
TRP   HE3  H N N 383 
TRP   HZ2  H N N 384 
TRP   HZ3  H N N 385 
TRP   HH2  H N N 386 
TRP   HXT  H N N 387 
TYR   N    N N N 388 
TYR   CA   C N S 389 
TYR   C    C N N 390 
TYR   O    O N N 391 
TYR   CB   C N N 392 
TYR   CG   C Y N 393 
TYR   CD1  C Y N 394 
TYR   CD2  C Y N 395 
TYR   CE1  C Y N 396 
TYR   CE2  C Y N 397 
TYR   CZ   C Y N 398 
TYR   OH   O N N 399 
TYR   OXT  O N N 400 
TYR   H    H N N 401 
TYR   H2   H N N 402 
TYR   HA   H N N 403 
TYR   HB2  H N N 404 
TYR   HB3  H N N 405 
TYR   HD1  H N N 406 
TYR   HD2  H N N 407 
TYR   HE1  H N N 408 
TYR   HE2  H N N 409 
TYR   HH   H N N 410 
TYR   HXT  H N N 411 
VAL   N    N N N 412 
VAL   CA   C N S 413 
VAL   C    C N N 414 
VAL   O    O N N 415 
VAL   CB   C N N 416 
VAL   CG1  C N N 417 
VAL   CG2  C N N 418 
VAL   OXT  O N N 419 
VAL   H    H N N 420 
VAL   H2   H N N 421 
VAL   HA   H N N 422 
VAL   HB   H N N 423 
VAL   HG11 H N N 424 
VAL   HG12 H N N 425 
VAL   HG13 H N N 426 
VAL   HG21 H N N 427 
VAL   HG22 H N N 428 
VAL   HG23 H N N 429 
VAL   HXT  H N N 430 
# 
loop_
_chem_comp_bond.comp_id 
_chem_comp_bond.atom_id_1 
_chem_comp_bond.atom_id_2 
_chem_comp_bond.value_order 
_chem_comp_bond.pdbx_aromatic_flag 
_chem_comp_bond.pdbx_stereo_config 
_chem_comp_bond.pdbx_ordinal 
A1BFA C1  C2   sing N N 1   
A1BFA C2  O1   doub N N 2   
A1BFA C2  N1   sing N N 3   
A1BFA N1  C3   sing N N 4   
A1BFA C3  C4   sing N N 5   
A1BFA C4  N2   sing N N 6   
A1BFA N2  C5   sing N N 7   
A1BFA C5  C6   sing N N 8   
A1BFA N2  C7   sing N N 9   
A1BFA C7  O2   doub N N 10  
A1BFA C7  N3   sing N N 11  
A1BFA N1  C6   sing N N 12  
A1BFA N3  H13  sing N N 13  
A1BFA N3  H12  sing N N 14  
A1BFA C4  H6   sing N N 15  
A1BFA C4  H7   sing N N 16  
A1BFA C5  H8   sing N N 17  
A1BFA C5  H9   sing N N 18  
A1BFA C6  H10  sing N N 19  
A1BFA C6  H11  sing N N 20  
A1BFA C1  H3   sing N N 21  
A1BFA C1  H1   sing N N 22  
A1BFA C1  H2   sing N N 23  
A1BFA C3  H4   sing N N 24  
A1BFA C3  H5   sing N N 25  
ALA   N   CA   sing N N 26  
ALA   N   H    sing N N 27  
ALA   N   H2   sing N N 28  
ALA   CA  C    sing N N 29  
ALA   CA  CB   sing N N 30  
ALA   CA  HA   sing N N 31  
ALA   C   O    doub N N 32  
ALA   C   OXT  sing N N 33  
ALA   CB  HB1  sing N N 34  
ALA   CB  HB2  sing N N 35  
ALA   CB  HB3  sing N N 36  
ALA   OXT HXT  sing N N 37  
ARG   N   CA   sing N N 38  
ARG   N   H    sing N N 39  
ARG   N   H2   sing N N 40  
ARG   CA  C    sing N N 41  
ARG   CA  CB   sing N N 42  
ARG   CA  HA   sing N N 43  
ARG   C   O    doub N N 44  
ARG   C   OXT  sing N N 45  
ARG   CB  CG   sing N N 46  
ARG   CB  HB2  sing N N 47  
ARG   CB  HB3  sing N N 48  
ARG   CG  CD   sing N N 49  
ARG   CG  HG2  sing N N 50  
ARG   CG  HG3  sing N N 51  
ARG   CD  NE   sing N N 52  
ARG   CD  HD2  sing N N 53  
ARG   CD  HD3  sing N N 54  
ARG   NE  CZ   sing N N 55  
ARG   NE  HE   sing N N 56  
ARG   CZ  NH1  sing N N 57  
ARG   CZ  NH2  doub N N 58  
ARG   NH1 HH11 sing N N 59  
ARG   NH1 HH12 sing N N 60  
ARG   NH2 HH21 sing N N 61  
ARG   NH2 HH22 sing N N 62  
ARG   OXT HXT  sing N N 63  
ASN   N   CA   sing N N 64  
ASN   N   H    sing N N 65  
ASN   N   H2   sing N N 66  
ASN   CA  C    sing N N 67  
ASN   CA  CB   sing N N 68  
ASN   CA  HA   sing N N 69  
ASN   C   O    doub N N 70  
ASN   C   OXT  sing N N 71  
ASN   CB  CG   sing N N 72  
ASN   CB  HB2  sing N N 73  
ASN   CB  HB3  sing N N 74  
ASN   CG  OD1  doub N N 75  
ASN   CG  ND2  sing N N 76  
ASN   ND2 HD21 sing N N 77  
ASN   ND2 HD22 sing N N 78  
ASN   OXT HXT  sing N N 79  
ASP   N   CA   sing N N 80  
ASP   N   H    sing N N 81  
ASP   N   H2   sing N N 82  
ASP   CA  C    sing N N 83  
ASP   CA  CB   sing N N 84  
ASP   CA  HA   sing N N 85  
ASP   C   O    doub N N 86  
ASP   C   OXT  sing N N 87  
ASP   CB  CG   sing N N 88  
ASP   CB  HB2  sing N N 89  
ASP   CB  HB3  sing N N 90  
ASP   CG  OD1  doub N N 91  
ASP   CG  OD2  sing N N 92  
ASP   OD2 HD2  sing N N 93  
ASP   OXT HXT  sing N N 94  
CYS   N   CA   sing N N 95  
CYS   N   H    sing N N 96  
CYS   N   H2   sing N N 97  
CYS   CA  C    sing N N 98  
CYS   CA  CB   sing N N 99  
CYS   CA  HA   sing N N 100 
CYS   C   O    doub N N 101 
CYS   C   OXT  sing N N 102 
CYS   CB  SG   sing N N 103 
CYS   CB  HB2  sing N N 104 
CYS   CB  HB3  sing N N 105 
CYS   SG  HG   sing N N 106 
CYS   OXT HXT  sing N N 107 
EDO   C1  O1   sing N N 108 
EDO   C1  C2   sing N N 109 
EDO   C1  H11  sing N N 110 
EDO   C1  H12  sing N N 111 
EDO   O1  HO1  sing N N 112 
EDO   C2  O2   sing N N 113 
EDO   C2  H21  sing N N 114 
EDO   C2  H22  sing N N 115 
EDO   O2  HO2  sing N N 116 
GLN   N   CA   sing N N 117 
GLN   N   H    sing N N 118 
GLN   N   H2   sing N N 119 
GLN   CA  C    sing N N 120 
GLN   CA  CB   sing N N 121 
GLN   CA  HA   sing N N 122 
GLN   C   O    doub N N 123 
GLN   C   OXT  sing N N 124 
GLN   CB  CG   sing N N 125 
GLN   CB  HB2  sing N N 126 
GLN   CB  HB3  sing N N 127 
GLN   CG  CD   sing N N 128 
GLN   CG  HG2  sing N N 129 
GLN   CG  HG3  sing N N 130 
GLN   CD  OE1  doub N N 131 
GLN   CD  NE2  sing N N 132 
GLN   NE2 HE21 sing N N 133 
GLN   NE2 HE22 sing N N 134 
GLN   OXT HXT  sing N N 135 
GLU   N   CA   sing N N 136 
GLU   N   H    sing N N 137 
GLU   N   H2   sing N N 138 
GLU   CA  C    sing N N 139 
GLU   CA  CB   sing N N 140 
GLU   CA  HA   sing N N 141 
GLU   C   O    doub N N 142 
GLU   C   OXT  sing N N 143 
GLU   CB  CG   sing N N 144 
GLU   CB  HB2  sing N N 145 
GLU   CB  HB3  sing N N 146 
GLU   CG  CD   sing N N 147 
GLU   CG  HG2  sing N N 148 
GLU   CG  HG3  sing N N 149 
GLU   CD  OE1  doub N N 150 
GLU   CD  OE2  sing N N 151 
GLU   OE2 HE2  sing N N 152 
GLU   OXT HXT  sing N N 153 
GLY   N   CA   sing N N 154 
GLY   N   H    sing N N 155 
GLY   N   H2   sing N N 156 
GLY   CA  C    sing N N 157 
GLY   CA  HA2  sing N N 158 
GLY   CA  HA3  sing N N 159 
GLY   C   O    doub N N 160 
GLY   C   OXT  sing N N 161 
GLY   OXT HXT  sing N N 162 
HIS   N   CA   sing N N 163 
HIS   N   H    sing N N 164 
HIS   N   H2   sing N N 165 
HIS   CA  C    sing N N 166 
HIS   CA  CB   sing N N 167 
HIS   CA  HA   sing N N 168 
HIS   C   O    doub N N 169 
HIS   C   OXT  sing N N 170 
HIS   CB  CG   sing N N 171 
HIS   CB  HB2  sing N N 172 
HIS   CB  HB3  sing N N 173 
HIS   CG  ND1  sing Y N 174 
HIS   CG  CD2  doub Y N 175 
HIS   ND1 CE1  doub Y N 176 
HIS   ND1 HD1  sing N N 177 
HIS   CD2 NE2  sing Y N 178 
HIS   CD2 HD2  sing N N 179 
HIS   CE1 NE2  sing Y N 180 
HIS   CE1 HE1  sing N N 181 
HIS   NE2 HE2  sing N N 182 
HIS   OXT HXT  sing N N 183 
HOH   O   H1   sing N N 184 
HOH   O   H2   sing N N 185 
ILE   N   CA   sing N N 186 
ILE   N   H    sing N N 187 
ILE   N   H2   sing N N 188 
ILE   CA  C    sing N N 189 
ILE   CA  CB   sing N N 190 
ILE   CA  HA   sing N N 191 
ILE   C   O    doub N N 192 
ILE   C   OXT  sing N N 193 
ILE   CB  CG1  sing N N 194 
ILE   CB  CG2  sing N N 195 
ILE   CB  HB   sing N N 196 
ILE   CG1 CD1  sing N N 197 
ILE   CG1 HG12 sing N N 198 
ILE   CG1 HG13 sing N N 199 
ILE   CG2 HG21 sing N N 200 
ILE   CG2 HG22 sing N N 201 
ILE   CG2 HG23 sing N N 202 
ILE   CD1 HD11 sing N N 203 
ILE   CD1 HD12 sing N N 204 
ILE   CD1 HD13 sing N N 205 
ILE   OXT HXT  sing N N 206 
LEU   N   CA   sing N N 207 
LEU   N   H    sing N N 208 
LEU   N   H2   sing N N 209 
LEU   CA  C    sing N N 210 
LEU   CA  CB   sing N N 211 
LEU   CA  HA   sing N N 212 
LEU   C   O    doub N N 213 
LEU   C   OXT  sing N N 214 
LEU   CB  CG   sing N N 215 
LEU   CB  HB2  sing N N 216 
LEU   CB  HB3  sing N N 217 
LEU   CG  CD1  sing N N 218 
LEU   CG  CD2  sing N N 219 
LEU   CG  HG   sing N N 220 
LEU   CD1 HD11 sing N N 221 
LEU   CD1 HD12 sing N N 222 
LEU   CD1 HD13 sing N N 223 
LEU   CD2 HD21 sing N N 224 
LEU   CD2 HD22 sing N N 225 
LEU   CD2 HD23 sing N N 226 
LEU   OXT HXT  sing N N 227 
LYS   N   CA   sing N N 228 
LYS   N   H    sing N N 229 
LYS   N   H2   sing N N 230 
LYS   CA  C    sing N N 231 
LYS   CA  CB   sing N N 232 
LYS   CA  HA   sing N N 233 
LYS   C   O    doub N N 234 
LYS   C   OXT  sing N N 235 
LYS   CB  CG   sing N N 236 
LYS   CB  HB2  sing N N 237 
LYS   CB  HB3  sing N N 238 
LYS   CG  CD   sing N N 239 
LYS   CG  HG2  sing N N 240 
LYS   CG  HG3  sing N N 241 
LYS   CD  CE   sing N N 242 
LYS   CD  HD2  sing N N 243 
LYS   CD  HD3  sing N N 244 
LYS   CE  NZ   sing N N 245 
LYS   CE  HE2  sing N N 246 
LYS   CE  HE3  sing N N 247 
LYS   NZ  HZ1  sing N N 248 
LYS   NZ  HZ2  sing N N 249 
LYS   NZ  HZ3  sing N N 250 
LYS   OXT HXT  sing N N 251 
MET   N   CA   sing N N 252 
MET   N   H    sing N N 253 
MET   N   H2   sing N N 254 
MET   CA  C    sing N N 255 
MET   CA  CB   sing N N 256 
MET   CA  HA   sing N N 257 
MET   C   O    doub N N 258 
MET   C   OXT  sing N N 259 
MET   CB  CG   sing N N 260 
MET   CB  HB2  sing N N 261 
MET   CB  HB3  sing N N 262 
MET   CG  SD   sing N N 263 
MET   CG  HG2  sing N N 264 
MET   CG  HG3  sing N N 265 
MET   SD  CE   sing N N 266 
MET   CE  HE1  sing N N 267 
MET   CE  HE2  sing N N 268 
MET   CE  HE3  sing N N 269 
MET   OXT HXT  sing N N 270 
PHE   N   CA   sing N N 271 
PHE   N   H    sing N N 272 
PHE   N   H2   sing N N 273 
PHE   CA  C    sing N N 274 
PHE   CA  CB   sing N N 275 
PHE   CA  HA   sing N N 276 
PHE   C   O    doub N N 277 
PHE   C   OXT  sing N N 278 
PHE   CB  CG   sing N N 279 
PHE   CB  HB2  sing N N 280 
PHE   CB  HB3  sing N N 281 
PHE   CG  CD1  doub Y N 282 
PHE   CG  CD2  sing Y N 283 
PHE   CD1 CE1  sing Y N 284 
PHE   CD1 HD1  sing N N 285 
PHE   CD2 CE2  doub Y N 286 
PHE   CD2 HD2  sing N N 287 
PHE   CE1 CZ   doub Y N 288 
PHE   CE1 HE1  sing N N 289 
PHE   CE2 CZ   sing Y N 290 
PHE   CE2 HE2  sing N N 291 
PHE   CZ  HZ   sing N N 292 
PHE   OXT HXT  sing N N 293 
PRO   N   CA   sing N N 294 
PRO   N   CD   sing N N 295 
PRO   N   H    sing N N 296 
PRO   CA  C    sing N N 297 
PRO   CA  CB   sing N N 298 
PRO   CA  HA   sing N N 299 
PRO   C   O    doub N N 300 
PRO   C   OXT  sing N N 301 
PRO   CB  CG   sing N N 302 
PRO   CB  HB2  sing N N 303 
PRO   CB  HB3  sing N N 304 
PRO   CG  CD   sing N N 305 
PRO   CG  HG2  sing N N 306 
PRO   CG  HG3  sing N N 307 
PRO   CD  HD2  sing N N 308 
PRO   CD  HD3  sing N N 309 
PRO   OXT HXT  sing N N 310 
SER   N   CA   sing N N 311 
SER   N   H    sing N N 312 
SER   N   H2   sing N N 313 
SER   CA  C    sing N N 314 
SER   CA  CB   sing N N 315 
SER   CA  HA   sing N N 316 
SER   C   O    doub N N 317 
SER   C   OXT  sing N N 318 
SER   CB  OG   sing N N 319 
SER   CB  HB2  sing N N 320 
SER   CB  HB3  sing N N 321 
SER   OG  HG   sing N N 322 
SER   OXT HXT  sing N N 323 
SO4   S   O1   doub N N 324 
SO4   S   O2   doub N N 325 
SO4   S   O3   sing N N 326 
SO4   S   O4   sing N N 327 
THR   N   CA   sing N N 328 
THR   N   H    sing N N 329 
THR   N   H2   sing N N 330 
THR   CA  C    sing N N 331 
THR   CA  CB   sing N N 332 
THR   CA  HA   sing N N 333 
THR   C   O    doub N N 334 
THR   C   OXT  sing N N 335 
THR   CB  OG1  sing N N 336 
THR   CB  CG2  sing N N 337 
THR   CB  HB   sing N N 338 
THR   OG1 HG1  sing N N 339 
THR   CG2 HG21 sing N N 340 
THR   CG2 HG22 sing N N 341 
THR   CG2 HG23 sing N N 342 
THR   OXT HXT  sing N N 343 
TRP   N   CA   sing N N 344 
TRP   N   H    sing N N 345 
TRP   N   H2   sing N N 346 
TRP   CA  C    sing N N 347 
TRP   CA  CB   sing N N 348 
TRP   CA  HA   sing N N 349 
TRP   C   O    doub N N 350 
TRP   C   OXT  sing N N 351 
TRP   CB  CG   sing N N 352 
TRP   CB  HB2  sing N N 353 
TRP   CB  HB3  sing N N 354 
TRP   CG  CD1  doub Y N 355 
TRP   CG  CD2  sing Y N 356 
TRP   CD1 NE1  sing Y N 357 
TRP   CD1 HD1  sing N N 358 
TRP   CD2 CE2  doub Y N 359 
TRP   CD2 CE3  sing Y N 360 
TRP   NE1 CE2  sing Y N 361 
TRP   NE1 HE1  sing N N 362 
TRP   CE2 CZ2  sing Y N 363 
TRP   CE3 CZ3  doub Y N 364 
TRP   CE3 HE3  sing N N 365 
TRP   CZ2 CH2  doub Y N 366 
TRP   CZ2 HZ2  sing N N 367 
TRP   CZ3 CH2  sing Y N 368 
TRP   CZ3 HZ3  sing N N 369 
TRP   CH2 HH2  sing N N 370 
TRP   OXT HXT  sing N N 371 
TYR   N   CA   sing N N 372 
TYR   N   H    sing N N 373 
TYR   N   H2   sing N N 374 
TYR   CA  C    sing N N 375 
TYR   CA  CB   sing N N 376 
TYR   CA  HA   sing N N 377 
TYR   C   O    doub N N 378 
TYR   C   OXT  sing N N 379 
TYR   CB  CG   sing N N 380 
TYR   CB  HB2  sing N N 381 
TYR   CB  HB3  sing N N 382 
TYR   CG  CD1  doub Y N 383 
TYR   CG  CD2  sing Y N 384 
TYR   CD1 CE1  sing Y N 385 
TYR   CD1 HD1  sing N N 386 
TYR   CD2 CE2  doub Y N 387 
TYR   CD2 HD2  sing N N 388 
TYR   CE1 CZ   doub Y N 389 
TYR   CE1 HE1  sing N N 390 
TYR   CE2 CZ   sing Y N 391 
TYR   CE2 HE2  sing N N 392 
TYR   CZ  OH   sing N N 393 
TYR   OH  HH   sing N N 394 
TYR   OXT HXT  sing N N 395 
VAL   N   CA   sing N N 396 
VAL   N   H    sing N N 397 
VAL   N   H2   sing N N 398 
VAL   CA  C    sing N N 399 
VAL   CA  CB   sing N N 400 
VAL   CA  HA   sing N N 401 
VAL   C   O    doub N N 402 
VAL   C   OXT  sing N N 403 
VAL   CB  CG1  sing N N 404 
VAL   CB  CG2  sing N N 405 
VAL   CB  HB   sing N N 406 
VAL   CG1 HG11 sing N N 407 
VAL   CG1 HG12 sing N N 408 
VAL   CG1 HG13 sing N N 409 
VAL   CG2 HG21 sing N N 410 
VAL   CG2 HG22 sing N N 411 
VAL   CG2 HG23 sing N N 412 
VAL   OXT HXT  sing N N 413 
# 
_pdbx_audit_support.ordinal                1 
_pdbx_audit_support.funding_organization   'European Union (EU)' 
_pdbx_audit_support.grant_number           875510 
_pdbx_audit_support.country                'European Union' 
# 
_pdbx_deposit_group.group_id            G_1002320 
_pdbx_deposit_group.group_description   
;PRYSPRY domain of murine TRIM21 screened against the DSI-poised Fragment Library by X-ray Crystallography at the XChem facility of Diamon Light Source
;
_pdbx_deposit_group.group_title         'PanDDA analysis group deposition' 
_pdbx_deposit_group.group_type          'changed state' 
# 
_pdbx_initial_refinement_model.id               1 
_pdbx_initial_refinement_model.entity_id_list   ? 
_pdbx_initial_refinement_model.type             'experimental model' 
_pdbx_initial_refinement_model.source_name      PDB 
_pdbx_initial_refinement_model.accession_code   2VOK 
_pdbx_initial_refinement_model.details          ? 
# 
_atom_sites.entry_id                    7HLO 
_atom_sites.fract_transf_matrix[1][1]   -0.00203339 
_atom_sites.fract_transf_matrix[1][2]   -0.00830212 
_atom_sites.fract_transf_matrix[1][3]   -0.00606733 
_atom_sites.fract_transf_matrix[2][1]   -0.00384169 
_atom_sites.fract_transf_matrix[2][2]   -0.00512363 
_atom_sites.fract_transf_matrix[2][3]   0.00829832 
_atom_sites.fract_transf_matrix[3][1]   -0.01987190 
_atom_sites.fract_transf_matrix[3][2]   0.00798659 
_atom_sites.fract_transf_matrix[3][3]   -0.00426851 
_atom_sites.fract_transf_vector[1]      -0.298534 
_atom_sites.fract_transf_vector[2]      -0.116921 
_atom_sites.fract_transf_vector[3]      -0.503603 
# 
loop_
_atom_type.symbol 
C 
N 
O 
S 
# 
loop_
_atom_site.group_PDB 
_atom_site.id 
_atom_site.type_symbol 
_atom_site.label_atom_id 
_atom_site.label_alt_id 
_atom_site.label_comp_id 
_atom_site.label_asym_id 
_atom_site.label_entity_id 
_atom_site.label_seq_id 
_atom_site.pdbx_PDB_ins_code 
_atom_site.Cartn_x 
_atom_site.Cartn_y 
_atom_site.Cartn_z 
_atom_site.occupancy 
_atom_site.B_iso_or_equiv 
_atom_site.pdbx_formal_charge 
_atom_site.auth_seq_id 
_atom_site.auth_comp_id 
_atom_site.auth_asym_id 
_atom_site.auth_atom_id 
_atom_site.pdbx_PDB_model_num 
ATOM   1    N N   . HIS   A 1 2   ? -14.461 -6.461  -12.277 1.00 44.17 ? 8   HIS   B N   1 
ATOM   2    C CA  . HIS   A 1 2   ? -13.193 -6.923  -12.960 1.00 39.84 ? 8   HIS   B CA  1 
ATOM   3    C C   . HIS   A 1 2   ? -13.098 -8.453  -12.907 1.00 37.58 ? 8   HIS   B C   1 
ATOM   4    O O   . HIS   A 1 2   ? -13.842 -9.088  -12.109 1.00 37.50 ? 8   HIS   B O   1 
ATOM   5    C CB  . HIS   A 1 2   ? -11.944 -6.255  -12.338 1.00 35.56 ? 8   HIS   B CB  1 
ATOM   6    C CG  . HIS   A 1 2   ? -11.629 -6.701  -10.948 1.00 32.01 ? 8   HIS   B CG  1 
ATOM   7    N ND1 . HIS   A 1 2   ? -10.946 -7.883  -10.682 1.00 30.94 ? 8   HIS   B ND1 1 
ATOM   8    C CD2 . HIS   A 1 2   ? -11.883 -6.137  -9.748  1.00 29.22 ? 8   HIS   B CD2 1 
ATOM   9    C CE1 . HIS   A 1 2   ? -10.814 -8.025  -9.375  1.00 29.82 ? 8   HIS   B CE1 1 
ATOM   10   N NE2 . HIS   A 1 2   ? -11.411 -6.982  -8.771  1.00 26.17 ? 8   HIS   B NE2 1 
ATOM   11   N N   . HIS   A 1 3   ? -12.167 -9.020  -13.672 1.00 34.81 ? 9   HIS   B N   1 
ATOM   12   C CA  . HIS   A 1 3   ? -11.949 -10.487 -13.786 1.00 34.65 ? 9   HIS   B CA  1 
ATOM   13   C C   . HIS   A 1 3   ? -10.494 -10.858 -13.450 1.00 30.39 ? 9   HIS   B C   1 
ATOM   14   O O   . HIS   A 1 3   ? -9.981  -11.832 -14.035 1.00 33.84 ? 9   HIS   B O   1 
ATOM   15   C CB  . HIS   A 1 3   ? -12.451 -10.931 -15.174 1.00 42.03 ? 9   HIS   B CB  1 
ATOM   16   C CG  . HIS   A 1 3   ? -13.906 -10.633 -15.355 1.00 50.60 ? 9   HIS   B CG  1 
ATOM   17   N ND1 . HIS   A 1 3   ? -14.897 -11.341 -14.682 1.00 52.66 ? 9   HIS   B ND1 1 
ATOM   18   C CD2 . HIS   A 1 3   ? -14.546 -9.679  -16.070 1.00 56.15 ? 9   HIS   B CD2 1 
ATOM   19   C CE1 . HIS   A 1 3   ? -16.081 -10.849 -14.993 1.00 55.25 ? 9   HIS   B CE1 1 
ATOM   20   N NE2 . HIS   A 1 3   ? -15.894 -9.834  -15.851 1.00 56.74 ? 9   HIS   B NE2 1 
ATOM   21   N N   . HIS   A 1 4   ? -9.867  -10.179 -12.470 1.00 25.80 ? 10  HIS   B N   1 
ATOM   22   C CA  . HIS   A 1 4   ? -8.421  -10.319 -12.131 1.00 21.69 ? 10  HIS   B CA  1 
ATOM   23   C C   . HIS   A 1 4   ? -8.233  -11.280 -10.955 1.00 22.69 ? 10  HIS   B C   1 
ATOM   24   O O   . HIS   A 1 4   ? -7.074  -11.604 -10.626 1.00 21.40 ? 10  HIS   B O   1 
ATOM   25   C CB  . HIS   A 1 4   ? -7.768  -8.969  -11.760 1.00 22.95 ? 10  HIS   B CB  1 
ATOM   26   C CG  . HIS   A 1 4   ? -7.805  -7.938  -12.824 1.00 24.34 ? 10  HIS   B CG  1 
ATOM   27   N ND1 . HIS   A 1 4   ? -7.396  -8.175  -14.130 1.00 23.27 ? 10  HIS   B ND1 1 
ATOM   28   C CD2 . HIS   A 1 4   ? -8.178  -6.641  -12.776 1.00 24.62 ? 10  HIS   B CD2 1 
ATOM   29   C CE1 . HIS   A 1 4   ? -7.522  -7.056  -14.825 1.00 26.58 ? 10  HIS   B CE1 1 
ATOM   30   N NE2 . HIS   A 1 4   ? -7.996  -6.118  -14.015 1.00 28.57 ? 10  HIS   B NE2 1 
ATOM   31   N N   . HIS   A 1 5   ? -9.316  -11.766 -10.345 1.00 24.55 ? 11  HIS   B N   1 
ATOM   32   C CA  . HIS   A 1 5   ? -9.263  -12.538 -9.078  1.00 25.21 ? 11  HIS   B CA  1 
ATOM   33   C C   . HIS   A 1 5   ? -8.374  -13.778 -9.201  1.00 23.51 ? 11  HIS   B C   1 
ATOM   34   O O   . HIS   A 1 5   ? -7.703  -14.095 -8.221  1.00 25.34 ? 11  HIS   B O   1 
ATOM   35   C CB  . HIS   A 1 5   ? -10.676 -12.913 -8.591  1.00 30.26 ? 11  HIS   B CB  1 
ATOM   36   C CG  . HIS   A 1 5   ? -11.567 -11.729 -8.443  1.00 34.44 ? 11  HIS   B CG  1 
ATOM   37   N ND1 . HIS   A 1 5   ? -12.344 -11.251 -9.495  1.00 39.29 ? 11  HIS   B ND1 1 
ATOM   38   C CD2 . HIS   A 1 5   ? -11.797 -10.906 -7.389  1.00 35.72 ? 11  HIS   B CD2 1 
ATOM   39   C CE1 . HIS   A 1 5   ? -13.026 -10.188 -9.092  1.00 38.69 ? 11  HIS   B CE1 1 
ATOM   40   N NE2 . HIS   A 1 5   ? -12.701 -9.948  -7.801  1.00 38.72 ? 11  HIS   B NE2 1 
ATOM   41   N N   . HIS   A 1 6   ? -8.299  -14.432 -10.369 1.00 22.69 ? 12  HIS   B N   1 
ATOM   42   C CA  . HIS   A 1 6   ? -7.509  -15.675 -10.567 1.00 23.83 ? 12  HIS   B CA  1 
ATOM   43   C C   . HIS   A 1 6   ? -5.996  -15.421 -10.493 1.00 22.26 ? 12  HIS   B C   1 
ATOM   44   O O   . HIS   A 1 6   ? -5.234  -16.388 -10.440 1.00 24.56 ? 12  HIS   B O   1 
ATOM   45   C CB  . HIS   A 1 6   ? -7.900  -16.360 -11.886 1.00 27.99 ? 12  HIS   B CB  1 
ATOM   46   C CG  . HIS   A 1 6   ? -7.757  -15.500 -13.087 1.00 26.76 ? 12  HIS   B CG  1 
ATOM   47   N ND1 . HIS   A 1 6   ? -6.802  -15.748 -14.071 1.00 33.48 ? 12  HIS   B ND1 1 
ATOM   48   C CD2 . HIS   A 1 6   ? -8.464  -14.433 -13.508 1.00 28.44 ? 12  HIS   B CD2 1 
ATOM   49   C CE1 . HIS   A 1 6   ? -6.927  -14.860 -15.030 1.00 26.76 ? 12  HIS   B CE1 1 
ATOM   50   N NE2 . HIS   A 1 6   ? -7.926  -14.034 -14.711 1.00 33.30 ? 12  HIS   B NE2 1 
ATOM   51   N N   . HIS   A 1 7   ? -5.530  -14.161 -10.536 1.00 19.28 ? 13  HIS   B N   1 
ATOM   52   C CA  . HIS   A 1 7   ? -4.099  -13.793 -10.334 1.00 16.75 ? 13  HIS   B CA  1 
ATOM   53   C C   . HIS   A 1 7   ? -3.803  -13.547 -8.858  1.00 14.83 ? 13  HIS   B C   1 
ATOM   54   O O   . HIS   A 1 7   ? -2.744  -12.995 -8.591  1.00 14.43 ? 13  HIS   B O   1 
ATOM   55   C CB  . HIS   A 1 7   ? -3.737  -12.573 -11.154 1.00 16.38 ? 13  HIS   B CB  1 
ATOM   56   C CG  . HIS   A 1 7   ? -3.951  -12.782 -12.625 1.00 17.20 ? 13  HIS   B CG  1 
ATOM   57   N ND1 . HIS   A 1 7   ? -3.261  -13.752 -13.335 1.00 18.20 ? 13  HIS   B ND1 1 
ATOM   58   C CD2 . HIS   A 1 7   ? -4.755  -12.132 -13.481 1.00 18.88 ? 13  HIS   B CD2 1 
ATOM   59   C CE1 . HIS   A 1 7   ? -3.682  -13.704 -14.583 1.00 18.93 ? 13  HIS   B CE1 1 
ATOM   60   N NE2 . HIS   A 1 7   ? -4.582  -12.738 -14.711 1.00 20.53 ? 13  HIS   B NE2 1 
ATOM   61   N N   . MET   A 1 8   ? -4.702  -13.906 -7.960  1.00 15.30 ? 14  MET   B N   1 
ATOM   62   C CA  . MET   A 1 8   ? -4.521  -13.701 -6.504  1.00 17.03 ? 14  MET   B CA  1 
ATOM   63   C C   . MET   A 1 8   ? -3.175  -14.254 -6.055  1.00 16.92 ? 14  MET   B C   1 
ATOM   64   O O   . MET   A 1 8   ? -2.782  -15.427 -6.399  1.00 19.76 ? 14  MET   B O   1 
ATOM   65   C CB  . MET   A 1 8   ? -5.625  -14.409 -5.715  1.00 20.61 ? 14  MET   B CB  1 
ATOM   66   C CG  . MET   A 1 8   ? -5.596  -14.169 -4.209  1.00 26.17 ? 14  MET   B CG  1 
ATOM   67   S SD  . MET   A 1 8   ? -6.115  -12.488 -3.686  1.00 37.53 ? 14  MET   B SD  1 
ATOM   68   C CE  . MET   A 1 8   ? -7.895  -12.636 -3.778  1.00 32.72 ? 14  MET   B CE  1 
ATOM   69   N N   . VAL   A 1 9   ? -2.464  -13.488 -5.250  1.00 14.95 ? 15  VAL   B N   1 
ATOM   70   C CA  . VAL   A 1 9   ? -1.189  -13.891 -4.610  1.00 16.07 ? 15  VAL   B CA  1 
ATOM   71   C C   . VAL   A 1 9   ? -1.360  -13.717 -3.091  1.00 16.21 ? 15  VAL   B C   1 
ATOM   72   O O   . VAL   A 1 9   ? -2.029  -12.767 -2.643  1.00 16.41 ? 15  VAL   B O   1 
ATOM   73   C CB  . VAL   A 1 9   ? 0.029   -13.124 -5.151  1.00 17.34 ? 15  VAL   B CB  1 
ATOM   74   C CG1 . VAL   A 1 9   ? 0.345   -13.539 -6.570  1.00 20.90 ? 15  VAL   B CG1 1 
ATOM   75   C CG2 . VAL   A 1 9   ? -0.135  -11.621 -5.097  1.00 18.31 ? 15  VAL   B CG2 1 
ATOM   76   N N   . HIS   A 1 10  ? -0.685  -14.555 -2.309  1.00 15.93 ? 16  HIS   B N   1 
ATOM   77   C CA  . HIS   A 1 10  ? -0.727  -14.513 -0.831  1.00 16.18 ? 16  HIS   B CA  1 
ATOM   78   C C   . HIS   A 1 10  ? 0.400   -13.605 -0.365  1.00 16.68 ? 16  HIS   B C   1 
ATOM   79   O O   . HIS   A 1 10  ? 1.567   -13.952 -0.477  1.00 20.13 ? 16  HIS   B O   1 
ATOM   80   C CB  . HIS   A 1 10  ? -0.589  -15.922 -0.258  1.00 17.25 ? 16  HIS   B CB  1 
ATOM   81   C CG  . HIS   A 1 10  ? -0.726  -15.994 1.227   1.00 21.61 ? 16  HIS   B CG  1 
ATOM   82   N ND1 . HIS   A 1 10  ? -1.947  -16.024 1.843   1.00 24.96 ? 16  HIS   B ND1 1 
ATOM   83   C CD2 . HIS   A 1 10  ? 0.211   -16.011 2.196   1.00 24.55 ? 16  HIS   B CD2 1 
ATOM   84   C CE1 . HIS   A 1 10  ? -1.766  -16.095 3.154   1.00 22.47 ? 16  HIS   B CE1 1 
ATOM   85   N NE2 . HIS   A 1 10  ? -0.443  -16.085 3.390   1.00 27.90 ? 16  HIS   B NE2 1 
ATOM   86   N N   . ILE   A 1 11  ? 0.045   -12.393 0.023   1.00 13.55 ? 17  ILE   B N   1 
ATOM   87   C CA  . ILE   A 1 11  ? 1.034   -11.395 0.485   1.00 13.56 ? 17  ILE   B CA  1 
ATOM   88   C C   . ILE   A 1 11  ? 1.242   -11.532 2.006   1.00 13.29 ? 17  ILE   B C   1 
ATOM   89   O O   . ILE   A 1 11  ? 0.271   -11.731 2.703   1.00 13.52 ? 17  ILE   B O   1 
ATOM   90   C CB  . ILE   A 1 11  ? 0.569   -9.974  0.097   1.00 13.09 ? 17  ILE   B CB  1 
ATOM   91   C CG1 . ILE   A 1 11  ? 0.414   -9.818  -1.425  1.00 14.65 ? 17  ILE   B CG1 1 
ATOM   92   C CG2 . ILE   A 1 11  ? 1.515   -8.934  0.671   1.00 13.34 ? 17  ILE   B CG2 1 
ATOM   93   C CD1 . ILE   A 1 11  ? 1.617   -10.237 -2.256  1.00 14.78 ? 17  ILE   B CD1 1 
ATOM   94   N N   . THR   A 1 12  ? 2.478   -11.387 2.434   1.00 12.84 ? 18  THR   B N   1 
ATOM   95   C CA  . THR   A 1 12  ? 2.807   -11.296 3.881   1.00 13.92 ? 18  THR   B CA  1 
ATOM   96   C C   . THR   A 1 12  ? 3.683   -10.071 4.075   1.00 14.26 ? 18  THR   B C   1 
ATOM   97   O O   . THR   A 1 12  ? 4.379   -9.620  3.138   1.00 15.21 ? 18  THR   B O   1 
ATOM   98   C CB  . THR   A 1 12  ? 3.480   -12.575 4.388   1.00 15.93 ? 18  THR   B CB  1 
ATOM   99   O OG1 . THR   A 1 12  ? 4.681   -12.799 3.673   1.00 18.07 ? 18  THR   B OG1 1 
ATOM   100  C CG2 . THR   A 1 12  ? 2.579   -13.796 4.339   1.00 18.06 ? 18  THR   B CG2 1 
ATOM   101  N N   . LEU   A 1 13  ? 3.626   -9.504  5.286   1.00 12.23 ? 19  LEU   B N   1 
ATOM   102  C CA  . LEU   A 1 13  ? 4.370   -8.257  5.574   1.00 12.51 ? 19  LEU   B CA  1 
ATOM   103  C C   . LEU   A 1 13  ? 5.786   -8.577  6.030   1.00 12.34 ? 19  LEU   B C   1 
ATOM   104  O O   . LEU   A 1 13  ? 5.984   -9.583  6.775   1.00 14.16 ? 19  LEU   B O   1 
ATOM   105  C CB  . LEU   A 1 13  ? 3.611   -7.507  6.652   1.00 12.70 ? 19  LEU   B CB  1 
ATOM   106  C CG  . LEU   A 1 13  ? 2.239   -7.064  6.186   1.00 12.28 ? 19  LEU   B CG  1 
ATOM   107  C CD1 . LEU   A 1 13  ? 1.430   -6.437  7.315   1.00 14.91 ? 19  LEU   B CD1 1 
ATOM   108  C CD2 . LEU   A 1 13  ? 2.333   -6.110  4.991   1.00 14.20 ? 19  LEU   B CD2 1 
ATOM   109  N N   . ASP   A 1 14  ? 6.741   -7.784  5.658   1.00 11.40 ? 20  ASP   B N   1 
ATOM   110  C CA  . ASP   A 1 14  ? 8.175   -7.923  6.022   1.00 12.04 ? 20  ASP   B CA  1 
ATOM   111  C C   . ASP   A 1 14  ? 8.480   -6.988  7.222   1.00 12.99 ? 20  ASP   B C   1 
ATOM   112  O O   . ASP   A 1 14  ? 8.673   -5.802  7.049   1.00 12.26 ? 20  ASP   B O   1 
ATOM   113  C CB  . ASP   A 1 14  ? 9.084   -7.626  4.828   1.00 12.63 ? 20  ASP   B CB  1 
ATOM   114  C CG  . ASP   A 1 14  ? 10.571  -7.771  5.069   1.00 16.29 ? 20  ASP   B CG  1 
ATOM   115  O OD1 . ASP   A 1 14  ? 10.941  -7.909  6.265   1.00 16.22 ? 20  ASP   B OD1 1 
ATOM   116  O OD2 . ASP   A 1 14  ? 11.400  -7.627  4.118   1.00 16.77 ? 20  ASP   B OD2 1 
ATOM   117  N N   A ARG   A 1 15  ? 8.510   -7.596  8.419   0.43 14.32 ? 21  ARG   B N   1 
ATOM   118  N N   B ARG   A 1 15  ? 8.523   -7.578  8.424   0.30 13.93 ? 21  ARG   B N   1 
ATOM   119  C CA  A ARG   A 1 15  ? 8.804   -6.941  9.732   0.43 15.68 ? 21  ARG   B CA  1 
ATOM   120  C CA  B ARG   A 1 15  ? 8.748   -6.859  9.712   0.30 14.78 ? 21  ARG   B CA  1 
ATOM   121  C C   A ARG   A 1 15  ? 10.033  -6.048  9.658   0.43 14.83 ? 21  ARG   B C   1 
ATOM   122  C C   B ARG   A 1 15  ? 10.037  -6.036  9.668   0.30 14.49 ? 21  ARG   B C   1 
ATOM   123  O O   A ARG   A 1 15  ? 10.054  -4.996  10.314  0.43 14.32 ? 21  ARG   B O   1 
ATOM   124  O O   B ARG   A 1 15  ? 10.085  -4.983  10.321  0.30 14.16 ? 21  ARG   B O   1 
ATOM   125  C CB  A ARG   A 1 15  ? 9.096   -8.000  10.813  0.43 17.84 ? 21  ARG   B CB  1 
ATOM   126  C CB  B ARG   A 1 15  ? 8.812   -7.849  10.890  0.30 16.44 ? 21  ARG   B CB  1 
ATOM   127  C CG  A ARG   A 1 15  ? 7.972   -9.000  11.021  0.43 21.30 ? 21  ARG   B CG  1 
ATOM   128  C CG  B ARG   A 1 15  ? 7.462   -8.378  11.343  0.30 18.01 ? 21  ARG   B CG  1 
ATOM   129  C CD  A ARG   A 1 15  ? 8.257   -9.964  12.168  0.43 22.07 ? 21  ARG   B CD  1 
ATOM   130  C CD  B ARG   A 1 15  ? 7.243   -9.843  10.997  0.30 19.79 ? 21  ARG   B CD  1 
ATOM   131  N NE  A ARG   A 1 15  ? 7.013   -10.616 12.530  0.43 22.94 ? 21  ARG   B NE  1 
ATOM   132  N NE  B ARG   A 1 15  ? 7.789   -10.814 11.953  0.30 21.36 ? 21  ARG   B NE  1 
ATOM   133  C CZ  A ARG   A 1 15  ? 6.057   -10.019 13.207  0.43 21.97 ? 21  ARG   B CZ  1 
ATOM   134  C CZ  B ARG   A 1 15  ? 8.915   -11.511 11.801  0.30 23.72 ? 21  ARG   B CZ  1 
ATOM   135  N NH1 A ARG   A 1 15  ? 6.250   -8.794  13.648  0.43 24.36 ? 21  ARG   B NH1 1 
ATOM   136  N NH1 B ARG   A 1 15  ? 9.690   -11.348 10.745  0.30 24.73 ? 21  ARG   B NH1 1 
ATOM   137  N NH2 A ARG   A 1 15  ? 4.934   -10.651 13.468  0.43 23.33 ? 21  ARG   B NH2 1 
ATOM   138  N NH2 B ARG   A 1 15  ? 9.289   -12.365 12.735  0.30 25.83 ? 21  ARG   B NH2 1 
ATOM   139  N N   . ASN   A 1 16  ? 11.065  -6.491  8.948   1.00 13.68 ? 22  ASN   B N   1 
ATOM   140  C CA  . ASN   A 1 16  ? 12.355  -5.786  8.914   1.00 15.34 ? 22  ASN   B CA  1 
ATOM   141  C C   . ASN   A 1 16  ? 12.250  -4.415  8.263   1.00 13.37 ? 22  ASN   B C   1 
ATOM   142  O O   . ASN   A 1 16  ? 13.091  -3.569  8.502   1.00 13.30 ? 22  ASN   B O   1 
ATOM   143  C CB  . ASN   A 1 16  ? 13.427  -6.698  8.310   1.00 19.18 ? 22  ASN   B CB  1 
ATOM   144  C CG  . ASN   A 1 16  ? 13.893  -7.746  9.306   1.00 25.68 ? 22  ASN   B CG  1 
ATOM   145  O OD1 . ASN   A 1 16  ? 13.755  -7.583  10.519  1.00 33.38 ? 22  ASN   B OD1 1 
ATOM   146  N ND2 . ASN   A 1 16  ? 14.394  -8.851  8.787   1.00 37.92 ? 22  ASN   B ND2 1 
ATOM   147  N N   . THR   A 1 17  ? 11.232  -4.203  7.393   1.00 11.57 ? 23  THR   B N   1 
ATOM   148  C CA  . THR   A 1 17  ? 11.030  -2.943  6.662   1.00 11.43 ? 23  THR   B CA  1 
ATOM   149  C C   . THR   A 1 17  ? 10.141  -1.986  7.453   1.00 10.40 ? 23  THR   B C   1 
ATOM   150  O O   . THR   A 1 17  ? 10.024  -0.813  7.056   1.00 11.02 ? 23  THR   B O   1 
ATOM   151  C CB  . THR   A 1 17  ? 10.439  -3.159  5.259   1.00 11.50 ? 23  THR   B CB  1 
ATOM   152  O OG1 . THR   A 1 17  ? 9.086   -3.609  5.359   1.00 11.62 ? 23  THR   B OG1 1 
ATOM   153  C CG2 . THR   A 1 17  ? 11.314  -4.071  4.415   1.00 12.54 ? 23  THR   B CG2 1 
ATOM   154  N N   . ALA   A 1 18  ? 9.491   -2.491  8.475   1.00 10.35 ? 24  ALA   B N   1 
ATOM   155  C CA  . ALA   A 1 18  ? 8.427   -1.710  9.164   1.00 10.66 ? 24  ALA   B CA  1 
ATOM   156  C C   . ALA   A 1 18  ? 9.015   -0.519  9.908   1.00 11.05 ? 24  ALA   B C   1 
ATOM   157  O O   . ALA   A 1 18  ? 10.040  -0.658  10.645  1.00 12.34 ? 24  ALA   B O   1 
ATOM   158  C CB  . ALA   A 1 18  ? 7.657   -2.572  10.110  1.00 11.66 ? 24  ALA   B CB  1 
ATOM   159  N N   . ASN   A 1 19  ? 8.348   0.599   9.900   1.00 10.94 ? 25  ASN   B N   1 
ATOM   160  C CA  . ASN   A 1 19  ? 8.597   1.648   10.908  1.00 10.61 ? 25  ASN   B CA  1 
ATOM   161  C C   . ASN   A 1 19  ? 8.536   0.992   12.298  1.00 10.16 ? 25  ASN   B C   1 
ATOM   162  O O   . ASN   A 1 19  ? 7.735   0.106   12.571  1.00 10.29 ? 25  ASN   B O   1 
ATOM   163  C CB  . ASN   A 1 19  ? 7.569   2.750   10.711  1.00 11.74 ? 25  ASN   B CB  1 
ATOM   164  C CG  . ASN   A 1 19  ? 7.661   3.828   11.752  1.00 13.08 ? 25  ASN   B CG  1 
ATOM   165  O OD1 . ASN   A 1 19  ? 7.122   3.719   12.844  1.00 13.64 ? 25  ASN   B OD1 1 
ATOM   166  N ND2 . ASN   A 1 19  ? 8.350   4.861   11.397  1.00 16.88 ? 25  ASN   B ND2 1 
ATOM   167  N N   . SER   A 1 20  ? 9.387   1.497   13.194  1.00 10.17 ? 26  SER   B N   1 
ATOM   168  C CA  . SER   A 1 20  ? 9.572   0.922   14.547  1.00 10.58 ? 26  SER   B CA  1 
ATOM   169  C C   . SER   A 1 20  ? 8.341   1.072   15.425  1.00 11.09 ? 26  SER   B C   1 
ATOM   170  O O   . SER   A 1 20  ? 8.360   0.409   16.488  1.00 11.91 ? 26  SER   B O   1 
ATOM   171  C CB  . SER   A 1 20  ? 10.763  1.584   15.229  1.00 12.29 ? 26  SER   B CB  1 
ATOM   172  O OG  . SER   A 1 20  ? 10.503  2.964   15.357  1.00 14.56 ? 26  SER   B OG  1 
ATOM   173  N N   . TRP   A 1 21  ? 7.311   1.820   15.080  1.00 9.75  ? 27  TRP   B N   1 
ATOM   174  C CA  . TRP   A 1 21  ? 6.080   1.912   15.885  1.00 10.40 ? 27  TRP   B CA  1 
ATOM   175  C C   . TRP   A 1 21  ? 5.001   0.926   15.424  1.00 10.57 ? 27  TRP   B C   1 
ATOM   176  O O   . TRP   A 1 21  ? 3.943   0.870   16.049  1.00 11.14 ? 27  TRP   B O   1 
ATOM   177  C CB  . TRP   A 1 21  ? 5.550   3.324   15.846  1.00 11.44 ? 27  TRP   B CB  1 
ATOM   178  C CG  . TRP   A 1 21  ? 6.354   4.289   16.681  1.00 11.76 ? 27  TRP   B CG  1 
ATOM   179  C CD1 . TRP   A 1 21  ? 7.708   4.432   16.733  1.00 11.32 ? 27  TRP   B CD1 1 
ATOM   180  C CD2 . TRP   A 1 21  ? 5.803   5.264   17.564  1.00 13.34 ? 27  TRP   B CD2 1 
ATOM   181  N NE1 . TRP   A 1 21  ? 8.025   5.443   17.620  1.00 13.56 ? 27  TRP   B NE1 1 
ATOM   182  C CE2 . TRP   A 1 21  ? 6.891   5.973   18.107  1.00 12.83 ? 27  TRP   B CE2 1 
ATOM   183  C CE3 . TRP   A 1 21  ? 4.505   5.596   17.953  1.00 15.04 ? 27  TRP   B CE3 1 
ATOM   184  C CZ2 . TRP   A 1 21  ? 6.711   7.020   19.035  1.00 15.51 ? 27  TRP   B CZ2 1 
ATOM   185  C CZ3 . TRP   A 1 21  ? 4.325   6.654   18.842  1.00 17.93 ? 27  TRP   B CZ3 1 
ATOM   186  C CH2 . TRP   A 1 21  ? 5.416   7.363   19.338  1.00 18.64 ? 27  TRP   B CH2 1 
ATOM   187  N N   . LEU   A 1 22  ? 5.245   0.197   14.311  1.00 10.42 ? 28  LEU   B N   1 
ATOM   188  C CA  . LEU   A 1 22  ? 4.192   -0.695  13.775  1.00 10.53 ? 28  LEU   B CA  1 
ATOM   189  C C   . LEU   A 1 22  ? 4.189   -2.024  14.532  1.00 10.80 ? 28  LEU   B C   1 
ATOM   190  O O   . LEU   A 1 22  ? 5.232   -2.541  14.930  1.00 11.73 ? 28  LEU   B O   1 
ATOM   191  C CB  . LEU   A 1 22  ? 4.424   -0.951  12.286  1.00 10.11 ? 28  LEU   B CB  1 
ATOM   192  C CG  . LEU   A 1 22  ? 4.303   0.288   11.413  1.00 11.01 ? 28  LEU   B CG  1 
ATOM   193  C CD1 . LEU   A 1 22  ? 4.474   -0.078  9.943   1.00 11.12 ? 28  LEU   B CD1 1 
ATOM   194  C CD2 . LEU   A 1 22  ? 3.009   1.013   11.598  1.00 11.99 ? 28  LEU   B CD2 1 
ATOM   195  N N   . ILE   A 1 23  ? 3.004   -2.576  14.623  1.00 10.74 ? 29  ILE   B N   1 
ATOM   196  C CA  . ILE   A 1 23  ? 2.734   -3.915  15.204  1.00 12.40 ? 29  ILE   B CA  1 
ATOM   197  C C   . ILE   A 1 23  ? 2.148   -4.791  14.099  1.00 12.21 ? 29  ILE   B C   1 
ATOM   198  O O   . ILE   A 1 23  ? 1.035   -4.522  13.611  1.00 12.18 ? 29  ILE   B O   1 
ATOM   199  C CB  . ILE   A 1 23  ? 1.788   -3.833  16.380  1.00 12.91 ? 29  ILE   B CB  1 
ATOM   200  C CG1 . ILE   A 1 23  ? 2.357   -2.958  17.527  1.00 13.41 ? 29  ILE   B CG1 1 
ATOM   201  C CG2 . ILE   A 1 23  ? 1.465   -5.243  16.914  1.00 15.35 ? 29  ILE   B CG2 1 
ATOM   202  C CD1 . ILE   A 1 23  ? 1.420   -2.708  18.608  1.00 14.75 ? 29  ILE   B CD1 1 
ATOM   203  N N   . ILE   A 1 24  ? 2.920   -5.777  13.702  1.00 14.22 ? 30  ILE   B N   1 
ATOM   204  C CA  . ILE   A 1 24  ? 2.517   -6.769  12.664  1.00 14.32 ? 30  ILE   B CA  1 
ATOM   205  C C   . ILE   A 1 24  ? 2.049   -8.041  13.333  1.00 15.77 ? 30  ILE   B C   1 
ATOM   206  O O   . ILE   A 1 24  ? 2.732   -8.554  14.295  1.00 16.34 ? 30  ILE   B O   1 
ATOM   207  C CB  . ILE   A 1 24  ? 3.669   -6.997  11.714  1.00 15.47 ? 30  ILE   B CB  1 
ATOM   208  C CG1 . ILE   A 1 24  ? 3.925   -5.732  10.917  1.00 18.71 ? 30  ILE   B CG1 1 
ATOM   209  C CG2 . ILE   A 1 24  ? 3.411   -8.168  10.754  1.00 15.84 ? 30  ILE   B CG2 1 
ATOM   210  C CD1 . ILE   A 1 24  ? 5.084   -5.779  10.138  1.00 20.30 ? 30  ILE   B CD1 1 
ATOM   211  N N   . SER   A 1 25  ? 0.923   -8.585  12.959  1.00 15.19 ? 31  SER   B N   1 
ATOM   212  C CA  . SER   A 1 25  ? 0.362   -9.793  13.583  1.00 15.63 ? 31  SER   B CA  1 
ATOM   213  C C   . SER   A 1 25  ? 1.277   -11.011 13.348  1.00 14.03 ? 31  SER   B C   1 
ATOM   214  O O   . SER   A 1 25  ? 2.103   -11.027 12.461  1.00 14.29 ? 31  SER   B O   1 
ATOM   215  C CB  . SER   A 1 25  ? -1.003  -9.999  13.069  1.00 15.92 ? 31  SER   B CB  1 
ATOM   216  O OG  . SER   A 1 25  ? -0.964  -10.202 11.647  1.00 15.80 ? 31  SER   B OG  1 
ATOM   217  N N   . LYS   A 1 26  ? 1.064   -12.047 14.182  1.00 17.48 ? 32  LYS   B N   1 
ATOM   218  C CA  . LYS   A 1 26  ? 1.842   -13.308 14.079  1.00 17.45 ? 32  LYS   B CA  1 
ATOM   219  C C   . LYS   A 1 26  ? 1.791   -13.871 12.655  1.00 15.52 ? 32  LYS   B C   1 
ATOM   220  O O   . LYS   A 1 26  ? 2.830   -14.351 12.202  1.00 18.06 ? 32  LYS   B O   1 
ATOM   221  C CB  . LYS   A 1 26  ? 1.284   -14.335 15.073  1.00 19.91 ? 32  LYS   B CB  1 
ATOM   222  C CG  . LYS   A 1 26  ? 2.022   -15.652 15.048  1.00 21.04 ? 32  LYS   B CG  1 
ATOM   223  C CD  . LYS   A 1 26  ? 1.871   -16.374 16.349  1.00 22.20 ? 32  LYS   B CD  1 
ATOM   224  C CE  . LYS   A 1 26  ? 0.414   -16.524 16.670  1.00 27.19 ? 32  LYS   B CE  1 
ATOM   225  N NZ  . LYS   A 1 26  ? 0.286   -17.227 17.946  1.00 28.99 ? 32  LYS   B NZ  1 
ATOM   226  N N   . ASP   A 1 27  ? 0.613   -13.870 12.037  1.00 16.41 ? 33  ASP   B N   1 
ATOM   227  C CA  . ASP   A 1 27  ? 0.466   -14.427 10.661  1.00 15.55 ? 33  ASP   B CA  1 
ATOM   228  C C   . ASP   A 1 27  ? 1.066   -13.486 9.595   1.00 13.98 ? 33  ASP   B C   1 
ATOM   229  O O   . ASP   A 1 27  ? 1.051   -13.886 8.409   1.00 14.89 ? 33  ASP   B O   1 
ATOM   230  C CB  . ASP   A 1 27  ? -0.975  -14.812 10.356  1.00 17.11 ? 33  ASP   B CB  1 
ATOM   231  C CG  . ASP   A 1 27  ? -1.981  -13.674 10.310  1.00 17.66 ? 33  ASP   B CG  1 
ATOM   232  O OD1 . ASP   A 1 27  ? -1.548  -12.479 10.444  1.00 17.83 ? 33  ASP   B OD1 1 
ATOM   233  O OD2 . ASP   A 1 27  ? -3.175  -13.985 10.087  1.00 20.83 ? 33  ASP   B OD2 1 
ATOM   234  N N   . ARG   A 1 28  ? 1.568   -12.308 9.938   1.00 12.97 ? 34  ARG   B N   1 
ATOM   235  C CA  . ARG   A 1 28  ? 2.152   -11.322 9.007   1.00 13.11 ? 34  ARG   B CA  1 
ATOM   236  C C   . ARG   A 1 28  ? 1.095   -10.881 7.982   1.00 11.00 ? 34  ARG   B C   1 
ATOM   237  O O   . ARG   A 1 28  ? 1.518   -10.384 6.903   1.00 12.43 ? 34  ARG   B O   1 
ATOM   238  C CB  . ARG   A 1 28  ? 3.444   -11.866 8.404   1.00 16.37 ? 34  ARG   B CB  1 
ATOM   239  C CG  . ARG   A 1 28  ? 4.500   -12.113 9.480   1.00 20.96 ? 34  ARG   B CG  1 
ATOM   240  C CD  . ARG   A 1 28  ? 5.849   -12.550 9.017   1.00 27.62 ? 34  ARG   B CD  1 
ATOM   241  N NE  . ARG   A 1 28  ? 5.792   -13.640 8.074   1.00 34.23 ? 34  ARG   B NE  1 
ATOM   242  C CZ  . ARG   A 1 28  ? 5.984   -13.563 6.740   1.00 45.59 ? 34  ARG   B CZ  1 
ATOM   243  N NH1 . ARG   A 1 28  ? 6.280   -12.418 6.114   1.00 40.96 ? 34  ARG   B NH1 1 
ATOM   244  N NH2 . ARG   A 1 28  ? 5.894   -14.676 6.026   1.00 52.08 ? 34  ARG   B NH2 1 
ATOM   245  N N   . ARG   A 1 29  ? -0.144  -10.860 8.335   1.00 10.55 ? 35  ARG   B N   1 
ATOM   246  C CA  . ARG   A 1 29  ? -1.236  -10.439 7.429   1.00 12.16 ? 35  ARG   B CA  1 
ATOM   247  C C   . ARG   A 1 29  ? -1.935  -9.161  7.877   1.00 12.05 ? 35  ARG   B C   1 
ATOM   248  O O   . ARG   A 1 29  ? -2.763  -8.617  7.107   1.00 13.35 ? 35  ARG   B O   1 
ATOM   249  C CB  . ARG   A 1 29  ? -2.285  -11.547 7.265   1.00 12.73 ? 35  ARG   B CB  1 
ATOM   250  C CG  . ARG   A 1 29  ? -1.722  -12.819 6.655   1.00 14.40 ? 35  ARG   B CG  1 
ATOM   251  C CD  . ARG   A 1 29  ? -1.646  -12.786 5.151   1.00 15.24 ? 35  ARG   B CD  1 
ATOM   252  N NE  . ARG   A 1 29  ? -2.984  -13.004 4.601   1.00 16.46 ? 35  ARG   B NE  1 
ATOM   253  C CZ  . ARG   A 1 29  ? -3.330  -12.900 3.310   1.00 15.86 ? 35  ARG   B CZ  1 
ATOM   254  N NH1 . ARG   A 1 29  ? -2.413  -12.594 2.437   1.00 15.70 ? 35  ARG   B NH1 1 
ATOM   255  N NH2 . ARG   A 1 29  ? -4.568  -13.124 2.939   1.00 17.87 ? 35  ARG   B NH2 1 
ATOM   256  N N   . GLN   A 1 30  ? -1.646  -8.643  9.072   1.00 11.40 ? 36  GLN   B N   1 
ATOM   257  C CA  . GLN   A 1 30  ? -2.251  -7.403  9.591   1.00 12.44 ? 36  GLN   B CA  1 
ATOM   258  C C   . GLN   A 1 30  ? -1.173  -6.497  10.147  1.00 11.35 ? 36  GLN   B C   1 
ATOM   259  O O   . GLN   A 1 30  ? -0.143  -6.971  10.669  1.00 12.06 ? 36  GLN   B O   1 
ATOM   260  C CB  . GLN   A 1 30  ? -3.257  -7.702  10.712  1.00 14.70 ? 36  GLN   B CB  1 
ATOM   261  C CG  . GLN   A 1 30  ? -4.254  -8.773  10.362  1.00 17.69 ? 36  GLN   B CG  1 
ATOM   262  C CD  . GLN   A 1 30  ? -5.355  -8.816  11.398  1.00 20.61 ? 36  GLN   B CD  1 
ATOM   263  O OE1 . GLN   A 1 30  ? -5.530  -7.894  12.208  1.00 23.38 ? 36  GLN   B OE1 1 
ATOM   264  N NE2 . GLN   A 1 30  ? -6.064  -9.923  11.427  1.00 24.70 ? 36  GLN   B NE2 1 
ATOM   265  N N   . VAL   A 1 31  ? -1.419  -5.194  10.097  1.00 10.64 ? 37  VAL   B N   1 
ATOM   266  C CA  . VAL   A 1 31  ? -0.471  -4.202  10.653  1.00 10.66 ? 37  VAL   B CA  1 
ATOM   267  C C   . VAL   A 1 31  ? -1.286  -3.042  11.208  1.00 11.07 ? 37  VAL   B C   1 
ATOM   268  O O   . VAL   A 1 31  ? -2.224  -2.579  10.576  1.00 10.44 ? 37  VAL   B O   1 
ATOM   269  C CB  . VAL   A 1 31  ? 0.576   -3.783  9.619   1.00 10.08 ? 37  VAL   B CB  1 
ATOM   270  C CG1 . VAL   A 1 31  ? -0.039  -3.205  8.340   1.00 10.41 ? 37  VAL   B CG1 1 
ATOM   271  C CG2 . VAL   A 1 31  ? 1.574   -2.807  10.217  1.00 11.16 ? 37  VAL   B CG2 1 
ATOM   272  N N   . ARG   A 1 32  ? -0.871  -2.524  12.350  1.00 10.72 ? 38  ARG   B N   1 
ATOM   273  C CA  . ARG   A 1 32  ? -1.455  -1.308  12.928  1.00 11.13 ? 38  ARG   B CA  1 
ATOM   274  C C   . ARG   A 1 32  ? -0.345  -0.471  13.592  1.00 11.18 ? 38  ARG   B C   1 
ATOM   275  O O   . ARG   A 1 32  ? 0.727   -0.949  13.896  1.00 10.78 ? 38  ARG   B O   1 
ATOM   276  C CB  . ARG   A 1 32  ? -2.544  -1.645  13.941  1.00 12.85 ? 38  ARG   B CB  1 
ATOM   277  C CG  . ARG   A 1 32  ? -2.006  -2.341  15.176  1.00 14.39 ? 38  ARG   B CG  1 
ATOM   278  C CD  . ARG   A 1 32  ? -3.195  -2.772  16.039  1.00 17.01 ? 38  ARG   B CD  1 
ATOM   279  N NE  . ARG   A 1 32  ? -2.726  -3.420  17.254  1.00 22.15 ? 38  ARG   B NE  1 
ATOM   280  C CZ  . ARG   A 1 32  ? -2.453  -2.808  18.391  1.00 19.16 ? 38  ARG   B CZ  1 
ATOM   281  N NH1 . ARG   A 1 32  ? -2.532  -1.504  18.520  1.00 21.13 ? 38  ARG   B NH1 1 
ATOM   282  N NH2 . ARG   A 1 32  ? -2.060  -3.565  19.421  1.00 24.10 ? 38  ARG   B NH2 1 
ATOM   283  N N   A MET   A 1 33  ? -0.718  0.786   13.798  0.29 10.60 ? 39  MET   B N   1 
ATOM   284  N N   B MET   A 1 33  ? -0.589  0.832   13.734  0.22 11.77 ? 39  MET   B N   1 
ATOM   285  C CA  A MET   A 1 33  ? 0.107   1.797   14.501  0.29 11.42 ? 39  MET   B CA  1 
ATOM   286  C CA  B MET   A 1 33  ? 0.411   1.719   14.394  0.22 12.67 ? 39  MET   B CA  1 
ATOM   287  C C   A MET   A 1 33  ? 0.067   1.512   16.008  0.29 11.18 ? 39  MET   B C   1 
ATOM   288  C C   B MET   A 1 33  ? 0.164   1.692   15.901  0.22 12.07 ? 39  MET   B C   1 
ATOM   289  O O   A MET   A 1 33  ? -1.021  1.404   16.579  0.29 12.63 ? 39  MET   B O   1 
ATOM   290  O O   B MET   A 1 33  ? -0.970  2.074   16.324  0.22 11.57 ? 39  MET   B O   1 
ATOM   291  C CB  A MET   A 1 33  ? -0.453  3.189   14.193  0.29 11.92 ? 39  MET   B CB  1 
ATOM   292  C CB  B MET   A 1 33  ? 0.391   3.178   13.917  0.22 15.00 ? 39  MET   B CB  1 
ATOM   293  C CG  A MET   A 1 33  ? 0.414   4.350   14.688  0.29 13.90 ? 39  MET   B CG  1 
ATOM   294  C CG  B MET   A 1 33  ? 1.435   4.080   14.658  0.22 16.53 ? 39  MET   B CG  1 
ATOM   295  S SD  A MET   A 1 33  ? 2.156   4.231   14.096  0.29 16.93 ? 39  MET   B SD  1 
ATOM   296  S SD  B MET   A 1 33  ? 1.638   5.655   13.792  0.22 18.81 ? 39  MET   B SD  1 
ATOM   297  C CE  A MET   A 1 33  ? 2.795   5.879   14.379  0.29 16.55 ? 39  MET   B CE  1 
ATOM   298  C CE  B MET   A 1 33  ? 3.010   6.326   14.732  0.22 19.38 ? 39  MET   B CE  1 
ATOM   299  N N   . GLY   A 1 34  ? 1.222   1.285   16.614  1.00 12.03 ? 40  GLY   B N   1 
ATOM   300  C CA  . GLY   A 1 34  ? 1.276   1.237   18.084  1.00 13.62 ? 40  GLY   B CA  1 
ATOM   301  C C   . GLY   A 1 34  ? 1.306   2.633   18.680  1.00 14.65 ? 40  GLY   B C   1 
ATOM   302  O O   . GLY   A 1 34  ? 1.367   3.641   17.972  1.00 15.39 ? 40  GLY   B O   1 
ATOM   303  N N   . ASP   A 1 35  ? 1.107   2.699   20.009  1.00 18.25 ? 41  ASP   B N   1 
ATOM   304  C CA  . ASP   A 1 35  ? 1.066   4.015   20.722  1.00 20.06 ? 41  ASP   B CA  1 
ATOM   305  C C   . ASP   A 1 35  ? 2.503   4.372   21.178  1.00 18.67 ? 41  ASP   B C   1 
ATOM   306  O O   . ASP   A 1 35  ? 2.675   5.464   21.771  1.00 19.25 ? 41  ASP   B O   1 
ATOM   307  C CB  . ASP   A 1 35  ? -0.025  4.037   21.824  1.00 25.28 ? 41  ASP   B CB  1 
ATOM   308  C CG  . ASP   A 1 35  ? -1.492  4.147   21.356  1.00 33.42 ? 41  ASP   B CG  1 
ATOM   309  O OD1 . ASP   A 1 35  ? -1.755  4.781   20.296  1.00 36.55 ? 41  ASP   B OD1 1 
ATOM   310  O OD2 . ASP   A 1 35  ? -2.396  3.658   22.081  1.00 34.73 ? 41  ASP   B OD2 1 
ATOM   311  N N   . THR   A 1 36  ? 3.517   3.599   20.833  1.00 15.06 ? 42  THR   B N   1 
ATOM   312  C CA  . THR   A 1 36  ? 4.937   3.834   21.229  1.00 15.26 ? 42  THR   B CA  1 
ATOM   313  C C   . THR   A 1 36  ? 5.906   3.062   20.329  1.00 12.91 ? 42  THR   B C   1 
ATOM   314  O O   . THR   A 1 36  ? 5.486   2.130   19.528  1.00 12.43 ? 42  THR   B O   1 
ATOM   315  C CB  . THR   A 1 36  ? 4.991   3.441   22.701  1.00 17.18 ? 42  THR   B CB  1 
ATOM   316  O OG1 . THR   A 1 36  ? 6.205   3.915   23.219  1.00 18.69 ? 42  THR   B OG1 1 
ATOM   317  C CG2 . THR   A 1 36  ? 4.856   1.947   22.919  1.00 18.63 ? 42  THR   B CG2 1 
ATOM   318  N N   . HIS   A 1 37  ? 7.206   3.268   20.471  1.00 12.88 ? 43  HIS   B N   1 
ATOM   319  C CA  . HIS   A 1 37  ? 8.248   2.441   19.826  1.00 11.98 ? 43  HIS   B CA  1 
ATOM   320  C C   . HIS   A 1 37  ? 8.073   0.986   20.237  1.00 12.37 ? 43  HIS   B C   1 
ATOM   321  O O   . HIS   A 1 37  ? 7.920   0.704   21.463  1.00 12.65 ? 43  HIS   B O   1 
ATOM   322  C CB  . HIS   A 1 37  ? 9.618   3.023   20.195  1.00 11.63 ? 43  HIS   B CB  1 
ATOM   323  C CG  . HIS   A 1 37  ? 10.796  2.430   19.557  1.00 11.51 ? 43  HIS   B CG  1 
ATOM   324  N ND1 . HIS   A 1 37  ? 11.241  1.132   19.783  1.00 11.86 ? 43  HIS   B ND1 1 
ATOM   325  C CD2 . HIS   A 1 37  ? 11.709  2.998   18.715  1.00 11.70 ? 43  HIS   B CD2 1 
ATOM   326  C CE1 . HIS   A 1 37  ? 12.365  0.939   19.119  1.00 11.91 ? 43  HIS   B CE1 1 
ATOM   327  N NE2 . HIS   A 1 37  ? 12.688  2.093   18.406  1.00 12.24 ? 43  HIS   B NE2 1 
ATOM   328  N N   . GLN   A 1 38  ? 8.158   0.045   19.304  1.00 11.63 ? 44  GLN   B N   1 
ATOM   329  C CA  . GLN   A 1 38  ? 7.836   -1.370  19.567  1.00 11.17 ? 44  GLN   B CA  1 
ATOM   330  C C   . GLN   A 1 38  ? 9.081   -2.180  19.958  1.00 12.54 ? 44  GLN   B C   1 
ATOM   331  O O   . GLN   A 1 38  ? 9.020   -3.428  19.915  1.00 13.59 ? 44  GLN   B O   1 
ATOM   332  C CB  . GLN   A 1 38  ? 7.080   -1.954  18.356  1.00 11.15 ? 44  GLN   B CB  1 
ATOM   333  C CG  . GLN   A 1 38  ? 5.724   -1.329  18.190  1.00 11.97 ? 44  GLN   B CG  1 
ATOM   334  C CD  . GLN   A 1 38  ? 4.860   -1.409  19.417  1.00 12.52 ? 44  GLN   B CD  1 
ATOM   335  O OE1 . GLN   A 1 38  ? 4.267   -0.428  19.906  1.00 15.70 ? 44  GLN   B OE1 1 
ATOM   336  N NE2 . GLN   A 1 38  ? 4.752   -2.596  19.973  1.00 11.73 ? 44  GLN   B NE2 1 
ATOM   337  N N   . ASN   A 1 39  ? 10.171  -1.534  20.347  1.00 12.03 ? 45  ASN   B N   1 
ATOM   338  C CA  . ASN   A 1 39  ? 11.309  -2.218  21.025  1.00 11.68 ? 45  ASN   B CA  1 
ATOM   339  C C   . ASN   A 1 39  ? 12.066  -3.108  20.074  1.00 12.40 ? 45  ASN   B C   1 
ATOM   340  O O   . ASN   A 1 39  ? 12.663  -4.098  20.489  1.00 14.27 ? 45  ASN   B O   1 
ATOM   341  C CB  . ASN   A 1 39  ? 10.875  -3.003  22.278  1.00 12.08 ? 45  ASN   B CB  1 
ATOM   342  C CG  . ASN   A 1 39  ? 12.026  -3.140  23.260  1.00 11.76 ? 45  ASN   B CG  1 
ATOM   343  O OD1 . ASN   A 1 39  ? 12.934  -2.308  23.348  1.00 11.61 ? 45  ASN   B OD1 1 
ATOM   344  N ND2 . ASN   A 1 39  ? 12.020  -4.249  24.003  1.00 12.00 ? 45  ASN   B ND2 1 
ATOM   345  N N   . VAL   A 1 40  ? 12.187  -2.687  18.823  1.00 14.36 ? 46  VAL   B N   1 
ATOM   346  C CA  . VAL   A 1 40  ? 13.006  -3.331  17.762  1.00 15.33 ? 46  VAL   B CA  1 
ATOM   347  C C   . VAL   A 1 40  ? 14.300  -2.532  17.550  1.00 14.49 ? 46  VAL   B C   1 
ATOM   348  O O   . VAL   A 1 40  ? 14.302  -1.339  17.750  1.00 14.49 ? 46  VAL   B O   1 
ATOM   349  C CB  . VAL   A 1 40  ? 12.219  -3.452  16.439  1.00 16.11 ? 46  VAL   B CB  1 
ATOM   350  C CG1 . VAL   A 1 40  ? 11.060  -4.424  16.568  1.00 19.07 ? 46  VAL   B CG1 1 
ATOM   351  C CG2 . VAL   A 1 40  ? 11.725  -2.115  15.914  1.00 16.78 ? 46  VAL   B CG2 1 
ATOM   352  N N   . SER   A 1 41  ? 15.371  -3.168  17.087  1.00 15.92 ? 47  SER   B N   1 
ATOM   353  C CA  . SER   A 1 41  ? 16.600  -2.467  16.680  1.00 16.77 ? 47  SER   B CA  1 
ATOM   354  C C   . SER   A 1 41  ? 16.373  -1.702  15.382  1.00 14.88 ? 47  SER   B C   1 
ATOM   355  O O   . SER   A 1 41  ? 15.515  -2.104  14.540  1.00 15.00 ? 47  SER   B O   1 
ATOM   356  C CB  . SER   A 1 41  ? 17.767  -3.435  16.540  1.00 18.79 ? 47  SER   B CB  1 
ATOM   357  O OG  . SER   A 1 41  ? 17.482  -4.429  15.574  1.00 21.30 ? 47  SER   B OG  1 
ATOM   358  N N   . ASP   A 1 42  ? 17.125  -0.659  15.129  1.00 15.62 ? 48  ASP   B N   1 
ATOM   359  C CA  . ASP   A 1 42  ? 17.073  0.086   13.857  1.00 15.71 ? 48  ASP   B CA  1 
ATOM   360  C C   . ASP   A 1 42  ? 17.859  -0.682  12.798  1.00 16.91 ? 48  ASP   B C   1 
ATOM   361  O O   . ASP   A 1 42  ? 18.779  -1.480  13.130  1.00 16.91 ? 48  ASP   B O   1 
ATOM   362  C CB  . ASP   A 1 42  ? 17.562  1.515   14.036  1.00 17.26 ? 48  ASP   B CB  1 
ATOM   363  C CG  . ASP   A 1 42  ? 17.224  2.371   12.835  1.00 21.52 ? 48  ASP   B CG  1 
ATOM   364  O OD1 . ASP   A 1 42  ? 16.126  2.172   12.193  1.00 17.48 ? 48  ASP   B OD1 1 
ATOM   365  O OD2 . ASP   A 1 42  ? 18.150  3.101   12.426  1.00 28.89 ? 48  ASP   B OD2 1 
ATOM   366  N N   . ASN   A 1 43  ? 17.527  -0.435  11.526  1.00 15.24 ? 49  ASN   B N   1 
ATOM   367  C CA  . ASN   A 1 43  ? 18.263  -1.033  10.390  1.00 16.46 ? 49  ASN   B CA  1 
ATOM   368  C C   . ASN   A 1 43  ? 17.989  -0.174  9.168   1.00 16.90 ? 49  ASN   B C   1 
ATOM   369  O O   . ASN   A 1 43  ? 17.137  0.741   9.223   1.00 17.58 ? 49  ASN   B O   1 
ATOM   370  C CB  . ASN   A 1 43  ? 17.901  -2.487  10.199  1.00 16.26 ? 49  ASN   B CB  1 
ATOM   371  C CG  . ASN   A 1 43  ? 16.493  -2.680  9.666   1.00 16.15 ? 49  ASN   B CG  1 
ATOM   372  O OD1 . ASN   A 1 43  ? 16.113  -2.050  8.665   1.00 18.37 ? 49  ASN   B OD1 1 
ATOM   373  N ND2 . ASN   A 1 43  ? 15.698  -3.496  10.266  1.00 15.58 ? 49  ASN   B ND2 1 
ATOM   374  N N   . LYS   A 1 44  ? 18.759  -0.371  8.124   1.00 17.31 ? 50  LYS   B N   1 
ATOM   375  C CA  . LYS   A 1 44  ? 18.729  0.526   6.951   1.00 18.05 ? 50  LYS   B CA  1 
ATOM   376  C C   . LYS   A 1 44  ? 17.440  0.311   6.134   1.00 15.82 ? 50  LYS   B C   1 
ATOM   377  O O   . LYS   A 1 44  ? 17.132  1.203   5.345   1.00 17.50 ? 50  LYS   B O   1 
ATOM   378  C CB  . LYS   A 1 44  ? 19.939  0.264   6.045   1.00 22.03 ? 50  LYS   B CB  1 
ATOM   379  C CG  . LYS   A 1 44  ? 19.950  -1.111  5.423   1.00 26.39 ? 50  LYS   B CG  1 
ATOM   380  C CD  . LYS   A 1 44  ? 21.277  -1.493  4.809   1.00 35.08 ? 50  LYS   B CD  1 
ATOM   381  C CE  . LYS   A 1 44  ? 21.153  -2.756  3.988   1.00 39.36 ? 50  LYS   B CE  1 
ATOM   382  N NZ  . LYS   A 1 44  ? 22.285  -2.864  3.039   1.00 46.52 ? 50  LYS   B NZ  1 
ATOM   383  N N   . GLU   A 1 45  ? 16.743  -0.780  6.336   1.00 14.98 ? 51  GLU   B N   1 
ATOM   384  C CA  . GLU   A 1 45  ? 15.485  -1.064  5.575   1.00 15.01 ? 51  GLU   B CA  1 
ATOM   385  C C   . GLU   A 1 45  ? 14.272  -0.324  6.168   1.00 14.36 ? 51  GLU   B C   1 
ATOM   386  O O   . GLU   A 1 45  ? 13.271  -0.115  5.416   1.00 15.32 ? 51  GLU   B O   1 
ATOM   387  C CB  . GLU   A 1 45  ? 15.174  -2.545  5.573   1.00 17.33 ? 51  GLU   B CB  1 
ATOM   388  C CG  . GLU   A 1 45  ? 16.246  -3.455  4.971   1.00 21.19 ? 51  GLU   B CG  1 
ATOM   389  C CD  . GLU   A 1 45  ? 15.811  -4.909  5.111   1.00 28.61 ? 51  GLU   B CD  1 
ATOM   390  O OE1 . GLU   A 1 45  ? 16.426  -5.649  5.919   1.00 35.86 ? 51  GLU   B OE1 1 
ATOM   391  O OE2 . GLU   A 1 45  ? 14.817  -5.312  4.479   1.00 32.87 ? 51  GLU   B OE2 1 
ATOM   392  N N   . ARG   A 1 46  ? 14.260  0.036   7.456   1.00 13.23 ? 52  ARG   B N   1 
ATOM   393  C CA  . ARG   A 1 46  ? 13.015  0.565   8.075   1.00 12.39 ? 52  ARG   B CA  1 
ATOM   394  C C   . ARG   A 1 46  ? 12.660  1.930   7.561   1.00 12.47 ? 52  ARG   B C   1 
ATOM   395  O O   . ARG   A 1 46  ? 13.480  2.852   7.469   1.00 12.91 ? 52  ARG   B O   1 
ATOM   396  C CB  . ARG   A 1 46  ? 13.181  0.695   9.588   1.00 11.92 ? 52  ARG   B CB  1 
ATOM   397  C CG  . ARG   A 1 46  ? 13.397  -0.611  10.306  1.00 13.25 ? 52  ARG   B CG  1 
ATOM   398  C CD  . ARG   A 1 46  ? 13.063  -0.485  11.822  1.00 12.49 ? 52  ARG   B CD  1 
ATOM   399  N NE  . ARG   A 1 46  ? 13.396  -1.706  12.509  1.00 14.09 ? 52  ARG   B NE  1 
ATOM   400  C CZ  . ARG   A 1 46  ? 12.729  -2.849  12.403  1.00 13.48 ? 52  ARG   B CZ  1 
ATOM   401  N NH1 . ARG   A 1 46  ? 11.541  -2.902  11.807  1.00 12.49 ? 52  ARG   B NH1 1 
ATOM   402  N NH2 . ARG   A 1 46  ? 13.194  -3.968  12.960  1.00 15.75 ? 52  ARG   B NH2 1 
ATOM   403  N N   . PHE   A 1 47  ? 11.397  2.136   7.214   1.00 11.16 ? 53  PHE   B N   1 
ATOM   404  C CA  . PHE   A 1 47  ? 10.900  3.491   6.939   1.00 11.30 ? 53  PHE   B CA  1 
ATOM   405  C C   . PHE   A 1 47  ? 10.954  4.313   8.236   1.00 12.87 ? 53  PHE   B C   1 
ATOM   406  O O   . PHE   A 1 47  ? 10.337  3.939   9.226   1.00 13.26 ? 53  PHE   B O   1 
ATOM   407  C CB  . PHE   A 1 47  ? 9.476   3.465   6.406   1.00 10.35 ? 53  PHE   B CB  1 
ATOM   408  C CG  . PHE   A 1 47  ? 9.397   2.954   4.989   1.00 10.42 ? 53  PHE   B CG  1 
ATOM   409  C CD1 . PHE   A 1 47  ? 9.698   3.807   3.935   1.00 10.71 ? 53  PHE   B CD1 1 
ATOM   410  C CD2 . PHE   A 1 47  ? 9.014   1.651   4.693   1.00 10.85 ? 53  PHE   B CD2 1 
ATOM   411  C CE1 . PHE   A 1 47  ? 9.653   3.362   2.615   1.00 11.36 ? 53  PHE   B CE1 1 
ATOM   412  C CE2 . PHE   A 1 47  ? 8.949   1.207   3.358   1.00 11.01 ? 53  PHE   B CE2 1 
ATOM   413  C CZ  . PHE   A 1 47  ? 9.256   2.084   2.335   1.00 10.47 ? 53  PHE   B CZ  1 
ATOM   414  N N   . SER   A 1 48  ? 11.681  5.410   8.248   1.00 13.15 ? 54  SER   B N   1 
ATOM   415  C CA  . SER   A 1 48  ? 11.942  6.186   9.499   1.00 14.00 ? 54  SER   B CA  1 
ATOM   416  C C   . SER   A 1 48  ? 10.868  7.230   9.749   1.00 14.19 ? 54  SER   B C   1 
ATOM   417  O O   . SER   A 1 48  ? 10.543  7.469   10.961  1.00 17.02 ? 54  SER   B O   1 
ATOM   418  C CB  . SER   A 1 48  ? 13.330  6.811   9.438   1.00 15.19 ? 54  SER   B CB  1 
ATOM   419  O OG  . SER   A 1 48  ? 13.439  7.755   8.396   1.00 15.20 ? 54  SER   B OG  1 
ATOM   420  N N   . ASN   A 1 49  ? 10.322  7.905   8.764   1.00 13.06 ? 55  ASN   B N   1 
ATOM   421  C CA  . ASN   A 1 49  ? 9.529   9.135   8.974   1.00 14.41 ? 55  ASN   B CA  1 
ATOM   422  C C   . ASN   A 1 49  ? 8.026   8.888   8.954   1.00 13.09 ? 55  ASN   B C   1 
ATOM   423  O O   . ASN   A 1 49  ? 7.260   9.783   9.350   1.00 15.14 ? 55  ASN   B O   1 
ATOM   424  C CB  . ASN   A 1 49  ? 9.841   10.203  7.934   1.00 16.50 ? 55  ASN   B CB  1 
ATOM   425  C CG  . ASN   A 1 49  ? 11.199  10.877  8.110   1.00 18.97 ? 55  ASN   B CG  1 
ATOM   426  O OD1 . ASN   A 1 49  ? 12.217  10.232  8.388   1.00 22.19 ? 55  ASN   B OD1 1 
ATOM   427  N ND2 . ASN   A 1 49  ? 11.182  12.194  7.974   1.00 24.47 ? 55  ASN   B ND2 1 
ATOM   428  N N   . TYR   A 1 50  ? 7.580   7.742   8.429   1.00 11.59 ? 56  TYR   B N   1 
ATOM   429  C CA  . TYR   A 1 50  ? 6.139   7.483   8.200   1.00 11.09 ? 56  TYR   B CA  1 
ATOM   430  C C   . TYR   A 1 50  ? 5.811   6.056   8.617   1.00 9.92  ? 56  TYR   B C   1 
ATOM   431  O O   . TYR   A 1 50  ? 6.684   5.186   8.621   1.00 10.81 ? 56  TYR   B O   1 
ATOM   432  C CB  . TYR   A 1 50  ? 5.810   7.644   6.717   1.00 11.49 ? 56  TYR   B CB  1 
ATOM   433  C CG  . TYR   A 1 50  ? 6.352   8.887   6.061   1.00 12.45 ? 56  TYR   B CG  1 
ATOM   434  C CD1 . TYR   A 1 50  ? 5.738   10.108  6.292   1.00 14.87 ? 56  TYR   B CD1 1 
ATOM   435  C CD2 . TYR   A 1 50  ? 7.443   8.883   5.204   1.00 13.65 ? 56  TYR   B CD2 1 
ATOM   436  C CE1 . TYR   A 1 50  ? 6.193   11.278  5.685   1.00 15.92 ? 56  TYR   B CE1 1 
ATOM   437  C CE2 . TYR   A 1 50  ? 7.953   10.046  4.653   1.00 13.32 ? 56  TYR   B CE2 1 
ATOM   438  C CZ  . TYR   A 1 50  ? 7.312   11.247  4.878   1.00 14.55 ? 56  TYR   B CZ  1 
ATOM   439  O OH  . TYR   A 1 50  ? 7.800   12.364  4.248   1.00 15.99 ? 56  TYR   B OH  1 
ATOM   440  N N   . PRO   A 1 51  ? 4.532   5.751   8.930   1.00 10.11 ? 57  PRO   B N   1 
ATOM   441  C CA  . PRO   A 1 51  ? 4.138   4.426   9.405   1.00 10.28 ? 57  PRO   B CA  1 
ATOM   442  C C   . PRO   A 1 51  ? 3.952   3.377   8.276   1.00 8.99  ? 57  PRO   B C   1 
ATOM   443  O O   . PRO   A 1 51  ? 2.891   2.815   8.099   1.00 9.56  ? 57  PRO   B O   1 
ATOM   444  C CB  . PRO   A 1 51  ? 2.818   4.670   10.197  1.00 11.70 ? 57  PRO   B CB  1 
ATOM   445  C CG  . PRO   A 1 51  ? 2.676   6.167   10.271  1.00 13.33 ? 57  PRO   B CG  1 
ATOM   446  C CD  . PRO   A 1 51  ? 3.440   6.714   9.107   1.00 11.18 ? 57  PRO   B CD  1 
ATOM   447  N N   . MET   A 1 52  ? 5.054   3.142   7.547   1.00 9.04  ? 58  MET   B N   1 
ATOM   448  C CA  . MET   A 1 52  ? 5.084   2.362   6.301   1.00 8.18  ? 58  MET   B CA  1 
ATOM   449  C C   . MET   A 1 52  ? 5.749   1.027   6.541   1.00 8.56  ? 58  MET   B C   1 
ATOM   450  O O   . MET   A 1 52  ? 6.615   0.819   7.429   1.00 9.51  ? 58  MET   B O   1 
ATOM   451  C CB  . MET   A 1 52  ? 5.822   3.134   5.226   1.00 8.70  ? 58  MET   B CB  1 
ATOM   452  C CG  . MET   A 1 52  ? 5.085   4.356   4.752   1.00 9.07  ? 58  MET   B CG  1 
ATOM   453  S SD  . MET   A 1 52  ? 6.189   5.417   3.772   1.00 10.59 ? 58  MET   B SD  1 
ATOM   454  C CE  . MET   A 1 52  ? 5.132   6.786   3.326   1.00 11.56 ? 58  MET   B CE  1 
ATOM   455  N N   . VAL   A 1 53  ? 5.382   0.056   5.702   1.00 8.82  ? 59  VAL   B N   1 
ATOM   456  C CA  . VAL   A 1 53  ? 5.932   -1.317  5.690   1.00 9.12  ? 59  VAL   B CA  1 
ATOM   457  C C   . VAL   A 1 53  ? 5.777   -1.883  4.274   1.00 9.30  ? 59  VAL   B C   1 
ATOM   458  O O   . VAL   A 1 53  ? 4.810   -1.504  3.563   1.00 9.85  ? 59  VAL   B O   1 
ATOM   459  C CB  . VAL   A 1 53  ? 5.281   -2.204  6.768   1.00 9.83  ? 59  VAL   B CB  1 
ATOM   460  C CG1 . VAL   A 1 53  ? 3.784   -2.359  6.575   1.00 10.23 ? 59  VAL   B CG1 1 
ATOM   461  C CG2 . VAL   A 1 53  ? 5.963   -3.569  6.904   1.00 10.04 ? 59  VAL   B CG2 1 
ATOM   462  N N   . LEU   A 1 54  ? 6.653   -2.802  3.886   1.00 9.03  ? 60  LEU   B N   1 
ATOM   463  C CA  . LEU   A 1 54  ? 6.569   -3.496  2.582   1.00 9.32  ? 60  LEU   B CA  1 
ATOM   464  C C   . LEU   A 1 54  ? 6.090   -4.910  2.750   1.00 10.00 ? 60  LEU   B C   1 
ATOM   465  O O   . LEU   A 1 54  ? 6.363   -5.604  3.810   1.00 11.07 ? 60  LEU   B O   1 
ATOM   466  C CB  . LEU   A 1 54  ? 7.918   -3.525  1.875   1.00 10.18 ? 60  LEU   B CB  1 
ATOM   467  C CG  . LEU   A 1 54  ? 8.526   -2.164  1.664   1.00 10.10 ? 60  LEU   B CG  1 
ATOM   468  C CD1 . LEU   A 1 54  ? 9.823   -2.222  0.858   1.00 12.45 ? 60  LEU   B CD1 1 
ATOM   469  C CD2 . LEU   A 1 54  ? 7.581   -1.194  0.989   1.00 10.45 ? 60  LEU   B CD2 1 
ATOM   470  N N   . GLY   A 1 55  ? 5.451   -5.448  1.714   1.00 10.00 ? 61  GLY   B N   1 
ATOM   471  C CA  . GLY   A 1 55  ? 5.303   -6.923  1.596   1.00 10.34 ? 61  GLY   B CA  1 
ATOM   472  C C   . GLY   A 1 55  ? 6.648   -7.616  1.378   1.00 10.26 ? 61  GLY   B C   1 
ATOM   473  O O   . GLY   A 1 55  ? 7.558   -7.030  0.839   1.00 11.04 ? 61  GLY   B O   1 
ATOM   474  N N   . ALA   A 1 56  ? 6.737   -8.881  1.783   1.00 11.53 ? 62  ALA   B N   1 
ATOM   475  C CA  . ALA   A 1 56  ? 7.963   -9.693  1.603   1.00 12.71 ? 62  ALA   B CA  1 
ATOM   476  C C   . ALA   A 1 56  ? 8.160   -10.080 0.136   1.00 13.52 ? 62  ALA   B C   1 
ATOM   477  O O   . ALA   A 1 56  ? 9.310   -10.223 -0.304  1.00 16.82 ? 62  ALA   B O   1 
ATOM   478  C CB  . ALA   A 1 56  ? 7.873   -10.898 2.478   1.00 14.40 ? 62  ALA   B CB  1 
ATOM   479  N N   . GLN   A 1 57  ? 7.072   -10.228 -0.583  1.00 12.86 ? 63  GLN   B N   1 
ATOM   480  C CA  . GLN   A 1 57  ? 7.124   -10.739 -1.979  1.00 13.46 ? 63  GLN   B CA  1 
ATOM   481  C C   . GLN   A 1 57  ? 7.737   -9.679  -2.896  1.00 13.99 ? 63  GLN   B C   1 
ATOM   482  O O   . GLN   A 1 57  ? 7.503   -8.448  -2.752  1.00 14.28 ? 63  GLN   B O   1 
ATOM   483  C CB  . GLN   A 1 57  ? 5.712   -11.125 -2.424  1.00 15.42 ? 63  GLN   B CB  1 
ATOM   484  C CG  . GLN   A 1 57  ? 5.156   -12.353 -1.730  1.00 16.94 ? 63  GLN   B CG  1 
ATOM   485  C CD  . GLN   A 1 57  ? 4.812   -12.137 -0.267  1.00 16.89 ? 63  GLN   B CD  1 
ATOM   486  O OE1 . GLN   A 1 57  ? 4.301   -11.082 0.083   1.00 16.32 ? 63  GLN   B OE1 1 
ATOM   487  N NE2 . GLN   A 1 57  ? 5.003   -13.135 0.577   1.00 19.22 ? 63  GLN   B NE2 1 
ATOM   488  N N   . ARG   A 1 58  ? 8.547   -10.118 -3.857  1.00 14.36 ? 64  ARG   B N   1 
ATOM   489  C CA  . ARG   A 1 58  ? 9.108   -9.288  -4.932  1.00 13.95 ? 64  ARG   B CA  1 
ATOM   490  C C   . ARG   A 1 58  ? 8.592   -9.784  -6.274  1.00 13.01 ? 64  ARG   B C   1 
ATOM   491  O O   . ARG   A 1 58  ? 8.532   -11.011 -6.480  1.00 16.31 ? 64  ARG   B O   1 
ATOM   492  C CB  . ARG   A 1 58  ? 10.643  -9.380  -5.003  1.00 18.01 ? 64  ARG   B CB  1 
ATOM   493  C CG  . ARG   A 1 58  ? 11.421  -8.613  -3.932  1.00 25.85 ? 64  ARG   B CG  1 
ATOM   494  C CD  . ARG   A 1 58  ? 10.913  -8.952  -2.551  1.00 29.05 ? 64  ARG   B CD  1 
ATOM   495  N NE  . ARG   A 1 58  ? 11.666  -8.928  -1.287  1.00 32.69 ? 64  ARG   B NE  1 
ATOM   496  C CZ  . ARG   A 1 58  ? 12.897  -8.478  -1.081  1.00 31.63 ? 64  ARG   B CZ  1 
ATOM   497  N NH1 . ARG   A 1 58  ? 13.411  -8.544  0.138   1.00 37.63 ? 64  ARG   B NH1 1 
ATOM   498  N NH2 . ARG   A 1 58  ? 13.620  -7.987  -2.061  1.00 32.94 ? 64  ARG   B NH2 1 
ATOM   499  N N   . PHE   A 1 59  ? 8.143   -8.881  -7.109  1.00 11.45 ? 65  PHE   B N   1 
ATOM   500  C CA  . PHE   A 1 59  ? 7.583   -9.234  -8.439  1.00 12.40 ? 65  PHE   B CA  1 
ATOM   501  C C   . PHE   A 1 59  ? 8.383   -8.544  -9.531  1.00 11.41 ? 65  PHE   B C   1 
ATOM   502  O O   . PHE   A 1 59  ? 8.615   -7.345  -9.508  1.00 11.74 ? 65  PHE   B O   1 
ATOM   503  C CB  . PHE   A 1 59  ? 6.120   -8.756  -8.519  1.00 13.93 ? 65  PHE   B CB  1 
ATOM   504  C CG  . PHE   A 1 59  ? 5.236   -9.315  -7.412  1.00 15.84 ? 65  PHE   B CG  1 
ATOM   505  C CD1 . PHE   A 1 59  ? 5.180   -10.691 -7.258  1.00 18.31 ? 65  PHE   B CD1 1 
ATOM   506  C CD2 . PHE   A 1 59  ? 4.541   -8.534  -6.517  1.00 22.48 ? 65  PHE   B CD2 1 
ATOM   507  C CE1 . PHE   A 1 59  ? 4.409   -11.294 -6.274  1.00 21.39 ? 65  PHE   B CE1 1 
ATOM   508  C CE2 . PHE   A 1 59  ? 3.736   -9.139  -5.537  1.00 18.45 ? 65  PHE   B CE2 1 
ATOM   509  C CZ  . PHE   A 1 59  ? 3.738   -10.499 -5.394  1.00 19.98 ? 65  PHE   B CZ  1 
ATOM   510  N N   A SER   A 1 60  ? 8.809   -9.329  -10.530 0.25 11.92 ? 66  SER   B N   1 
ATOM   511  N N   B SER   A 1 60  ? 8.797   -9.322  -10.541 0.25 11.93 ? 66  SER   B N   1 
ATOM   512  C CA  A SER   A 1 60  ? 9.618   -8.839  -11.677 0.25 12.49 ? 66  SER   B CA  1 
ATOM   513  C CA  B SER   A 1 60  ? 9.560   -8.827  -11.718 0.25 12.48 ? 66  SER   B CA  1 
ATOM   514  C C   A SER   A 1 60  ? 8.992   -9.231  -13.026 0.25 12.25 ? 66  SER   B C   1 
ATOM   515  C C   B SER   A 1 60  ? 8.966   -9.342  -13.024 0.25 12.65 ? 66  SER   B C   1 
ATOM   516  O O   A SER   A 1 60  ? 9.526   -8.789  -14.068 0.25 11.76 ? 66  SER   B O   1 
ATOM   517  O O   B SER   A 1 60  ? 9.664   -9.301  -14.039 0.25 11.65 ? 66  SER   B O   1 
ATOM   518  C CB  A SER   A 1 60  ? 11.070  -9.277  -11.534 0.25 13.05 ? 66  SER   B CB  1 
ATOM   519  C CB  B SER   A 1 60  ? 10.989  -9.246  -11.641 0.25 12.81 ? 66  SER   B CB  1 
ATOM   520  O OG  A SER   A 1 60  ? 11.747  -8.461  -10.554 0.25 14.32 ? 66  SER   B OG  1 
ATOM   521  O OG  B SER   A 1 60  ? 11.049  -10.647 -11.534 0.25 13.68 ? 66  SER   B OG  1 
ATOM   522  N N   A SER   A 1 61  ? 7.861   -9.944  -13.002 0.25 11.58 ? 67  SER   B N   1 
ATOM   523  N N   B SER   A 1 61  ? 7.744   -9.847  -12.984 0.25 12.84 ? 67  SER   B N   1 
ATOM   524  C CA  A SER   A 1 61  ? 7.107   -10.390 -14.206 0.25 11.98 ? 67  SER   B CA  1 
ATOM   525  C CA  B SER   A 1 61  ? 7.083   -10.431 -14.169 0.25 13.98 ? 67  SER   B CA  1 
ATOM   526  C C   A SER   A 1 61  ? 5.654   -10.682 -13.820 0.25 12.67 ? 67  SER   B C   1 
ATOM   527  C C   B SER   A 1 61  ? 5.658   -10.822 -13.800 0.25 13.74 ? 67  SER   B C   1 
ATOM   528  O O   A SER   A 1 61  ? 5.357   -10.677 -12.629 0.25 13.01 ? 67  SER   B O   1 
ATOM   529  O O   B SER   A 1 61  ? 5.401   -11.071 -12.603 0.25 13.55 ? 67  SER   B O   1 
ATOM   530  C CB  A SER   A 1 61  ? 7.743   -11.636 -14.820 0.25 12.15 ? 67  SER   B CB  1 
ATOM   531  C CB  B SER   A 1 61  ? 7.851   -11.646 -14.653 0.25 15.39 ? 67  SER   B CB  1 
ATOM   532  O OG  A SER   A 1 61  ? 7.627   -12.758 -13.957 0.25 12.57 ? 67  SER   B OG  1 
ATOM   533  O OG  B SER   A 1 61  ? 7.356   -12.075 -15.908 0.25 18.99 ? 67  SER   B OG  1 
ATOM   534  N N   . GLY   A 1 62  ? 4.796   -10.952 -14.805 1.00 14.09 ? 68  GLY   B N   1 
ATOM   535  C CA  . GLY   A 1 62  ? 3.489   -11.559 -14.555 1.00 15.04 ? 68  GLY   B CA  1 
ATOM   536  C C   . GLY   A 1 62  ? 2.413   -10.577 -14.111 1.00 12.04 ? 68  GLY   B C   1 
ATOM   537  O O   . GLY   A 1 62  ? 2.596   -9.360  -14.131 1.00 13.83 ? 68  GLY   B O   1 
ATOM   538  N N   . LYS   A 1 63  ? 1.312   -11.194 -13.755 1.00 12.07 ? 69  LYS   B N   1 
ATOM   539  C CA  . LYS   A 1 63  ? 0.105   -10.508 -13.277 1.00 12.46 ? 69  LYS   B CA  1 
ATOM   540  C C   . LYS   A 1 63  ? -0.114  -10.945 -11.839 1.00 12.13 ? 69  LYS   B C   1 
ATOM   541  O O   . LYS   A 1 63  ? -0.121  -12.142 -11.557 1.00 13.86 ? 69  LYS   B O   1 
ATOM   542  C CB  . LYS   A 1 63  ? -1.069  -10.840 -14.190 1.00 13.93 ? 69  LYS   B CB  1 
ATOM   543  C CG  . LYS   A 1 63  ? -0.925  -10.331 -15.621 1.00 14.36 ? 69  LYS   B CG  1 
ATOM   544  C CD  . LYS   A 1 63  ? -2.060  -10.820 -16.554 1.00 17.17 ? 69  LYS   B CD  1 
ATOM   545  C CE  . LYS   A 1 63  ? -1.996  -10.241 -17.950 1.00 19.50 ? 69  LYS   B CE  1 
ATOM   546  N NZ  . LYS   A 1 63  ? -3.152  -10.705 -18.767 1.00 22.60 ? 69  LYS   B NZ  1 
ATOM   547  N N   . MET   A 1 64  ? -0.414  -9.988  -10.966 1.00 11.29 ? 70  MET   B N   1 
ATOM   548  C CA  . MET   A 1 64  ? -0.587  -10.212 -9.515  1.00 11.30 ? 70  MET   B CA  1 
ATOM   549  C C   . MET   A 1 64  ? -1.809  -9.441  -9.031  1.00 11.10 ? 70  MET   B C   1 
ATOM   550  O O   . MET   A 1 64  ? -2.053  -8.327  -9.511  1.00 11.91 ? 70  MET   B O   1 
ATOM   551  C CB  . MET   A 1 64  ? 0.603   -9.687  -8.727  1.00 11.25 ? 70  MET   B CB  1 
ATOM   552  C CG  . MET   A 1 64  ? 1.891   -10.470 -8.852  1.00 12.35 ? 70  MET   B CG  1 
ATOM   553  S SD  . MET   A 1 64  ? 2.787   -10.496 -10.413 1.00 14.29 ? 70  MET   B SD  1 
ATOM   554  C CE  . MET   A 1 64  ? 3.078   -8.783  -10.757 1.00 14.69 ? 70  MET   B CE  1 
ATOM   555  N N   . TYR   A 1 65  ? -2.558  -9.995  -8.100  1.00 11.04 ? 71  TYR   B N   1 
ATOM   556  C CA  . TYR   A 1 65  ? -3.765  -9.351  -7.522  1.00 10.97 ? 71  TYR   B CA  1 
ATOM   557  C C   . TYR   A 1 65  ? -3.786  -9.640  -6.037  1.00 11.46 ? 71  TYR   B C   1 
ATOM   558  O O   . TYR   A 1 65  ? -3.560  -10.812 -5.612  1.00 12.14 ? 71  TYR   B O   1 
ATOM   559  C CB  . TYR   A 1 65  ? -5.037  -9.879  -8.201  1.00 12.12 ? 71  TYR   B CB  1 
ATOM   560  C CG  . TYR   A 1 65  ? -6.317  -9.283  -7.672  1.00 11.69 ? 71  TYR   B CG  1 
ATOM   561  C CD1 . TYR   A 1 65  ? -6.703  -7.999  -8.010  1.00 12.11 ? 71  TYR   B CD1 1 
ATOM   562  C CD2 . TYR   A 1 65  ? -7.128  -9.991  -6.780  1.00 12.17 ? 71  TYR   B CD2 1 
ATOM   563  C CE1 . TYR   A 1 65  ? -7.863  -7.420  -7.496  1.00 12.52 ? 71  TYR   B CE1 1 
ATOM   564  C CE2 . TYR   A 1 65  ? -8.279  -9.420  -6.252  1.00 11.81 ? 71  TYR   B CE2 1 
ATOM   565  C CZ  . TYR   A 1 65  ? -8.653  -8.156  -6.616  1.00 12.26 ? 71  TYR   B CZ  1 
ATOM   566  O OH  . TYR   A 1 65  ? -9.780  -7.597  -6.084  1.00 14.07 ? 71  TYR   B OH  1 
ATOM   567  N N   . TRP   A 1 66  ? -4.112  -8.640  -5.227  1.00 10.10 ? 72  TRP   B N   1 
ATOM   568  C CA  . TRP   A 1 66  ? -4.388  -8.867  -3.782  1.00 10.56 ? 72  TRP   B CA  1 
ATOM   569  C C   . TRP   A 1 66  ? -5.425  -7.843  -3.315  1.00 10.51 ? 72  TRP   B C   1 
ATOM   570  O O   . TRP   A 1 66  ? -5.685  -6.846  -3.993  1.00 10.97 ? 72  TRP   B O   1 
ATOM   571  C CB  . TRP   A 1 66  ? -3.082  -8.883  -2.944  1.00 10.57 ? 72  TRP   B CB  1 
ATOM   572  C CG  . TRP   A 1 66  ? -2.299  -7.618  -2.928  1.00 10.01 ? 72  TRP   B CG  1 
ATOM   573  C CD1 . TRP   A 1 66  ? -2.331  -6.642  -1.960  1.00 10.17 ? 72  TRP   B CD1 1 
ATOM   574  C CD2 . TRP   A 1 66  ? -1.305  -7.182  -3.856  1.00 10.75 ? 72  TRP   B CD2 1 
ATOM   575  N NE1 . TRP   A 1 66  ? -1.446  -5.642  -2.247  1.00 10.51 ? 72  TRP   B NE1 1 
ATOM   576  C CE2 . TRP   A 1 66  ? -0.809  -5.939  -3.421  1.00 10.82 ? 72  TRP   B CE2 1 
ATOM   577  C CE3 . TRP   A 1 66  ? -0.819  -7.718  -5.056  1.00 12.26 ? 72  TRP   B CE3 1 
ATOM   578  C CZ2 . TRP   A 1 66  ? 0.173   -5.240  -4.096  1.00 11.48 ? 72  TRP   B CZ2 1 
ATOM   579  C CZ3 . TRP   A 1 66  ? 0.166   -7.038  -5.737  1.00 14.84 ? 72  TRP   B CZ3 1 
ATOM   580  C CH2 . TRP   A 1 66  ? 0.643   -5.811  -5.276  1.00 13.50 ? 72  TRP   B CH2 1 
ATOM   581  N N   . GLU   A 1 67  ? -5.955  -8.096  -2.115  1.00 10.47 ? 73  GLU   B N   1 
ATOM   582  C CA  . GLU   A 1 67  ? -6.959  -7.213  -1.490  1.00 9.98  ? 73  GLU   B CA  1 
ATOM   583  C C   . GLU   A 1 67  ? -6.563  -6.813  -0.072  1.00 9.53  ? 73  GLU   B C   1 
ATOM   584  O O   . GLU   A 1 67  ? -5.948  -7.598  0.636   1.00 10.34 ? 73  GLU   B O   1 
ATOM   585  C CB  . GLU   A 1 67  ? -8.333  -7.876  -1.460  1.00 12.05 ? 73  GLU   B CB  1 
ATOM   586  C CG  . GLU   A 1 67  ? -8.904  -8.067  -2.864  1.00 14.72 ? 73  GLU   B CG  1 
ATOM   587  C CD  . GLU   A 1 67  ? -10.262 -8.726  -2.952  1.00 17.03 ? 73  GLU   B CD  1 
ATOM   588  O OE1 . GLU   A 1 67  ? -10.795 -9.140  -1.875  1.00 22.62 ? 73  GLU   B OE1 1 
ATOM   589  O OE2 . GLU   A 1 67  ? -10.812 -8.844  -4.114  1.00 16.18 ? 73  GLU   B OE2 1 
ATOM   590  N N   . VAL   A 1 68  ? -6.930  -5.595  0.279   1.00 9.84  ? 74  VAL   B N   1 
ATOM   591  C CA  . VAL   A 1 68  ? -6.607  -5.019  1.590   1.00 9.71  ? 74  VAL   B CA  1 
ATOM   592  C C   . VAL   A 1 68  ? -7.870  -4.454  2.197   1.00 9.75  ? 74  VAL   B C   1 
ATOM   593  O O   . VAL   A 1 68  ? -8.578  -3.649  1.563   1.00 11.03 ? 74  VAL   B O   1 
ATOM   594  C CB  . VAL   A 1 68  ? -5.533  -3.927  1.474   1.00 9.74  ? 74  VAL   B CB  1 
ATOM   595  C CG1 . VAL   A 1 68  ? -5.136  -3.454  2.853   1.00 11.23 ? 74  VAL   B CG1 1 
ATOM   596  C CG2 . VAL   A 1 68  ? -4.352  -4.393  0.639   1.00 11.17 ? 74  VAL   B CG2 1 
ATOM   597  N N   . ASP   A 1 69  ? -8.098  -4.783  3.476   1.00 10.18 ? 75  ASP   B N   1 
ATOM   598  C CA  . ASP   A 1 69  ? -9.210  -4.242  4.280   1.00 11.15 ? 75  ASP   B CA  1 
ATOM   599  C C   . ASP   A 1 69  ? -8.771  -2.942  4.921   1.00 9.81  ? 75  ASP   B C   1 
ATOM   600  O O   . ASP   A 1 69  ? -7.701  -2.917  5.620   1.00 10.65 ? 75  ASP   B O   1 
ATOM   601  C CB  . ASP   A 1 69  ? -9.652  -5.249  5.355   1.00 12.85 ? 75  ASP   B CB  1 
ATOM   602  C CG  . ASP   A 1 69  ? -11.009 -4.896  5.960   1.00 15.31 ? 75  ASP   B CG  1 
ATOM   603  O OD1 . ASP   A 1 69  ? -11.131 -3.858  6.513   1.00 14.28 ? 75  ASP   B OD1 1 
ATOM   604  O OD2 . ASP   A 1 69  ? -12.011 -5.577  5.645   1.00 19.95 ? 75  ASP   B OD2 1 
ATOM   605  N N   . VAL   A 1 70  ? -9.549  -1.879  4.736   1.00 10.01 ? 76  VAL   B N   1 
ATOM   606  C CA  . VAL   A 1 70  ? -9.284  -0.508  5.277   1.00 10.60 ? 76  VAL   B CA  1 
ATOM   607  C C   . VAL   A 1 70  ? -10.428 -0.012  6.189   1.00 10.74 ? 76  VAL   B C   1 
ATOM   608  O O   . VAL   A 1 70  ? -10.552 1.187   6.441   1.00 11.54 ? 76  VAL   B O   1 
ATOM   609  C CB  . VAL   A 1 70  ? -9.006  0.477   4.105   1.00 10.46 ? 76  VAL   B CB  1 
ATOM   610  C CG1 . VAL   A 1 70  ? -7.770  0.078   3.259   1.00 10.47 ? 76  VAL   B CG1 1 
ATOM   611  C CG2 . VAL   A 1 70  ? -10.196 0.674   3.185   1.00 11.10 ? 76  VAL   B CG2 1 
ATOM   612  N N   . THR   A 1 71  ? -11.286 -0.920  6.627   1.00 11.23 ? 77  THR   B N   1 
ATOM   613  C CA  . THR   A 1 71  ? -12.470 -0.594  7.450   1.00 12.71 ? 77  THR   B CA  1 
ATOM   614  C C   . THR   A 1 71  ? -12.108 0.342   8.610   1.00 12.49 ? 77  THR   B C   1 
ATOM   615  O O   . THR   A 1 71  ? -11.155 0.090   9.342   1.00 12.75 ? 77  THR   B O   1 
ATOM   616  C CB  . THR   A 1 71  ? -13.092 -1.870  8.007   1.00 13.16 ? 77  THR   B CB  1 
ATOM   617  O OG1 . THR   A 1 71  ? -13.512 -2.736  6.944   1.00 15.54 ? 77  THR   B OG1 1 
ATOM   618  C CG2 . THR   A 1 71  ? -14.295 -1.557  8.871   1.00 16.15 ? 77  THR   B CG2 1 
ATOM   619  N N   . GLN   A 1 72  ? -12.924 1.375   8.819   0.22 12.54 ? 78  GLN   B N   1 
ATOM   620  C CA  . GLN   A 1 72  ? -12.820 2.360   9.935   0.22 12.48 ? 78  GLN   B CA  1 
ATOM   621  C C   . GLN   A 1 72  ? -11.822 3.480   9.610   0.22 12.45 ? 78  GLN   B C   1 
ATOM   622  O O   . GLN   A 1 72  ? -12.047 4.616   10.094  0.22 11.32 ? 78  GLN   B O   1 
ATOM   623  C CB  . GLN   A 1 72  ? -12.345 1.753   11.260  0.22 12.88 ? 78  GLN   B CB  1 
ATOM   624  C CG  . GLN   A 1 72  ? -13.150 0.565   11.767  0.22 13.33 ? 78  GLN   B CG  1 
ATOM   625  C CD  . GLN   A 1 72  ? -12.473 -0.075  12.954  0.22 13.88 ? 78  GLN   B CD  1 
ATOM   626  O OE1 . GLN   A 1 72  ? -12.323 0.539   14.013  0.22 13.78 ? 78  GLN   B OE1 1 
ATOM   627  N NE2 . GLN   A 1 72  ? -12.022 -1.308  12.780  0.22 14.73 ? 78  GLN   B NE2 1 
ATOM   628  N N   . LYS   A 1 73  ? -10.739 3.185   8.879   1.00 12.88 ? 79  LYS   B N   1 
ATOM   629  C CA  . LYS   A 1 73  ? -9.583  4.094   8.848   1.00 11.18 ? 79  LYS   B CA  1 
ATOM   630  C C   . LYS   A 1 73  ? -9.918  5.462   8.286   1.00 10.16 ? 79  LYS   B C   1 
ATOM   631  O O   . LYS   A 1 73  ? -10.724 5.560   7.312   1.00 12.06 ? 79  LYS   B O   1 
ATOM   632  C CB  . LYS   A 1 73  ? -8.434  3.432   8.109   1.00 11.27 ? 79  LYS   B CB  1 
ATOM   633  C CG  . LYS   A 1 73  ? -7.879  2.204   8.855   1.00 11.53 ? 79  LYS   B CG  1 
ATOM   634  C CD  . LYS   A 1 73  ? -6.595  1.641   8.301   1.00 11.69 ? 79  LYS   B CD  1 
ATOM   635  C CE  . LYS   A 1 73  ? -5.415  2.566   8.496   1.00 10.66 ? 79  LYS   B CE  1 
ATOM   636  N NZ  . LYS   A 1 73  ? -5.175  2.999   9.913   1.00 10.00 ? 79  LYS   B NZ  1 
ATOM   637  N N   . GLU   A 1 74  ? -9.247  6.477   8.799   1.00 9.45  ? 80  GLU   B N   1 
ATOM   638  C CA  . GLU   A 1 74  ? -9.351  7.859   8.321   1.00 9.35  ? 80  GLU   B CA  1 
ATOM   639  C C   . GLU   A 1 74  ? -8.231  8.237   7.364   1.00 9.33  ? 80  GLU   B C   1 
ATOM   640  O O   . GLU   A 1 74  ? -8.319  9.232   6.662   1.00 10.61 ? 80  GLU   B O   1 
ATOM   641  C CB  . GLU   A 1 74  ? -9.255  8.835   9.511   1.00 10.76 ? 80  GLU   B CB  1 
ATOM   642  C CG  . GLU   A 1 74  ? -10.374 8.761   10.525  1.00 12.72 ? 80  GLU   B CG  1 
ATOM   643  C CD  . GLU   A 1 74  ? -10.132 9.662   11.746  1.00 12.70 ? 80  GLU   B CD  1 
ATOM   644  O OE1 . GLU   A 1 74  ? -11.108 9.874   12.458  1.00 15.66 ? 80  GLU   B OE1 1 
ATOM   645  O OE2 . GLU   A 1 74  ? -9.006  10.158  11.915  1.00 13.66 ? 80  GLU   B OE2 1 
ATOM   646  N N   . ALA   A 1 75  ? -7.117  7.515   7.347   1.00 9.29  ? 81  ALA   B N   1 
ATOM   647  C CA  . ALA   A 1 75  ? -5.959  7.839   6.518   1.00 9.35  ? 81  ALA   B CA  1 
ATOM   648  C C   . ALA   A 1 75  ? -5.142  6.577   6.302   1.00 10.12 ? 81  ALA   B C   1 
ATOM   649  O O   . ALA   A 1 75  ? -4.931  5.768   7.229   1.00 9.84  ? 81  ALA   B O   1 
ATOM   650  C CB  . ALA   A 1 75  ? -5.114  8.892   7.174   1.00 10.46 ? 81  ALA   B CB  1 
ATOM   651  N N   . TRP   A 1 76  ? -4.640  6.418   5.067   1.00 9.33  ? 82  TRP   B N   1 
ATOM   652  C CA  . TRP   A 1 76  ? -3.783  5.267   4.659   1.00 8.67  ? 82  TRP   B CA  1 
ATOM   653  C C   . TRP   A 1 76  ? -3.273  5.538   3.257   1.00 9.07  ? 82  TRP   B C   1 
ATOM   654  O O   . TRP   A 1 76  ? -3.864  6.345   2.520   1.00 9.66  ? 82  TRP   B O   1 
ATOM   655  C CB  . TRP   A 1 76  ? -4.557  3.946   4.717   1.00 9.29  ? 82  TRP   B CB  1 
ATOM   656  C CG  . TRP   A 1 76  ? -5.889  3.925   4.046   1.00 9.44  ? 82  TRP   B CG  1 
ATOM   657  C CD1 . TRP   A 1 76  ? -7.102  4.043   4.638   1.00 10.51 ? 82  TRP   B CD1 1 
ATOM   658  C CD2 . TRP   A 1 76  ? -6.216  3.807   2.633   1.00 9.65  ? 82  TRP   B CD2 1 
ATOM   659  N NE1 . TRP   A 1 76  ? -8.126  3.968   3.761   1.00 10.04 ? 82  TRP   B NE1 1 
ATOM   660  C CE2 . TRP   A 1 76  ? -7.610  3.849   2.487   1.00 10.25 ? 82  TRP   B CE2 1 
ATOM   661  C CE3 . TRP   A 1 76  ? -5.442  3.679   1.444   1.00 10.46 ? 82  TRP   B CE3 1 
ATOM   662  C CZ2 . TRP   A 1 76  ? -8.274  3.725   1.275   1.00 10.32 ? 82  TRP   B CZ2 1 
ATOM   663  C CZ3 . TRP   A 1 76  ? -6.090  3.600   0.220   1.00 11.01 ? 82  TRP   B CZ3 1 
ATOM   664  C CH2 . TRP   A 1 76  ? -7.496  3.613   0.153   1.00 11.21 ? 82  TRP   B CH2 1 
ATOM   665  N N   . ASP   A 1 77  ? -2.208  4.848   2.908   1.00 8.75  ? 83  ASP   B N   1 
ATOM   666  C CA  . ASP   A 1 77  ? -1.713  4.777   1.502   1.00 9.41  ? 83  ASP   B CA  1 
ATOM   667  C C   . ASP   A 1 77  ? -1.582  3.303   1.137   1.00 8.93  ? 83  ASP   B C   1 
ATOM   668  O O   . ASP   A 1 77  ? -1.122  2.513   1.995   1.00 9.04  ? 83  ASP   B O   1 
ATOM   669  C CB  . ASP   A 1 77  ? -0.357  5.446   1.288   1.00 10.89 ? 83  ASP   B CB  1 
ATOM   670  C CG  . ASP   A 1 77  ? -0.096  6.769   1.965   1.00 13.06 ? 83  ASP   B CG  1 
ATOM   671  O OD1 . ASP   A 1 77  ? -1.019  7.526   2.006   1.00 16.55 ? 83  ASP   B OD1 1 
ATOM   672  O OD2 . ASP   A 1 77  ? 1.059   7.010   2.434   1.00 15.45 ? 83  ASP   B OD2 1 
ATOM   673  N N   . LEU   A 1 78  ? -1.870  2.925   -0.105  1.00 8.14  ? 84  LEU   B N   1 
ATOM   674  C CA  . LEU   A 1 78  ? -1.739  1.540   -0.594  1.00 8.53  ? 84  LEU   B CA  1 
ATOM   675  C C   . LEU   A 1 78  ? -1.218  1.543   -2.021  1.00 8.06  ? 84  LEU   B C   1 
ATOM   676  O O   . LEU   A 1 78  ? -1.600  2.392   -2.820  1.00 8.34  ? 84  LEU   B O   1 
ATOM   677  C CB  . LEU   A 1 78  ? -3.080  0.824   -0.581  1.00 8.91  ? 84  LEU   B CB  1 
ATOM   678  C CG  . LEU   A 1 78  ? -3.666  0.433   0.776   1.00 10.33 ? 84  LEU   B CG  1 
ATOM   679  C CD1 . LEU   A 1 78  ? -5.073  -0.126  0.563   1.00 11.16 ? 84  LEU   B CD1 1 
ATOM   680  C CD2 . LEU   A 1 78  ? -2.781  -0.565  1.470   1.00 10.67 ? 84  LEU   B CD2 1 
ATOM   681  N N   . GLY   A 1 79  ? -0.433  0.533   -2.342  1.00 7.59  ? 85  GLY   B N   1 
ATOM   682  C CA  . GLY   A 1 79  ? -0.087  0.267   -3.755  1.00 8.02  ? 85  GLY   B CA  1 
ATOM   683  C C   . GLY   A 1 79  ? 1.111   -0.652  -3.842  1.00 7.69  ? 85  GLY   B C   1 
ATOM   684  O O   . GLY   A 1 79  ? 1.199   -1.683  -3.140  1.00 8.07  ? 85  GLY   B O   1 
ATOM   685  N N   A VAL   A 1 80  ? 2.018   -0.288  -4.746  0.25 7.85  ? 86  VAL   B N   1 
ATOM   686  N N   B VAL   A 1 80  ? 2.053   -0.268  -4.684  0.25 8.25  ? 86  VAL   B N   1 
ATOM   687  C CA  A VAL   A 1 80  ? 3.325   -0.978  -4.931  0.25 7.88  ? 86  VAL   B CA  1 
ATOM   688  C CA  B VAL   A 1 80  ? 3.244   -1.105  -4.985  0.25 8.51  ? 86  VAL   B CA  1 
ATOM   689  C C   A VAL   A 1 80  ? 4.434   0.057   -5.005  0.25 8.32  ? 86  VAL   B C   1 
ATOM   690  C C   B VAL   A 1 80  ? 4.394   -0.104  -5.203  0.25 8.83  ? 86  VAL   B C   1 
ATOM   691  O O   A VAL   A 1 80  ? 4.215   1.248   -5.279  0.25 8.52  ? 86  VAL   B O   1 
ATOM   692  O O   B VAL   A 1 80  ? 4.109   1.004   -5.655  0.25 9.11  ? 86  VAL   B O   1 
ATOM   693  C CB  A VAL   A 1 80  ? 3.408   -1.850  -6.195  0.25 8.09  ? 86  VAL   B CB  1 
ATOM   694  C CB  B VAL   A 1 80  ? 2.924   -2.032  -6.182  0.25 9.43  ? 86  VAL   B CB  1 
ATOM   695  C CG1 A VAL   A 1 80  ? 2.476   -3.027  -6.040  0.25 7.87  ? 86  VAL   B CG1 1 
ATOM   696  C CG1 B VAL   A 1 80  ? 2.777   -1.249  -7.483  0.25 9.31  ? 86  VAL   B CG1 1 
ATOM   697  C CG2 A VAL   A 1 80  ? 3.126   -1.063  -7.470  0.25 7.96  ? 86  VAL   B CG2 1 
ATOM   698  C CG2 B VAL   A 1 80  ? 3.915   -3.173  -6.316  0.25 10.12 ? 86  VAL   B CG2 1 
ATOM   699  N N   . CYS   A 1 81  ? 5.638   -0.441  -4.832  1.00 8.86  ? 87  CYS   B N   1 
ATOM   700  C CA  . CYS   A 1 81  ? 6.782   0.422   -5.004  1.00 9.79  ? 87  CYS   B CA  1 
ATOM   701  C C   . CYS   A 1 81  ? 7.995   -0.390  -5.461  1.00 9.21  ? 87  CYS   B C   1 
ATOM   702  O O   . CYS   A 1 81  ? 8.051   -1.615  -5.294  1.00 9.37  ? 87  CYS   B O   1 
ATOM   703  C CB  . CYS   A 1 81  ? 7.115   1.175   -3.709  1.00 11.07 ? 87  CYS   B CB  1 
ATOM   704  S SG  . CYS   A 1 81  ? 7.649   0.143   -2.326  1.00 10.90 ? 87  CYS   B SG  1 
ATOM   705  N N   A ARG   A 1 82  ? 8.975   0.310   -5.990  0.25 9.49  ? 88  ARG   B N   1 
ATOM   706  N N   B ARG   A 1 82  ? 8.973   0.308   -6.021  0.25 9.04  ? 88  ARG   B N   1 
ATOM   707  C CA  A ARG   A 1 82  ? 10.270  -0.341  -6.287  0.25 10.20 ? 88  ARG   B CA  1 
ATOM   708  C CA  B ARG   A 1 82  ? 10.283  -0.303  -6.388  0.25 9.43  ? 88  ARG   B CA  1 
ATOM   709  C C   A ARG   A 1 82  ? 10.902  -0.879  -5.005  0.25 9.90  ? 88  ARG   B C   1 
ATOM   710  C C   B ARG   A 1 82  ? 11.009  -0.765  -5.110  0.25 9.67  ? 88  ARG   B C   1 
ATOM   711  O O   A ARG   A 1 82  ? 10.769  -0.314  -3.914  0.25 9.22  ? 88  ARG   B O   1 
ATOM   712  O O   B ARG   A 1 82  ? 11.029  0.001   -4.109  0.25 9.89  ? 88  ARG   B O   1 
ATOM   713  C CB  A ARG   A 1 82  ? 11.239  0.665   -6.895  0.25 11.66 ? 88  ARG   B CB  1 
ATOM   714  C CB  B ARG   A 1 82  ? 11.134  0.729   -7.142  0.25 10.01 ? 88  ARG   B CB  1 
ATOM   715  C CG  A ARG   A 1 82  ? 10.715  1.220   -8.200  0.25 12.79 ? 88  ARG   B CG  1 
ATOM   716  C CG  B ARG   A 1 82  ? 12.298  0.127   -7.915  0.25 9.83  ? 88  ARG   B CG  1 
ATOM   717  C CD  A ARG   A 1 82  ? 11.738  2.114   -8.852  0.25 14.46 ? 88  ARG   B CD  1 
ATOM   718  C CD  B ARG   A 1 82  ? 13.156  1.153   -8.631  0.25 10.34 ? 88  ARG   B CD  1 
ATOM   719  N NE  A ARG   A 1 82  ? 11.227  2.680   -10.091 0.25 14.46 ? 88  ARG   B NE  1 
ATOM   720  N NE  B ARG   A 1 82  ? 12.361  1.864   -9.598  0.25 10.23 ? 88  ARG   B NE  1 
ATOM   721  C CZ  A ARG   A 1 82  ? 11.427  3.929   -10.459 0.25 15.03 ? 88  ARG   B CZ  1 
ATOM   722  C CZ  B ARG   A 1 82  ? 12.174  3.177   -9.602  0.25 10.04 ? 88  ARG   B CZ  1 
ATOM   723  N NH1 A ARG   A 1 82  ? 12.113  4.741   -9.678  0.25 15.02 ? 88  ARG   B NH1 1 
ATOM   724  N NH1 B ARG   A 1 82  ? 12.825  3.954   -8.767  0.25 11.01 ? 88  ARG   B NH1 1 
ATOM   725  N NH2 A ARG   A 1 82  ? 10.942  4.352   -11.610 0.25 16.28 ? 88  ARG   B NH2 1 
ATOM   726  N NH2 B ARG   A 1 82  ? 11.353  3.709   -10.485 0.25 10.01 ? 88  ARG   B NH2 1 
ATOM   727  N N   . ASP   A 1 83  ? 11.658  -1.946  -5.154  1.00 10.75 ? 89  ASP   B N   1 
ATOM   728  C CA  . ASP   A 1 83  ? 12.410  -2.472  -4.001  1.00 11.87 ? 89  ASP   B CA  1 
ATOM   729  C C   . ASP   A 1 83  ? 13.412  -1.428  -3.529  1.00 12.68 ? 89  ASP   B C   1 
ATOM   730  O O   . ASP   A 1 83  ? 13.739  -1.441  -2.314  1.00 15.72 ? 89  ASP   B O   1 
ATOM   731  C CB  . ASP   A 1 83  ? 13.126  -3.766  -4.395  1.00 13.52 ? 89  ASP   B CB  1 
ATOM   732  C CG  . ASP   A 1 83  ? 14.157  -3.693  -5.490  1.00 16.66 ? 89  ASP   B CG  1 
ATOM   733  O OD1 . ASP   A 1 83  ? 14.269  -2.631  -6.177  1.00 18.59 ? 89  ASP   B OD1 1 
ATOM   734  O OD2 . ASP   A 1 83  ? 14.863  -4.743  -5.657  1.00 20.58 ? 89  ASP   B OD2 1 
ATOM   735  N N   . SER   A 1 84  ? 13.917  -0.536  -4.363  1.00 11.66 ? 90  SER   B N   1 
ATOM   736  C CA  . SER   A 1 84  ? 14.997  0.399   -3.983  1.00 13.61 ? 90  SER   B CA  1 
ATOM   737  C C   . SER   A 1 84  ? 14.498  1.794   -3.568  1.00 12.36 ? 90  SER   B C   1 
ATOM   738  O O   . SER   A 1 84  ? 15.286  2.705   -3.546  1.00 13.63 ? 90  SER   B O   1 
ATOM   739  C CB  . SER   A 1 84  ? 15.981  0.482   -5.093  1.00 16.23 ? 90  SER   B CB  1 
ATOM   740  O OG  . SER   A 1 84  ? 15.373  0.889   -6.247  1.00 16.29 ? 90  SER   B OG  1 
ATOM   741  N N   . VAL   A 1 85  ? 13.213  1.966   -3.260  1.00 11.49 ? 91  VAL   B N   1 
ATOM   742  C CA  . VAL   A 1 85  ? 12.731  3.283   -2.775  1.00 11.23 ? 91  VAL   B CA  1 
ATOM   743  C C   . VAL   A 1 85  ? 13.524  3.702   -1.524  1.00 11.23 ? 91  VAL   B C   1 
ATOM   744  O O   . VAL   A 1 85  ? 13.911  2.872   -0.689  1.00 12.08 ? 91  VAL   B O   1 
ATOM   745  C CB  . VAL   A 1 85  ? 11.215  3.315   -2.491  1.00 10.98 ? 91  VAL   B CB  1 
ATOM   746  C CG1 . VAL   A 1 85  ? 10.440  3.190   -3.797  1.00 10.80 ? 91  VAL   B CG1 1 
ATOM   747  C CG2 . VAL   A 1 85  ? 10.768  2.343   -1.436  1.00 11.53 ? 91  VAL   B CG2 1 
ATOM   748  N N   . GLN   A 1 86  ? 13.716  5.003   -1.430  1.00 12.39 ? 92  GLN   B N   1 
ATOM   749  C CA  . GLN   A 1 86  ? 14.221  5.687   -0.209  1.00 13.77 ? 92  GLN   B CA  1 
ATOM   750  C C   . GLN   A 1 86  ? 13.442  5.235   1.030   1.00 12.45 ? 92  GLN   B C   1 
ATOM   751  O O   . GLN   A 1 86  ? 12.221  5.175   1.021   1.00 13.79 ? 92  GLN   B O   1 
ATOM   752  C CB  . GLN   A 1 86  ? 14.035  7.183   -0.453  1.00 15.64 ? 92  GLN   B CB  1 
ATOM   753  C CG  . GLN   A 1 86  ? 14.475  8.099   0.693   1.00 19.49 ? 92  GLN   B CG  1 
ATOM   754  C CD  . GLN   A 1 86  ? 14.198  9.560   0.377   1.00 22.24 ? 92  GLN   B CD  1 
ATOM   755  O OE1 . GLN   A 1 86  ? 13.902  9.973   -0.763  1.00 23.48 ? 92  GLN   B OE1 1 
ATOM   756  N NE2 . GLN   A 1 86  ? 14.255  10.401  1.402   1.00 24.05 ? 92  GLN   B NE2 1 
ATOM   757  N N   . ARG   A 1 87  ? 14.154  4.998   2.122   1.00 12.11 ? 93  ARG   B N   1 
ATOM   758  C CA  . ARG   A 1 87  ? 13.551  4.565   3.414   1.00 11.79 ? 93  ARG   B CA  1 
ATOM   759  C C   . ARG   A 1 87  ? 13.638  5.687   4.444   1.00 12.47 ? 93  ARG   B C   1 
ATOM   760  O O   . ARG   A 1 87  ? 12.793  5.711   5.357   1.00 13.08 ? 93  ARG   B O   1 
ATOM   761  C CB  . ARG   A 1 87  ? 14.197  3.324   3.986   1.00 12.51 ? 93  ARG   B CB  1 
ATOM   762  C CG  . ARG   A 1 87  ? 14.285  2.151   3.024   1.00 12.62 ? 93  ARG   B CG  1 
ATOM   763  C CD  . ARG   A 1 87  ? 12.902  1.702   2.478   1.00 12.38 ? 93  ARG   B CD  1 
ATOM   764  N NE  . ARG   A 1 87  ? 13.100  0.744   1.359   1.00 13.66 ? 93  ARG   B NE  1 
ATOM   765  C CZ  . ARG   A 1 87  ? 13.251  -0.544  1.515   1.00 12.92 ? 93  ARG   B CZ  1 
ATOM   766  N NH1 . ARG   A 1 87  ? 13.198  -1.079  2.707   1.00 15.26 ? 93  ARG   B NH1 1 
ATOM   767  N NH2 . ARG   A 1 87  ? 13.482  -1.336  0.484   1.00 15.89 ? 93  ARG   B NH2 1 
ATOM   768  N N   . LYS   A 1 88  ? 14.656  6.550   4.376   1.00 12.81 ? 94  LYS   B N   1 
ATOM   769  C CA  . LYS   A 1 88  ? 14.963  7.506   5.474   1.00 13.08 ? 94  LYS   B CA  1 
ATOM   770  C C   . LYS   A 1 88  ? 14.608  8.909   5.055   1.00 14.24 ? 94  LYS   B C   1 
ATOM   771  O O   . LYS   A 1 88  ? 14.856  9.266   3.869   1.00 16.64 ? 94  LYS   B O   1 
ATOM   772  C CB  . LYS   A 1 88  ? 16.450  7.396   5.816   1.00 13.89 ? 94  LYS   B CB  1 
ATOM   773  C CG  . LYS   A 1 88  ? 16.946  6.021   6.168   1.00 14.87 ? 94  LYS   B CG  1 
ATOM   774  C CD  . LYS   A 1 88  ? 16.149  5.308   7.276   1.00 15.65 ? 94  LYS   B CD  1 
ATOM   775  C CE  . LYS   A 1 88  ? 16.762  3.972   7.579   1.00 16.31 ? 94  LYS   B CE  1 
ATOM   776  N NZ  . LYS   A 1 88  ? 16.052  3.242   8.657   1.00 16.30 ? 94  LYS   B NZ  1 
ATOM   777  N N   . GLY   A 1 89  ? 14.119  9.727   5.964   1.00 15.07 ? 95  GLY   B N   1 
ATOM   778  C CA  . GLY   A 1 89  ? 13.820  11.132  5.680   1.00 15.56 ? 95  GLY   B CA  1 
ATOM   779  C C   . GLY   A 1 89  ? 12.486  11.335  4.992   1.00 17.26 ? 95  GLY   B C   1 
ATOM   780  O O   . GLY   A 1 89  ? 11.659  10.356  4.912   1.00 16.46 ? 95  GLY   B O   1 
ATOM   781  N N   . GLN   A 1 90  ? 12.266  12.543  4.527   1.00 16.94 ? 96  GLN   B N   1 
ATOM   782  C CA  . GLN   A 1 90  ? 11.003  12.969  3.910   1.00 18.87 ? 96  GLN   B CA  1 
ATOM   783  C C   . GLN   A 1 90  ? 11.047  12.731  2.405   1.00 18.44 ? 96  GLN   B C   1 
ATOM   784  O O   . GLN   A 1 90  ? 12.120  12.805  1.784   1.00 18.97 ? 96  GLN   B O   1 
ATOM   785  C CB  . GLN   A 1 90  ? 10.783  14.462  4.169   1.00 22.41 ? 96  GLN   B CB  1 
ATOM   786  C CG  . GLN   A 1 90  ? 10.603  14.734  5.645   1.00 29.89 ? 96  GLN   B CG  1 
ATOM   787  C CD  . GLN   A 1 90  ? 10.720  16.194  5.973   1.00 38.27 ? 96  GLN   B CD  1 
ATOM   788  O OE1 . GLN   A 1 90  ? 9.712   16.879  6.137   1.00 49.36 ? 96  GLN   B OE1 1 
ATOM   789  N NE2 . GLN   A 1 90  ? 11.958  16.669  6.045   1.00 42.77 ? 96  GLN   B NE2 1 
ATOM   790  N N   . PHE   A 1 91  ? 9.907   12.320  1.859   1.00 15.55 ? 97  PHE   B N   1 
ATOM   791  C CA  . PHE   A 1 91  ? 9.745   12.126  0.406   1.00 14.98 ? 97  PHE   B CA  1 
ATOM   792  C C   . PHE   A 1 91  ? 8.271   12.102  0.061   1.00 14.91 ? 97  PHE   B C   1 
ATOM   793  O O   . PHE   A 1 91  ? 7.425   11.854  0.917   1.00 16.28 ? 97  PHE   B O   1 
ATOM   794  C CB  . PHE   A 1 91  ? 10.386  10.817  -0.060  1.00 15.00 ? 97  PHE   B CB  1 
ATOM   795  C CG  . PHE   A 1 91  ? 9.904   9.594   0.682   1.00 13.98 ? 97  PHE   B CG  1 
ATOM   796  C CD1 . PHE   A 1 91  ? 8.762   8.910   0.275   1.00 14.61 ? 97  PHE   B CD1 1 
ATOM   797  C CD2 . PHE   A 1 91  ? 10.613  9.071   1.758   1.00 14.20 ? 97  PHE   B CD2 1 
ATOM   798  C CE1 . PHE   A 1 91  ? 8.330   7.770   0.924   1.00 13.84 ? 97  PHE   B CE1 1 
ATOM   799  C CE2 . PHE   A 1 91  ? 10.167  7.943   2.429   1.00 13.55 ? 97  PHE   B CE2 1 
ATOM   800  C CZ  . PHE   A 1 91  ? 9.040   7.284   1.989   1.00 13.97 ? 97  PHE   B CZ  1 
ATOM   801  N N   A SER   A 1 92  ? 7.943   12.401  -1.195  0.25 15.13 ? 98  SER   B N   1 
ATOM   802  N N   B SER   A 1 92  ? 8.001   12.367  -1.218  0.25 14.43 ? 98  SER   B N   1 
ATOM   803  C CA  A SER   A 1 92  ? 6.552   12.313  -1.703  0.25 15.27 ? 98  SER   B CA  1 
ATOM   804  C CA  B SER   A 1 92  ? 6.660   12.311  -1.844  0.25 14.32 ? 98  SER   B CA  1 
ATOM   805  C C   A SER   A 1 92  ? 6.363   10.983  -2.433  0.25 13.63 ? 98  SER   B C   1 
ATOM   806  C C   B SER   A 1 92  ? 6.407   10.898  -2.381  0.25 13.02 ? 98  SER   B C   1 
ATOM   807  O O   A SER   A 1 92  ? 7.297   10.492  -3.100  0.25 13.24 ? 98  SER   B O   1 
ATOM   808  O O   B SER   A 1 92  ? 7.378   10.214  -2.821  0.25 12.77 ? 98  SER   B O   1 
ATOM   809  C CB  A SER   A 1 92  ? 6.199   13.451  -2.606  0.25 17.70 ? 98  SER   B CB  1 
ATOM   810  C CB  B SER   A 1 92  ? 6.537   13.340  -2.939  0.25 15.27 ? 98  SER   B CB  1 
ATOM   811  O OG  A SER   A 1 92  ? 7.150   13.546  -3.646  0.25 20.64 ? 98  SER   B OG  1 
ATOM   812  O OG  B SER   A 1 92  ? 6.563   14.656  -2.389  0.25 17.66 ? 98  SER   B OG  1 
ATOM   813  N N   . LEU   A 1 93  ? 5.150   10.462  -2.344  1.00 12.54 ? 99  LEU   B N   1 
ATOM   814  C CA  . LEU   A 1 93  ? 4.748   9.252   -3.061  1.00 13.13 ? 99  LEU   B CA  1 
ATOM   815  C C   . LEU   A 1 93  ? 4.418   9.627   -4.480  1.00 13.09 ? 99  LEU   B C   1 
ATOM   816  O O   . LEU   A 1 93  ? 3.391   10.210  -4.774  1.00 15.25 ? 99  LEU   B O   1 
ATOM   817  C CB  . LEU   A 1 93  ? 3.533   8.613   -2.398  1.00 13.40 ? 99  LEU   B CB  1 
ATOM   818  C CG  . LEU   A 1 93  ? 3.740   8.149   -0.963  1.00 14.88 ? 99  LEU   B CG  1 
ATOM   819  C CD1 . LEU   A 1 93  ? 2.434   7.596   -0.386  1.00 15.55 ? 99  LEU   B CD1 1 
ATOM   820  C CD2 . LEU   A 1 93  ? 4.839   7.108   -0.848  1.00 16.31 ? 99  LEU   B CD2 1 
ATOM   821  N N   . SER   A 1 94  ? 5.271   9.245   -5.422  1.00 11.83 ? 100 SER   B N   1 
ATOM   822  C CA  . SER   A 1 94  ? 5.113   9.577   -6.848  1.00 11.90 ? 100 SER   B CA  1 
ATOM   823  C C   . SER   A 1 94  ? 5.782   8.490   -7.672  1.00 10.88 ? 100 SER   B C   1 
ATOM   824  O O   . SER   A 1 94  ? 6.755   7.893   -7.197  1.00 10.78 ? 100 SER   B O   1 
ATOM   825  C CB  . SER   A 1 94  ? 5.738   10.917  -7.226  1.00 14.19 ? 100 SER   B CB  1 
ATOM   826  O OG  . SER   A 1 94  ? 7.148   10.878  -7.040  1.00 17.10 ? 100 SER   B OG  1 
ATOM   827  N N   . PRO   A 1 95  ? 5.426   8.326   -8.928  1.00 10.73 ? 101 PRO   B N   1 
ATOM   828  C CA  . PRO   A 1 95  ? 6.142   7.395   -9.799  1.00 12.26 ? 101 PRO   B CA  1 
ATOM   829  C C   . PRO   A 1 95  ? 7.599   7.812   -9.993  1.00 11.98 ? 101 PRO   B C   1 
ATOM   830  O O   . PRO   A 1 95  ? 8.465   6.898   -10.024 1.00 12.26 ? 101 PRO   B O   1 
ATOM   831  C CB  . PRO   A 1 95  ? 5.362   7.416   -11.128 1.00 12.56 ? 101 PRO   B CB  1 
ATOM   832  C CG  . PRO   A 1 95  ? 3.951   7.784   -10.663 1.00 13.41 ? 101 PRO   B CG  1 
ATOM   833  C CD  . PRO   A 1 95  ? 4.189   8.787   -9.558  1.00 12.60 ? 101 PRO   B CD  1 
ATOM   834  N N   . GLU   A 1 96  ? 7.913   9.096   -10.002 1.00 12.70 ? 102 GLU   B N   1 
ATOM   835  C CA  . GLU   A 1 96  ? 9.326   9.534   -10.121 1.00 14.88 ? 102 GLU   B CA  1 
ATOM   836  C C   . GLU   A 1 96  ? 10.146  8.992   -8.948  1.00 14.45 ? 102 GLU   B C   1 
ATOM   837  O O   . GLU   A 1 96  ? 11.364  8.764   -9.087  1.00 15.69 ? 102 GLU   B O   1 
ATOM   838  C CB  . GLU   A 1 96  ? 9.375   11.057  -10.189 1.00 19.20 ? 102 GLU   B CB  1 
ATOM   839  C CG  . GLU   A 1 96  ? 8.535   11.630  -11.310 1.00 27.86 ? 102 GLU   B CG  1 
ATOM   840  C CD  . GLU   A 1 96  ? 7.153   12.162  -10.930 1.00 32.58 ? 102 GLU   B CD  1 
ATOM   841  O OE1 . GLU   A 1 96  ? 6.140   11.352  -10.838 1.00 21.52 ? 102 GLU   B OE1 1 
ATOM   842  O OE2 . GLU   A 1 96  ? 7.075   13.423  -10.771 1.00 40.50 ? 102 GLU   B OE2 1 
ATOM   843  N N   . ASN   A 1 97  ? 9.561   8.853   -7.754  1.00 12.13 ? 103 ASN   B N   1 
ATOM   844  C CA  . ASN   A 1 97  ? 10.261  8.321   -6.573  1.00 12.35 ? 103 ASN   B CA  1 
ATOM   845  C C   . ASN   A 1 97  ? 10.068  6.811   -6.434  1.00 11.28 ? 103 ASN   B C   1 
ATOM   846  O O   . ASN   A 1 97  ? 10.570  6.239   -5.468  1.00 12.29 ? 103 ASN   B O   1 
ATOM   847  C CB  . ASN   A 1 97  ? 9.800   9.042   -5.297  1.00 13.15 ? 103 ASN   B CB  1 
ATOM   848  C CG  . ASN   A 1 97  ? 10.322  10.443  -5.165  1.00 15.66 ? 103 ASN   B CG  1 
ATOM   849  O OD1 . ASN   A 1 97  ? 11.295  10.830  -5.842  1.00 18.51 ? 103 ASN   B OD1 1 
ATOM   850  N ND2 . ASN   A 1 97  ? 9.638   11.266  -4.384  1.00 16.92 ? 103 ASN   B ND2 1 
ATOM   851  N N   . GLY   A 1 98  ? 9.420   6.138   -7.379  1.00 10.03 ? 104 GLY   B N   1 
ATOM   852  C CA  . GLY   A 1 98  ? 9.285   4.677   -7.357  1.00 9.69  ? 104 GLY   B CA  1 
ATOM   853  C C   . GLY   A 1 98  ? 8.048   4.132   -6.657  1.00 8.63  ? 104 GLY   B C   1 
ATOM   854  O O   . GLY   A 1 98  ? 8.053   2.998   -6.227  1.00 9.74  ? 104 GLY   B O   1 
ATOM   855  N N   . PHE   A 1 99  ? 6.981   4.960   -6.578  1.00 9.15  ? 105 PHE   B N   1 
ATOM   856  C CA  . PHE   A 1 99  ? 5.705   4.534   -5.942  1.00 8.85  ? 105 PHE   B CA  1 
ATOM   857  C C   . PHE   A 1 99  ? 4.507   4.653   -6.888  1.00 8.23  ? 105 PHE   B C   1 
ATOM   858  O O   . PHE   A 1 99  ? 4.384   5.712   -7.526  1.00 9.79  ? 105 PHE   B O   1 
ATOM   859  C CB  . PHE   A 1 99  ? 5.404   5.396   -4.707  1.00 9.54  ? 105 PHE   B CB  1 
ATOM   860  C CG  . PHE   A 1 99  ? 6.443   5.329   -3.606  1.00 9.25  ? 105 PHE   B CG  1 
ATOM   861  C CD1 . PHE   A 1 99  ? 7.516   6.204   -3.595  1.00 9.90  ? 105 PHE   B CD1 1 
ATOM   862  C CD2 . PHE   A 1 99  ? 6.354   4.424   -2.567  1.00 9.90  ? 105 PHE   B CD2 1 
ATOM   863  C CE1 . PHE   A 1 99  ? 8.490   6.165   -2.596  1.00 10.76 ? 105 PHE   B CE1 1 
ATOM   864  C CE2 . PHE   A 1 99  ? 7.329   4.387   -1.585  1.00 10.80 ? 105 PHE   B CE2 1 
ATOM   865  C CZ  . PHE   A 1 99  ? 8.370   5.268   -1.595  1.00 10.27 ? 105 PHE   B CZ  1 
ATOM   866  N N   . TRP   A 1 100 ? 3.637   3.662   -6.856  1.00 7.94  ? 106 TRP   B N   1 
ATOM   867  C CA  . TRP   A 1 100 ? 2.347   3.644   -7.584  1.00 8.33  ? 106 TRP   B CA  1 
ATOM   868  C C   . TRP   A 1 100 ? 1.261   3.355   -6.554  1.00 7.76  ? 106 TRP   B C   1 
ATOM   869  O O   . TRP   A 1 100 ? 1.039   2.214   -6.170  1.00 8.75  ? 106 TRP   B O   1 
ATOM   870  C CB  . TRP   A 1 100 ? 2.356   2.650   -8.756  1.00 8.67  ? 106 TRP   B CB  1 
ATOM   871  C CG  . TRP   A 1 100 ? 3.403   3.015   -9.780  1.00 8.75  ? 106 TRP   B CG  1 
ATOM   872  C CD1 . TRP   A 1 100 ? 3.244   3.775   -10.901 1.00 10.03 ? 106 TRP   B CD1 1 
ATOM   873  C CD2 . TRP   A 1 100 ? 4.812   2.677   -9.742  1.00 9.11  ? 106 TRP   B CD2 1 
ATOM   874  N NE1 . TRP   A 1 100 ? 4.461   3.979   -11.523 1.00 9.91  ? 106 TRP   B NE1 1 
ATOM   875  C CE2 . TRP   A 1 100 ? 5.425   3.308   -10.837 1.00 10.02 ? 106 TRP   B CE2 1 
ATOM   876  C CE3 . TRP   A 1 100 ? 5.599   1.922   -8.866  1.00 9.67  ? 106 TRP   B CE3 1 
ATOM   877  C CZ2 . TRP   A 1 100 ? 6.814   3.208   -11.057 1.00 11.03 ? 106 TRP   B CZ2 1 
ATOM   878  C CZ3 . TRP   A 1 100 ? 6.957   1.809   -9.120  1.00 11.15 ? 106 TRP   B CZ3 1 
ATOM   879  C CH2 . TRP   A 1 100 ? 7.538   2.471   -10.167 1.00 11.57 ? 106 TRP   B CH2 1 
ATOM   880  N N   . THR   A 1 101 ? 0.612   4.426   -6.063  1.00 8.11  ? 107 THR   B N   1 
ATOM   881  C CA  . THR   A 1 101 ? -0.209  4.373   -4.833  1.00 8.42  ? 107 THR   B CA  1 
ATOM   882  C C   . THR   A 1 101 ? -1.474  5.230   -4.982  1.00 7.86  ? 107 THR   B C   1 
ATOM   883  O O   . THR   A 1 101 ? -1.523  6.174   -5.779  1.00 8.41  ? 107 THR   B O   1 
ATOM   884  C CB  . THR   A 1 101 ? 0.573   4.859   -3.616  1.00 8.87  ? 107 THR   B CB  1 
ATOM   885  O OG1 . THR   A 1 101 ? 0.919   6.234   -3.742  1.00 9.75  ? 107 THR   B OG1 1 
ATOM   886  C CG2 . THR   A 1 101 ? 1.789   4.002   -3.326  1.00 9.03  ? 107 THR   B CG2 1 
ATOM   887  N N   . ILE   A 1 102 ? -2.451  4.903   -4.143  1.00 8.37  ? 108 ILE   B N   1 
ATOM   888  C CA  . ILE   A 1 102 ? -3.621  5.806   -3.854  1.00 8.12  ? 108 ILE   B CA  1 
ATOM   889  C C   . ILE   A 1 102 ? -3.670  5.985   -2.346  1.00 8.28  ? 108 ILE   B C   1 
ATOM   890  O O   . ILE   A 1 102 ? -3.065  5.177   -1.566  1.00 8.86  ? 108 ILE   B O   1 
ATOM   891  C CB  . ILE   A 1 102 ? -4.942  5.261   -4.426  1.00 8.89  ? 108 ILE   B CB  1 
ATOM   892  C CG1 . ILE   A 1 102 ? -5.396  3.977   -3.735  1.00 9.53  ? 108 ILE   B CG1 1 
ATOM   893  C CG2 . ILE   A 1 102 ? -4.787  5.061   -5.938  1.00 9.11  ? 108 ILE   B CG2 1 
ATOM   894  C CD1 . ILE   A 1 102 ? -6.825  3.534   -4.045  1.00 10.58 ? 108 ILE   B CD1 1 
ATOM   895  N N   . TRP   A 1 103 ? -4.456  6.953   -1.924  1.00 8.50  ? 109 TRP   B N   1 
ATOM   896  C CA  . TRP   A 1 103 ? -4.604  7.223   -0.478  1.00 9.32  ? 109 TRP   B CA  1 
ATOM   897  C C   . TRP   A 1 103 ? -5.948  7.803   -0.145  1.00 9.19  ? 109 TRP   B C   1 
ATOM   898  O O   . TRP   A 1 103 ? -6.670  8.376   -0.995  1.00 9.66  ? 109 TRP   B O   1 
ATOM   899  C CB  . TRP   A 1 103 ? -3.490  8.074   0.058   1.00 11.52 ? 109 TRP   B CB  1 
ATOM   900  C CG  . TRP   A 1 103 ? -3.374  9.423   -0.499  1.00 13.12 ? 109 TRP   B CG  1 
ATOM   901  C CD1 . TRP   A 1 103 ? -4.155  10.501  -0.221  1.00 13.22 ? 109 TRP   B CD1 1 
ATOM   902  C CD2 . TRP   A 1 103 ? -2.297  9.888   -1.304  1.00 13.57 ? 109 TRP   B CD2 1 
ATOM   903  N NE1 . TRP   A 1 103 ? -3.640  11.618  -0.807  1.00 16.09 ? 109 TRP   B NE1 1 
ATOM   904  C CE2 . TRP   A 1 103 ? -2.495  11.282  -1.469  1.00 14.27 ? 109 TRP   B CE2 1 
ATOM   905  C CE3 . TRP   A 1 103 ? -1.191  9.276   -1.877  1.00 15.69 ? 109 TRP   B CE3 1 
ATOM   906  C CZ2 . TRP   A 1 103 ? -1.627  12.072  -2.232  1.00 17.66 ? 109 TRP   B CZ2 1 
ATOM   907  C CZ3 . TRP   A 1 103 ? -0.320  10.066  -2.581  1.00 16.83 ? 109 TRP   B CZ3 1 
ATOM   908  C CH2 . TRP   A 1 103 ? -0.541  11.419  -2.758  1.00 16.28 ? 109 TRP   B CH2 1 
ATOM   909  N N   . LEU   A 1 104 ? -6.270  7.701   1.153   1.00 8.98  ? 110 LEU   B N   1 
ATOM   910  C CA  . LEU   A 1 104 ? -7.340  8.455   1.830   1.00 9.17  ? 110 LEU   B CA  1 
ATOM   911  C C   . LEU   A 1 104 ? -6.682  9.436   2.762   1.00 9.12  ? 110 LEU   B C   1 
ATOM   912  O O   . LEU   A 1 104 ? -5.798  9.062   3.542   1.00 9.40  ? 110 LEU   B O   1 
ATOM   913  C CB  . LEU   A 1 104 ? -8.213  7.506   2.615   1.00 9.83  ? 110 LEU   B CB  1 
ATOM   914  C CG  . LEU   A 1 104 ? -9.263  8.166   3.507   1.00 10.34 ? 110 LEU   B CG  1 
ATOM   915  C CD1 . LEU   A 1 104 ? -10.261 9.018   2.730   1.00 10.36 ? 110 LEU   B CD1 1 
ATOM   916  C CD2 . LEU   A 1 104 ? -9.973  7.132   4.337   1.00 11.98 ? 110 LEU   B CD2 1 
ATOM   917  N N   . TRP   A 1 105 ? -7.154  10.687  2.748   1.00 10.50 ? 111 TRP   B N   1 
ATOM   918  C CA  . TRP   A 1 105 ? -6.655  11.755  3.635   1.00 11.01 ? 111 TRP   B CA  1 
ATOM   919  C C   . TRP   A 1 105 ? -7.735  12.821  3.744   1.00 12.51 ? 111 TRP   B C   1 
ATOM   920  O O   . TRP   A 1 105 ? -8.215  13.318  2.712   1.00 12.87 ? 111 TRP   B O   1 
ATOM   921  C CB  . TRP   A 1 105 ? -5.383  12.348  3.048   1.00 14.57 ? 111 TRP   B CB  1 
ATOM   922  C CG  . TRP   A 1 105 ? -4.901  13.564  3.729   1.00 16.77 ? 111 TRP   B CG  1 
ATOM   923  C CD1 . TRP   A 1 105 ? -4.841  14.858  3.271   1.00 18.16 ? 111 TRP   B CD1 1 
ATOM   924  C CD2 . TRP   A 1 105 ? -4.307  13.546  5.020   1.00 17.57 ? 111 TRP   B CD2 1 
ATOM   925  N NE1 . TRP   A 1 105 ? -4.283  15.634  4.230   1.00 18.50 ? 111 TRP   B NE1 1 
ATOM   926  C CE2 . TRP   A 1 105 ? -3.948  14.873  5.316   1.00 16.19 ? 111 TRP   B CE2 1 
ATOM   927  C CE3 . TRP   A 1 105 ? -4.045  12.554  5.974   1.00 16.73 ? 111 TRP   B CE3 1 
ATOM   928  C CZ2 . TRP   A 1 105 ? -3.339  15.249  6.512   1.00 19.62 ? 111 TRP   B CZ2 1 
ATOM   929  C CZ3 . TRP   A 1 105 ? -3.466  12.929  7.174   1.00 20.54 ? 111 TRP   B CZ3 1 
ATOM   930  C CH2 . TRP   A 1 105 ? -3.129  14.256  7.450   1.00 19.80 ? 111 TRP   B CH2 1 
ATOM   931  N N   . GLN   A 1 106 ? -8.169  13.144  4.972   1.00 11.62 ? 112 GLN   B N   1 
ATOM   932  C CA  . GLN   A 1 106 ? -9.108  14.279  5.199   1.00 11.57 ? 112 GLN   B CA  1 
ATOM   933  C C   . GLN   A 1 106 ? -10.308 14.093  4.307   1.00 12.67 ? 112 GLN   B C   1 
ATOM   934  O O   . GLN   A 1 106 ? -10.747 15.109  3.669   1.00 14.41 ? 112 GLN   B O   1 
ATOM   935  C CB  . GLN   A 1 106 ? -8.380  15.604  5.036   1.00 12.88 ? 112 GLN   B CB  1 
ATOM   936  C CG  . GLN   A 1 106 ? -7.283  15.759  6.057   1.00 14.18 ? 112 GLN   B CG  1 
ATOM   937  C CD  . GLN   A 1 106 ? -6.668  17.135  6.143   1.00 15.75 ? 112 GLN   B CD  1 
ATOM   938  O OE1 . GLN   A 1 106 ? -5.949  17.445  7.109   1.00 19.15 ? 112 GLN   B OE1 1 
ATOM   939  N NE2 . GLN   A 1 106 ? -6.943  17.984  5.169   1.00 15.30 ? 112 GLN   B NE2 1 
ATOM   940  N N   . ASP   A 1 107 ? -10.916 12.944  4.344   1.00 13.64 ? 113 ASP   B N   1 
ATOM   941  C CA  . ASP   A 1 107 ? -12.223 12.699  3.740   1.00 16.83 ? 113 ASP   B CA  1 
ATOM   942  C C   . ASP   A 1 107 ? -12.184 12.776  2.205   1.00 17.60 ? 113 ASP   B C   1 
ATOM   943  O O   . ASP   A 1 107 ? -13.303 12.755  1.607   1.00 24.62 ? 113 ASP   B O   1 
ATOM   944  C CB  . ASP   A 1 107 ? -13.208 13.723  4.314   1.00 20.18 ? 113 ASP   B CB  1 
ATOM   945  C CG  . ASP   A 1 107 ? -14.642 13.351  4.152   1.00 27.32 ? 113 ASP   B CG  1 
ATOM   946  O OD1 . ASP   A 1 107 ? -14.983 12.151  4.299   1.00 30.27 ? 113 ASP   B OD1 1 
ATOM   947  O OD2 . ASP   A 1 107 ? -15.429 14.309  3.924   1.00 34.42 ? 113 ASP   B OD2 1 
ATOM   948  N N   . SER   A 1 108 ? -11.011 12.726  1.577   1.00 13.81 ? 114 SER   B N   1 
ATOM   949  C CA  . SER   A 1 108 ? -10.916 12.630  0.091   1.00 15.45 ? 114 SER   B CA  1 
ATOM   950  C C   . SER   A 1 108 ? -9.907  11.555  -0.290  1.00 13.00 ? 114 SER   B C   1 
ATOM   951  O O   . SER   A 1 108 ? -8.906  11.274  0.445   1.00 13.03 ? 114 SER   B O   1 
ATOM   952  C CB  . SER   A 1 108 ? -10.710 13.985  -0.508  1.00 18.61 ? 114 SER   B CB  1 
ATOM   953  O OG  . SER   A 1 108 ? -9.415  14.418  -0.342  1.00 26.30 ? 114 SER   B OG  1 
ATOM   954  N N   . TYR   A 1 109 ? -10.143 10.961  -1.435  1.00 11.23 ? 115 TYR   B N   1 
ATOM   955  C CA  . TYR   A 1 109 ? -9.266  9.935   -2.051  1.00 10.71 ? 115 TYR   B CA  1 
ATOM   956  C C   . TYR   A 1 109 ? -8.482  10.553  -3.187  1.00 10.39 ? 115 TYR   B C   1 
ATOM   957  O O   . TYR   A 1 109 ? -9.049  11.305  -4.008  1.00 11.16 ? 115 TYR   B O   1 
ATOM   958  C CB  . TYR   A 1 109 ? -10.089 8.750   -2.506  1.00 11.00 ? 115 TYR   B CB  1 
ATOM   959  C CG  . TYR   A 1 109 ? -10.873 8.060   -1.403  1.00 11.29 ? 115 TYR   B CG  1 
ATOM   960  C CD1 . TYR   A 1 109 ? -12.160 8.459   -1.050  1.00 11.96 ? 115 TYR   B CD1 1 
ATOM   961  C CD2 . TYR   A 1 109 ? -10.340 6.977   -0.735  1.00 10.88 ? 115 TYR   B CD2 1 
ATOM   962  C CE1 . TYR   A 1 109 ? -12.880 7.783   -0.067  1.00 12.41 ? 115 TYR   B CE1 1 
ATOM   963  C CE2 . TYR   A 1 109 ? -11.032 6.325   0.275   1.00 11.14 ? 115 TYR   B CE2 1 
ATOM   964  C CZ  . TYR   A 1 109 ? -12.314 6.719   0.595   1.00 11.35 ? 115 TYR   B CZ  1 
ATOM   965  O OH  . TYR   A 1 109 ? -13.062 6.148   1.612   1.00 12.84 ? 115 TYR   B OH  1 
ATOM   966  N N   A GLU   A 1 110 ? -7.186  10.242  -3.275  0.25 10.11 ? 116 GLU   B N   1 
ATOM   967  N N   B GLU   A 1 110 ? -7.175  10.266  -3.244  0.25 10.15 ? 116 GLU   B N   1 
ATOM   968  C CA  A GLU   A 1 110 ? -6.309  10.789  -4.341  0.25 10.36 ? 116 GLU   B CA  1 
ATOM   969  C CA  B GLU   A 1 110 ? -6.251  10.785  -4.284  0.25 10.37 ? 116 GLU   B CA  1 
ATOM   970  C C   A GLU   A 1 110 ? -5.309  9.735   -4.814  0.25 9.17  ? 116 GLU   B C   1 
ATOM   971  C C   B GLU   A 1 110 ? -5.405  9.634   -4.846  0.25 9.03  ? 116 GLU   B C   1 
ATOM   972  O O   A GLU   A 1 110 ? -4.830  8.938   -4.010  0.25 9.18  ? 116 GLU   B O   1 
ATOM   973  O O   B GLU   A 1 110 ? -5.179  8.603   -4.148  0.25 8.47  ? 116 GLU   B O   1 
ATOM   974  C CB  A GLU   A 1 110 ? -5.561  12.023  -3.859  0.25 11.75 ? 116 GLU   B CB  1 
ATOM   975  C CB  B GLU   A 1 110 ? -5.356  11.888  -3.723  0.25 11.99 ? 116 GLU   B CB  1 
ATOM   976  C CG  A GLU   A 1 110 ? -6.472  13.160  -3.413  0.25 13.71 ? 116 GLU   B CG  1 
ATOM   977  C CG  B GLU   A 1 110 ? -6.109  13.107  -3.196  0.25 14.30 ? 116 GLU   B CG  1 
ATOM   978  C CD  A GLU   A 1 110 ? -5.701  14.336  -2.840  0.25 15.28 ? 116 GLU   B CD  1 
ATOM   979  C CD  B GLU   A 1 110 ? -6.464  14.163  -4.233  0.25 15.21 ? 116 GLU   B CD  1 
ATOM   980  O OE1 A GLU   A 1 110 ? -4.692  14.105  -2.149  0.25 18.26 ? 116 GLU   B OE1 1 
ATOM   981  O OE1 B GLU   A 1 110 ? -5.822  14.198  -5.307  0.25 19.27 ? 116 GLU   B OE1 1 
ATOM   982  O OE2 A GLU   A 1 110 ? -6.111  15.488  -3.095  0.25 16.11 ? 116 GLU   B OE2 1 
ATOM   983  O OE2 B GLU   A 1 110 ? -7.351  14.983  -3.946  0.25 20.23 ? 116 GLU   B OE2 1 
ATOM   984  N N   . ALA   A 1 111 ? -4.951  9.802   -6.094  1.00 9.20  ? 117 ALA   B N   1 
ATOM   985  C CA  . ALA   A 1 111 ? -3.869  8.973   -6.648  1.00 9.37  ? 117 ALA   B CA  1 
ATOM   986  C C   . ALA   A 1 111 ? -2.568  9.718   -6.506  1.00 9.73  ? 117 ALA   B C   1 
ATOM   987  O O   . ALA   A 1 111 ? -2.492  10.941  -6.737  1.00 9.85  ? 117 ALA   B O   1 
ATOM   988  C CB  . ALA   A 1 111 ? -4.124  8.628   -8.117  1.00 9.62  ? 117 ALA   B CB  1 
ATOM   989  N N   . GLY   A 1 112 ? -1.505  8.978   -6.156  1.00 9.93  ? 118 GLY   B N   1 
ATOM   990  C CA  . GLY   A 1 112 ? -0.152  9.507   -5.942  1.00 11.11 ? 118 GLY   B CA  1 
ATOM   991  C C   . GLY   A 1 112 ? 0.582   9.776   -7.222  1.00 11.07 ? 118 GLY   B C   1 
ATOM   992  O O   . GLY   A 1 112 ? 1.681   9.308   -7.457  1.00 13.91 ? 118 GLY   B O   1 
ATOM   993  N N   . THR   A 1 113 ? 0.021   10.538  -8.139  1.00 12.98 ? 119 THR   B N   1 
ATOM   994  C CA  . THR   A 1 113 ? 0.741   11.184  -9.241  1.00 14.42 ? 119 THR   B CA  1 
ATOM   995  C C   . THR   A 1 113 ? 1.424   12.448  -8.733  1.00 14.23 ? 119 THR   B C   1 
ATOM   996  O O   . THR   A 1 113 ? 1.145   12.862  -7.623  1.00 16.61 ? 119 THR   B O   1 
ATOM   997  C CB  . THR   A 1 113 ? -0.269  11.467  -10.329 1.00 12.32 ? 119 THR   B CB  1 
ATOM   998  O OG1 . THR   A 1 113 ? -1.378  12.231  -9.807  1.00 12.53 ? 119 THR   B OG1 1 
ATOM   999  C CG2 . THR   A 1 113 ? -0.824  10.241  -10.972 1.00 13.75 ? 119 THR   B CG2 1 
ATOM   1000 N N   . SER   A 1 114 ? 2.228   13.108  -9.573  1.00 18.05 ? 120 SER   B N   1 
ATOM   1001 C CA  . SER   A 1 114 ? 2.856   14.392  -9.196  1.00 21.13 ? 120 SER   B CA  1 
ATOM   1002 C C   . SER   A 1 114 ? 2.487   15.452  -10.235 1.00 22.18 ? 120 SER   B C   1 
ATOM   1003 O O   . SER   A 1 114 ? 2.882   15.353  -11.401 1.00 23.69 ? 120 SER   B O   1 
ATOM   1004 C CB  . SER   A 1 114 ? 4.365   14.245  -8.990  1.00 25.62 ? 120 SER   B CB  1 
ATOM   1005 O OG  . SER   A 1 114 ? 4.928   15.494  -8.575  1.00 29.68 ? 120 SER   B OG  1 
ATOM   1006 N N   . PRO   A 1 115 ? 1.575   16.390  -9.903  1.00 19.76 ? 121 PRO   B N   1 
ATOM   1007 C CA  . PRO   A 1 115 ? 0.896   16.478  -8.617  1.00 19.47 ? 121 PRO   B CA  1 
ATOM   1008 C C   . PRO   A 1 115 ? -0.226  15.427  -8.503  1.00 15.83 ? 121 PRO   B C   1 
ATOM   1009 O O   . PRO   A 1 115 ? -0.602  14.787  -9.477  1.00 15.05 ? 121 PRO   B O   1 
ATOM   1010 C CB  . PRO   A 1 115 ? 0.317   17.892  -8.600  1.00 22.92 ? 121 PRO   B CB  1 
ATOM   1011 C CG  . PRO   A 1 115 ? 0.013   18.144  -10.043 1.00 22.99 ? 121 PRO   B CG  1 
ATOM   1012 C CD  . PRO   A 1 115 ? 1.104   17.436  -10.834 1.00 22.38 ? 121 PRO   B CD  1 
ATOM   1013 N N   . GLN   A 1 116 ? -0.773  15.275  -7.317  1.00 14.74 ? 122 GLN   B N   1 
ATOM   1014 C CA  . GLN   A 1 116 ? -1.788  14.229  -7.028  1.00 13.83 ? 122 GLN   B CA  1 
ATOM   1015 C C   . GLN   A 1 116 ? -3.085  14.459  -7.820  1.00 12.03 ? 122 GLN   B C   1 
ATOM   1016 O O   . GLN   A 1 116 ? -3.392  15.609  -8.181  1.00 13.85 ? 122 GLN   B O   1 
ATOM   1017 C CB  . GLN   A 1 116 ? -2.049  14.094  -5.530  1.00 18.28 ? 122 GLN   B CB  1 
ATOM   1018 C CG  . GLN   A 1 116 ? -2.794  15.248  -4.916  1.00 26.14 ? 122 GLN   B CG  1 
ATOM   1019 C CD  . GLN   A 1 116 ? -1.898  16.136  -4.095  1.00 35.50 ? 122 GLN   B CD  1 
ATOM   1020 O OE1 . GLN   A 1 116 ? -0.796  16.515  -4.504  1.00 41.12 ? 122 GLN   B OE1 1 
ATOM   1021 N NE2 . GLN   A 1 116 ? -2.407  16.505  -2.934  1.00 43.56 ? 122 GLN   B NE2 1 
ATOM   1022 N N   . THR   A 1 117 ? -3.803  13.393  -8.040  1.00 10.59 ? 123 THR   B N   1 
ATOM   1023 C CA  . THR   A 1 117 ? -5.031  13.385  -8.857  1.00 10.74 ? 123 THR   B CA  1 
ATOM   1024 C C   . THR   A 1 117 ? -6.220  13.042  -7.980  1.00 10.97 ? 123 THR   B C   1 
ATOM   1025 O O   . THR   A 1 117 ? -6.234  12.005  -7.330  1.00 11.97 ? 123 THR   B O   1 
ATOM   1026 C CB  . THR   A 1 117 ? -4.896  12.394  -10.022 1.00 10.25 ? 123 THR   B CB  1 
ATOM   1027 O OG1 . THR   A 1 117 ? -3.776  12.756  -10.829 1.00 11.70 ? 123 THR   B OG1 1 
ATOM   1028 C CG2 . THR   A 1 117 ? -6.149  12.357  -10.859 1.00 11.43 ? 123 THR   B CG2 1 
ATOM   1029 N N   . THR   A 1 118 ? -7.268  13.856  -8.046  1.00 11.21 ? 124 THR   B N   1 
ATOM   1030 C CA  . THR   A 1 118 ? -8.534  13.599  -7.353  1.00 11.67 ? 124 THR   B CA  1 
ATOM   1031 C C   . THR   A 1 118 ? -9.198  12.321  -7.849  1.00 11.45 ? 124 THR   B C   1 
ATOM   1032 O O   . THR   A 1 118 ? -9.299  12.115  -9.096  1.00 13.17 ? 124 THR   B O   1 
ATOM   1033 C CB  . THR   A 1 118 ? -9.441  14.817  -7.602  1.00 14.24 ? 124 THR   B CB  1 
ATOM   1034 O OG1 . THR   A 1 118 ? -8.836  15.961  -6.995  1.00 17.13 ? 124 THR   B OG1 1 
ATOM   1035 C CG2 . THR   A 1 118 ? -10.852 14.548  -7.116  1.00 17.21 ? 124 THR   B CG2 1 
ATOM   1036 N N   . LEU   A 1 119 ? -9.642  11.457  -6.961  1.00 10.35 ? 125 LEU   B N   1 
ATOM   1037 C CA  . LEU   A 1 119 ? -10.404 10.262  -7.287  1.00 9.94  ? 125 LEU   B CA  1 
ATOM   1038 C C   . LEU   A 1 119 ? -11.893 10.538  -7.042  1.00 11.64 ? 125 LEU   B C   1 
ATOM   1039 O O   . LEU   A 1 119 ? -12.245 11.468  -6.277  1.00 15.11 ? 125 LEU   B O   1 
ATOM   1040 C CB  . LEU   A 1 119 ? -9.958  9.031   -6.480  1.00 10.02 ? 125 LEU   B CB  1 
ATOM   1041 C CG  . LEU   A 1 119 ? -8.479  8.688   -6.657  1.00 9.68  ? 125 LEU   B CG  1 
ATOM   1042 C CD1 . LEU   A 1 119 ? -8.044  7.573   -5.729  1.00 10.57 ? 125 LEU   B CD1 1 
ATOM   1043 C CD2 . LEU   A 1 119 ? -8.166  8.329   -8.108  1.00 10.70 ? 125 LEU   B CD2 1 
ATOM   1044 N N   . HIS   A 1 120 ? -12.745 9.825   -7.743  1.00 11.05 ? 126 HIS   B N   1 
ATOM   1045 C CA  . HIS   A 1 120 ? -14.227 10.011  -7.727  1.00 11.96 ? 126 HIS   B CA  1 
ATOM   1046 C C   . HIS   A 1 120 ? -14.822 8.723   -7.190  1.00 13.67 ? 126 HIS   B C   1 
ATOM   1047 O O   . HIS   A 1 120 ? -14.978 7.731   -7.930  1.00 17.77 ? 126 HIS   B O   1 
ATOM   1048 C CB  . HIS   A 1 120 ? -14.735 10.344  -9.153  1.00 12.78 ? 126 HIS   B CB  1 
ATOM   1049 C CG  . HIS   A 1 120 ? -14.157 11.591  -9.708  1.00 12.63 ? 126 HIS   B CG  1 
ATOM   1050 N ND1 . HIS   A 1 120 ? -13.067 11.567  -10.568 1.00 14.75 ? 126 HIS   B ND1 1 
ATOM   1051 C CD2 . HIS   A 1 120 ? -14.460 12.871  -9.520  1.00 14.52 ? 126 HIS   B CD2 1 
ATOM   1052 C CE1 . HIS   A 1 120 ? -12.768 12.806  -10.889 1.00 16.01 ? 126 HIS   B CE1 1 
ATOM   1053 N NE2 . HIS   A 1 120 ? -13.601 13.631  -10.281 1.00 15.17 ? 126 HIS   B NE2 1 
ATOM   1054 N N   . ILE   A 1 121 ? -15.089 8.671   -5.902  1.00 15.89 ? 127 ILE   B N   1 
ATOM   1055 C CA  . ILE   A 1 121 ? -15.584 7.448   -5.213  1.00 18.20 ? 127 ILE   B CA  1 
ATOM   1056 C C   . ILE   A 1 121 ? -16.919 7.818   -4.524  1.00 17.52 ? 127 ILE   B C   1 
ATOM   1057 O O   . ILE   A 1 121 ? -16.971 8.727   -3.691  1.00 23.94 ? 127 ILE   B O   1 
ATOM   1058 C CB  . ILE   A 1 121 ? -14.517 6.902   -4.232  1.00 19.07 ? 127 ILE   B CB  1 
ATOM   1059 C CG1 . ILE   A 1 121 ? -13.220 6.511   -4.968  1.00 18.11 ? 127 ILE   B CG1 1 
ATOM   1060 C CG2 . ILE   A 1 121 ? -15.131 5.761   -3.422  1.00 23.54 ? 127 ILE   B CG2 1 
ATOM   1061 C CD1 . ILE   A 1 121 ? -12.125 5.899   -4.115  1.00 17.87 ? 127 ILE   B CD1 1 
ATOM   1062 N N   . GLN   A 1 122 ? -17.985 7.205   -4.976  1.00 20.19 ? 128 GLN   B N   1 
ATOM   1063 C CA  . GLN   A 1 122 ? -19.359 7.450   -4.445  1.00 21.14 ? 128 GLN   B CA  1 
ATOM   1064 C C   . GLN   A 1 122 ? -19.596 6.570   -3.214  1.00 21.07 ? 128 GLN   B C   1 
ATOM   1065 O O   . GLN   A 1 122 ? -20.305 7.022   -2.275  1.00 21.36 ? 128 GLN   B O   1 
ATOM   1066 C CB  . GLN   A 1 122 ? -20.377 7.115   -5.545  1.00 24.63 ? 128 GLN   B CB  1 
ATOM   1067 C CG  . GLN   A 1 122 ? -21.843 7.281   -5.143  1.00 31.01 ? 128 GLN   B CG  1 
ATOM   1068 C CD  . GLN   A 1 122 ? -22.216 8.692   -4.736  1.00 35.49 ? 128 GLN   B CD  1 
ATOM   1069 O OE1 . GLN   A 1 122 ? -21.619 9.674   -5.174  1.00 43.55 ? 128 GLN   B OE1 1 
ATOM   1070 N NE2 . GLN   A 1 122 ? -23.228 8.804   -3.887  1.00 39.69 ? 128 GLN   B NE2 1 
ATOM   1071 N N   . VAL   A 1 123 ? -19.025 5.372   -3.194  1.00 18.04 ? 129 VAL   B N   1 
ATOM   1072 C CA  . VAL   A 1 123 ? -19.198 4.364   -2.094  1.00 16.94 ? 129 VAL   B CA  1 
ATOM   1073 C C   . VAL   A 1 123 ? -17.872 4.194   -1.360  1.00 16.56 ? 129 VAL   B C   1 
ATOM   1074 O O   . VAL   A 1 123 ? -16.961 3.559   -1.928  1.00 14.99 ? 129 VAL   B O   1 
ATOM   1075 C CB  . VAL   A 1 123 ? -19.664 3.013   -2.642  1.00 18.14 ? 129 VAL   B CB  1 
ATOM   1076 C CG1 . VAL   A 1 123 ? -19.771 1.949   -1.530  1.00 19.26 ? 129 VAL   B CG1 1 
ATOM   1077 C CG2 . VAL   A 1 123 ? -21.009 3.149   -3.354  1.00 20.60 ? 129 VAL   B CG2 1 
ATOM   1078 N N   . PRO   A 1 124 ? -17.633 4.832   -0.196  1.00 15.01 ? 130 PRO   B N   1 
ATOM   1079 C CA  . PRO   A 1 124 ? -16.329 4.700   0.466   1.00 15.63 ? 130 PRO   B CA  1 
ATOM   1080 C C   . PRO   A 1 124 ? -15.952 3.244   0.621   1.00 14.51 ? 130 PRO   B C   1 
ATOM   1081 O O   . PRO   A 1 124 ? -16.709 2.415   1.107   1.00 15.37 ? 130 PRO   B O   1 
ATOM   1082 C CB  . PRO   A 1 124 ? -16.580 5.352   1.834   1.00 18.26 ? 130 PRO   B CB  1 
ATOM   1083 C CG  . PRO   A 1 124 ? -17.642 6.409   1.510   1.00 19.36 ? 130 PRO   B CG  1 
ATOM   1084 C CD  . PRO   A 1 124 ? -18.557 5.727   0.548   1.00 17.87 ? 130 PRO   B CD  1 
ATOM   1085 N N   . PRO   A 1 125 ? -14.767 2.823   0.137   1.00 13.44 ? 131 PRO   B N   1 
ATOM   1086 C CA  . PRO   A 1 125 ? -14.400 1.421   0.190   1.00 13.05 ? 131 PRO   B CA  1 
ATOM   1087 C C   . PRO   A 1 125 ? -14.037 0.958   1.606   1.00 12.68 ? 131 PRO   B C   1 
ATOM   1088 O O   . PRO   A 1 125 ? -13.336 1.639   2.322   1.00 13.54 ? 131 PRO   B O   1 
ATOM   1089 C CB  . PRO   A 1 125 ? -13.208 1.314   -0.788  1.00 13.79 ? 131 PRO   B CB  1 
ATOM   1090 C CG  . PRO   A 1 125 ? -12.689 2.700   -0.887  1.00 15.48 ? 131 PRO   B CG  1 
ATOM   1091 C CD  . PRO   A 1 125 ? -13.852 3.633   -0.692  1.00 13.80 ? 131 PRO   B CD  1 
ATOM   1092 N N   . CYS   A 1 126 ? -14.463 -0.259  1.900   1.00 12.40 ? 132 CYS   B N   1 
ATOM   1093 C CA  . CYS   A 1 126 ? -13.951 -1.012  3.074   1.00 12.50 ? 132 CYS   B CA  1 
ATOM   1094 C C   . CYS   A 1 126 ? -12.859 -1.998  2.682   1.00 12.10 ? 132 CYS   B C   1 
ATOM   1095 O O   . CYS   A 1 126 ? -12.093 -2.440  3.529   1.00 11.67 ? 132 CYS   B O   1 
ATOM   1096 C CB  . CYS   A 1 126 ? -15.063 -1.752  3.794   1.00 15.26 ? 132 CYS   B CB  1 
ATOM   1097 S SG  . CYS   A 1 126 ? -16.363 -0.651  4.429   1.00 22.27 ? 132 CYS   B SG  1 
ATOM   1098 N N   A GLN   A 1 127 ? -12.828 -2.457  1.421   0.25 11.93 ? 133 GLN   B N   1 
ATOM   1099 N N   B GLN   A 1 127 ? -12.757 -2.244  1.378   0.25 12.40 ? 133 GLN   B N   1 
ATOM   1100 C CA  A GLN   A 1 127 ? -11.696 -3.280  0.897   0.25 12.19 ? 133 GLN   B CA  1 
ATOM   1101 C CA  B GLN   A 1 127 ? -11.802 -3.222  0.819   0.25 13.30 ? 133 GLN   B CA  1 
ATOM   1102 C C   A GLN   A 1 127 ? -11.336 -2.810  -0.518  0.25 11.12 ? 133 GLN   B C   1 
ATOM   1103 C C   B GLN   A 1 127 ? -11.326 -2.671  -0.525  0.25 11.75 ? 133 GLN   B C   1 
ATOM   1104 O O   A GLN   A 1 127 ? -12.265 -2.524  -1.323  0.25 10.19 ? 133 GLN   B O   1 
ATOM   1105 O O   B GLN   A 1 127 ? -12.139 -2.074  -1.255  0.25 10.75 ? 133 GLN   B O   1 
ATOM   1106 C CB  A GLN   A 1 127 ? -11.957 -4.791  0.834   0.25 13.41 ? 133 GLN   B CB  1 
ATOM   1107 C CB  B GLN   A 1 127 ? -12.467 -4.592  0.717   0.25 15.83 ? 133 GLN   B CB  1 
ATOM   1108 C CG  A GLN   A 1 127 ? -12.286 -5.473  2.155   0.25 14.74 ? 133 GLN   B CG  1 
ATOM   1109 C CG  B GLN   A 1 127 ? -12.806 -5.213  2.061   0.25 17.94 ? 133 GLN   B CG  1 
ATOM   1110 C CD  A GLN   A 1 127 ? -13.767 -5.458  2.443   0.25 16.38 ? 133 GLN   B CD  1 
ATOM   1111 C CD  B GLN   A 1 127 ? -12.909 -6.717  2.006   0.25 20.65 ? 133 GLN   B CD  1 
ATOM   1112 O OE1 A GLN   A 1 127 ? -14.587 -5.535  1.534   0.25 16.64 ? 133 GLN   B OE1 1 
ATOM   1113 O OE1 B GLN   A 1 127 ? -12.857 -7.325  0.940   0.25 24.58 ? 133 GLN   B OE1 1 
ATOM   1114 N NE2 A GLN   A 1 127 ? -14.119 -5.317  3.713   0.25 16.46 ? 133 GLN   B NE2 1 
ATOM   1115 N NE2 B GLN   A 1 127 ? -13.068 -7.325  3.164   0.25 23.37 ? 133 GLN   B NE2 1 
ATOM   1116 N N   . ILE   A 1 128 ? -10.021 -2.772  -0.769  1.00 10.93 ? 134 ILE   B N   1 
ATOM   1117 C CA  . ILE   A 1 128 ? -9.371  -2.268  -2.010  1.00 10.80 ? 134 ILE   B CA  1 
ATOM   1118 C C   . ILE   A 1 128 ? -8.721  -3.485  -2.676  1.00 10.74 ? 134 ILE   B C   1 
ATOM   1119 O O   . ILE   A 1 128 ? -7.958  -4.236  -2.008  1.00 10.69 ? 134 ILE   B O   1 
ATOM   1120 C CB  . ILE   A 1 128 ? -8.318  -1.199  -1.671  1.00 11.36 ? 134 ILE   B CB  1 
ATOM   1121 C CG1 . ILE   A 1 128 ? -8.861  0.041   -0.928  1.00 13.93 ? 134 ILE   B CG1 1 
ATOM   1122 C CG2 . ILE   A 1 128 ? -7.563  -0.784  -2.951  1.00 11.83 ? 134 ILE   B CG2 1 
ATOM   1123 C CD1 . ILE   A 1 128 ? -9.721  0.878   -1.762  1.00 13.23 ? 134 ILE   B CD1 1 
ATOM   1124 N N   . GLY   A 1 129 ? -8.942  -3.666  -3.988  1.00 10.46 ? 135 GLY   B N   1 
ATOM   1125 C CA  . GLY   A 1 129 ? -8.197  -4.633  -4.803  1.00 10.09 ? 135 GLY   B CA  1 
ATOM   1126 C C   . GLY   A 1 129 ? -7.105  -3.937  -5.580  1.00 10.00 ? 135 GLY   B C   1 
ATOM   1127 O O   . GLY   A 1 129 ? -7.302  -2.833  -6.089  1.00 10.43 ? 135 GLY   B O   1 
ATOM   1128 N N   . ILE   A 1 130 ? -5.924  -4.558  -5.638  1.00 10.11 ? 136 ILE   B N   1 
ATOM   1129 C CA  . ILE   A 1 130 ? -4.734  -4.008  -6.341  1.00 9.82  ? 136 ILE   B CA  1 
ATOM   1130 C C   . ILE   A 1 130 ? -4.269  -5.037  -7.362  1.00 10.43 ? 136 ILE   B C   1 
ATOM   1131 O O   . ILE   A 1 130 ? -4.050  -6.205  -7.024  1.00 10.45 ? 136 ILE   B O   1 
ATOM   1132 C CB  . ILE   A 1 130 ? -3.620  -3.709  -5.326  1.00 10.68 ? 136 ILE   B CB  1 
ATOM   1133 C CG1 . ILE   A 1 130 ? -4.114  -2.721  -4.276  1.00 11.59 ? 136 ILE   B CG1 1 
ATOM   1134 C CG2 . ILE   A 1 130 ? -2.377  -3.165  -6.033  1.00 11.71 ? 136 ILE   B CG2 1 
ATOM   1135 C CD1 . ILE   A 1 130 ? -3.156  -2.467  -3.201  1.00 14.55 ? 136 ILE   B CD1 1 
ATOM   1136 N N   . PHE   A 1 131 ? -4.217  -4.592  -8.612  1.00 10.00 ? 137 PHE   B N   1 
ATOM   1137 C CA  . PHE   A 1 131 ? -3.789  -5.433  -9.751  1.00 9.58  ? 137 PHE   B CA  1 
ATOM   1138 C C   . PHE   A 1 131 ? -2.540  -4.827  -10.356 1.00 9.12  ? 137 PHE   B C   1 
ATOM   1139 O O   . PHE   A 1 131 ? -2.514  -3.641  -10.678 1.00 9.99  ? 137 PHE   B O   1 
ATOM   1140 C CB  . PHE   A 1 131 ? -4.888  -5.479  -10.805 1.00 10.48 ? 137 PHE   B CB  1 
ATOM   1141 C CG  . PHE   A 1 131 ? -4.519  -6.232  -12.052 1.00 12.17 ? 137 PHE   B CG  1 
ATOM   1142 C CD1 . PHE   A 1 131 ? -4.325  -7.590  -12.009 1.00 13.35 ? 137 PHE   B CD1 1 
ATOM   1143 C CD2 . PHE   A 1 131 ? -4.390  -5.591  -13.266 1.00 13.73 ? 137 PHE   B CD2 1 
ATOM   1144 C CE1 . PHE   A 1 131 ? -3.990  -8.291  -13.170 1.00 15.70 ? 137 PHE   B CE1 1 
ATOM   1145 C CE2 . PHE   A 1 131 ? -4.025  -6.284  -14.422 1.00 15.61 ? 137 PHE   B CE2 1 
ATOM   1146 C CZ  . PHE   A 1 131 ? -3.847  -7.632  -14.352 1.00 14.83 ? 137 PHE   B CZ  1 
ATOM   1147 N N   . VAL   A 1 132 ? -1.526  -5.664  -10.577 1.00 9.73  ? 138 VAL   B N   1 
ATOM   1148 C CA  . VAL   A 1 132 ? -0.253  -5.288  -11.246 1.00 10.10 ? 138 VAL   B CA  1 
ATOM   1149 C C   . VAL   A 1 132 ? -0.051  -6.198  -12.451 1.00 9.43  ? 138 VAL   B C   1 
ATOM   1150 O O   . VAL   A 1 132 ? -0.066  -7.422  -12.315 1.00 11.00 ? 138 VAL   B O   1 
ATOM   1151 C CB  . VAL   A 1 132 ? 0.933   -5.352  -10.283 1.00 10.41 ? 138 VAL   B CB  1 
ATOM   1152 C CG1 . VAL   A 1 132 ? 2.216   -4.982  -10.995 1.00 12.35 ? 138 VAL   B CG1 1 
ATOM   1153 C CG2 . VAL   A 1 132 ? 0.710   -4.472  -9.048  1.00 12.39 ? 138 VAL   B CG2 1 
ATOM   1154 N N   . ASP   A 1 133 ? 0.131   -5.561  -13.594 1.00 9.79  ? 139 ASP   B N   1 
ATOM   1155 C CA  . ASP   A 1 133 ? 0.575   -6.277  -14.824 1.00 11.33 ? 139 ASP   B CA  1 
ATOM   1156 C C   . ASP   A 1 133 ? 1.977   -5.775  -15.145 1.00 10.05 ? 139 ASP   B C   1 
ATOM   1157 O O   . ASP   A 1 133 ? 2.142   -4.656  -15.636 1.00 10.53 ? 139 ASP   B O   1 
ATOM   1158 C CB  . ASP   A 1 133 ? -0.402  -6.104  -15.963 1.00 12.32 ? 139 ASP   B CB  1 
ATOM   1159 C CG  . ASP   A 1 133 ? -0.037  -6.865  -17.247 1.00 14.12 ? 139 ASP   B CG  1 
ATOM   1160 O OD1 . ASP   A 1 133 ? 1.148   -7.195  -17.444 1.00 14.66 ? 139 ASP   B OD1 1 
ATOM   1161 O OD2 . ASP   A 1 133 ? -1.025  -7.085  -18.012 1.00 18.15 ? 139 ASP   B OD2 1 
ATOM   1162 N N   . TYR   A 1 134 ? 2.986   -6.575  -14.788 1.00 10.80 ? 140 TYR   B N   1 
ATOM   1163 C CA  . TYR   A 1 134 ? 4.376   -6.100  -14.896 1.00 11.34 ? 140 TYR   B CA  1 
ATOM   1164 C C   . TYR   A 1 134 ? 4.744   -5.756  -16.350 1.00 11.27 ? 140 TYR   B C   1 
ATOM   1165 O O   . TYR   A 1 134 ? 5.224   -4.705  -16.668 1.00 12.56 ? 140 TYR   B O   1 
ATOM   1166 C CB  . TYR   A 1 134 ? 5.365   -7.108  -14.280 1.00 11.21 ? 140 TYR   B CB  1 
ATOM   1167 C CG  . TYR   A 1 134 ? 6.704   -6.457  -14.011 1.00 11.65 ? 140 TYR   B CG  1 
ATOM   1168 C CD1 . TYR   A 1 134 ? 7.606   -6.197  -15.029 1.00 12.01 ? 140 TYR   B CD1 1 
ATOM   1169 C CD2 . TYR   A 1 134 ? 7.057   -6.031  -12.733 1.00 11.32 ? 140 TYR   B CD2 1 
ATOM   1170 C CE1 . TYR   A 1 134 ? 8.789   -5.532  -14.807 1.00 11.16 ? 140 TYR   B CE1 1 
ATOM   1171 C CE2 . TYR   A 1 134 ? 8.247   -5.375  -12.485 1.00 11.70 ? 140 TYR   B CE2 1 
ATOM   1172 C CZ  . TYR   A 1 134 ? 9.128   -5.099  -13.520 1.00 10.81 ? 140 TYR   B CZ  1 
ATOM   1173 O OH  . TYR   A 1 134 ? 10.291  -4.415  -13.307 1.00 11.60 ? 140 TYR   B OH  1 
ATOM   1174 N N   . GLU   A 1 135 ? 4.426   -6.678  -17.225 1.00 13.18 ? 141 GLU   B N   1 
ATOM   1175 C CA  . GLU   A 1 135 ? 4.845   -6.548  -18.652 1.00 13.88 ? 141 GLU   B CA  1 
ATOM   1176 C C   . GLU   A 1 135 ? 4.129   -5.377  -19.290 1.00 13.76 ? 141 GLU   B C   1 
ATOM   1177 O O   . GLU   A 1 135 ? 4.777   -4.593  -19.993 1.00 16.03 ? 141 GLU   B O   1 
ATOM   1178 C CB  . GLU   A 1 135 ? 4.577   -7.833  -19.422 1.00 15.97 ? 141 GLU   B CB  1 
ATOM   1179 C CG  . GLU   A 1 135 ? 5.730   -8.833  -19.248 1.00 23.28 ? 141 GLU   B CG  1 
ATOM   1180 C CD  . GLU   A 1 135 ? 5.886   -9.368  -17.877 1.00 27.52 ? 141 GLU   B CD  1 
ATOM   1181 O OE1 . GLU   A 1 135 ? 6.989   -9.534  -17.475 1.00 24.80 ? 141 GLU   B OE1 1 
ATOM   1182 O OE2 . GLU   A 1 135 ? 4.853   -9.593  -17.202 1.00 29.08 ? 141 GLU   B OE2 1 
ATOM   1183 N N   . ALA   A 1 136 ? 2.848   -5.189  -19.012 1.00 12.11 ? 142 ALA   B N   1 
ATOM   1184 C CA  . ALA   A 1 136 ? 2.066   -4.104  -19.602 1.00 13.09 ? 142 ALA   B CA  1 
ATOM   1185 C C   . ALA   A 1 136 ? 2.400   -2.751  -18.970 1.00 13.43 ? 142 ALA   B C   1 
ATOM   1186 O O   . ALA   A 1 136 ? 2.066   -1.708  -19.565 1.00 15.83 ? 142 ALA   B O   1 
ATOM   1187 C CB  . ALA   A 1 136 ? 0.593   -4.396  -19.475 1.00 15.34 ? 142 ALA   B CB  1 
ATOM   1188 N N   . GLY   A 1 137 ? 3.035   -2.696  -17.806 1.00 11.48 ? 143 GLY   B N   1 
ATOM   1189 C CA  . GLY   A 1 137 ? 3.274   -1.443  -17.091 1.00 11.17 ? 143 GLY   B CA  1 
ATOM   1190 C C   . GLY   A 1 137 ? 1.982   -0.822  -16.536 1.00 9.72  ? 143 GLY   B C   1 
ATOM   1191 O O   . GLY   A 1 137 ? 1.759   0.370   -16.759 1.00 10.95 ? 143 GLY   B O   1 
ATOM   1192 N N   . VAL   A 1 138 ? 1.175   -1.638  -15.874 1.00 10.13 ? 144 VAL   B N   1 
ATOM   1193 C CA  . VAL   A 1 138 ? -0.145  -1.190  -15.322 1.00 10.51 ? 144 VAL   B CA  1 
ATOM   1194 C C   . VAL   A 1 138 ? -0.227  -1.521  -13.840 1.00 9.88  ? 144 VAL   B C   1 
ATOM   1195 O O   . VAL   A 1 138 ? 0.065   -2.645  -13.418 1.00 10.42 ? 144 VAL   B O   1 
ATOM   1196 C CB  . VAL   A 1 138 ? -1.268  -1.912  -16.087 1.00 11.37 ? 144 VAL   B CB  1 
ATOM   1197 C CG1 . VAL   A 1 138 ? -2.628  -1.759  -15.375 1.00 12.27 ? 144 VAL   B CG1 1 
ATOM   1198 C CG2 . VAL   A 1 138 ? -1.302  -1.431  -17.534 1.00 12.66 ? 144 VAL   B CG2 1 
ATOM   1199 N N   . VAL   A 1 139 ? -0.778  -0.556  -13.097 1.00 9.62  ? 145 VAL   B N   1 
ATOM   1200 C CA  . VAL   A 1 139 ? -1.215  -0.769  -11.683 1.00 9.40  ? 145 VAL   B CA  1 
ATOM   1201 C C   . VAL   A 1 139 ? -2.655  -0.237  -11.569 1.00 8.83  ? 145 VAL   B C   1 
ATOM   1202 O O   . VAL   A 1 139 ? -2.845  0.980   -11.832 1.00 9.56  ? 145 VAL   B O   1 
ATOM   1203 C CB  . VAL   A 1 139 ? -0.297  -0.059  -10.684 1.00 9.12  ? 145 VAL   B CB  1 
ATOM   1204 C CG1 . VAL   A 1 139 ? -0.749  -0.382  -9.261  1.00 9.65  ? 145 VAL   B CG1 1 
ATOM   1205 C CG2 . VAL   A 1 139 ? 1.164   -0.426  -10.894 1.00 9.46  ? 145 VAL   B CG2 1 
ATOM   1206 N N   . SER   A 1 140 ? -3.590  -1.090  -11.227 1.00 8.61  ? 146 SER   B N   1 
ATOM   1207 C CA  . SER   A 1 140 ? -5.005  -0.682  -11.107 1.00 9.63  ? 146 SER   B CA  1 
ATOM   1208 C C   . SER   A 1 140 ? -5.551  -0.977  -9.714  1.00 9.04  ? 146 SER   B C   1 
ATOM   1209 O O   . SER   A 1 140 ? -5.137  -1.917  -9.068  1.00 9.77  ? 146 SER   B O   1 
ATOM   1210 C CB  . SER   A 1 140 ? -5.868  -1.371  -12.153 1.00 9.31  ? 146 SER   B CB  1 
ATOM   1211 O OG  . SER   A 1 140 ? -5.510  -0.951  -13.484 1.00 11.12 ? 146 SER   B OG  1 
ATOM   1212 N N   . PHE   A 1 141 ? -6.509  -0.152  -9.319  1.00 8.65  ? 147 PHE   B N   1 
ATOM   1213 C CA  . PHE   A 1 141 ? -7.147  -0.173  -7.990  1.00 8.95  ? 147 PHE   B CA  1 
ATOM   1214 C C   . PHE   A 1 141 ? -8.638  -0.336  -8.196  1.00 9.08  ? 147 PHE   B C   1 
ATOM   1215 O O   . PHE   A 1 141 ? -9.243  0.433   -8.999  1.00 9.14  ? 147 PHE   B O   1 
ATOM   1216 C CB  . PHE   A 1 141 ? -6.808  1.108   -7.197  1.00 9.22  ? 147 PHE   B CB  1 
ATOM   1217 C CG  . PHE   A 1 141 ? -5.331  1.283   -6.904  1.00 8.67  ? 147 PHE   B CG  1 
ATOM   1218 C CD1 . PHE   A 1 141 ? -4.456  1.814   -7.850  1.00 9.14  ? 147 PHE   B CD1 1 
ATOM   1219 C CD2 . PHE   A 1 141 ? -4.812  0.887   -5.676  1.00 8.94  ? 147 PHE   B CD2 1 
ATOM   1220 C CE1 . PHE   A 1 141 ? -3.097  1.923   -7.569  1.00 9.28  ? 147 PHE   B CE1 1 
ATOM   1221 C CE2 . PHE   A 1 141 ? -3.441  0.984   -5.433  1.00 8.96  ? 147 PHE   B CE2 1 
ATOM   1222 C CZ  . PHE   A 1 141 ? -2.593  1.530   -6.362  1.00 8.88  ? 147 PHE   B CZ  1 
ATOM   1223 N N   . TYR   A 1 142 ? -9.243  -1.165  -7.363  1.00 9.01  ? 148 TYR   B N   1 
ATOM   1224 C CA  . TYR   A 1 142 ? -10.671 -1.545  -7.482  1.00 10.51 ? 148 TYR   B CA  1 
ATOM   1225 C C   . TYR   A 1 142 ? -11.351 -1.387  -6.123  1.00 10.58 ? 148 TYR   B C   1 
ATOM   1226 O O   . TYR   A 1 142 ? -10.807 -1.724  -5.053  1.00 10.64 ? 148 TYR   B O   1 
ATOM   1227 C CB  . TYR   A 1 142 ? -10.842 -2.955  -8.033  1.00 10.97 ? 148 TYR   B CB  1 
ATOM   1228 C CG  . TYR   A 1 142 ? -10.303 -3.103  -9.430  1.00 11.18 ? 148 TYR   B CG  1 
ATOM   1229 C CD1 . TYR   A 1 142 ? -11.043 -2.740  -10.542 1.00 12.37 ? 148 TYR   B CD1 1 
ATOM   1230 C CD2 . TYR   A 1 142 ? -8.990  -3.517  -9.645  1.00 12.27 ? 148 TYR   B CD2 1 
ATOM   1231 C CE1 . TYR   A 1 142 ? -10.488 -2.782  -11.816 1.00 12.06 ? 148 TYR   B CE1 1 
ATOM   1232 C CE2 . TYR   A 1 142 ? -8.438  -3.600  -10.917 1.00 12.57 ? 148 TYR   B CE2 1 
ATOM   1233 C CZ  . TYR   A 1 142 ? -9.199  -3.254  -12.015 1.00 12.56 ? 148 TYR   B CZ  1 
ATOM   1234 O OH  . TYR   A 1 142 ? -8.647  -3.303  -13.289 1.00 14.71 ? 148 TYR   B OH  1 
ATOM   1235 N N   . ASN   A 1 143 ? -12.613 -0.968  -6.173  1.00 11.58 ? 149 ASN   B N   1 
ATOM   1236 C CA  . ASN   A 1 143 ? -13.487 -0.760  -4.982  1.00 11.29 ? 149 ASN   B CA  1 
ATOM   1237 C C   . ASN   A 1 143 ? -14.255 -2.053  -4.738  1.00 10.82 ? 149 ASN   B C   1 
ATOM   1238 O O   . ASN   A 1 143 ? -15.327 -2.270  -5.399  1.00 13.29 ? 149 ASN   B O   1 
ATOM   1239 C CB  . ASN   A 1 143 ? -14.408 0.422   -5.226  1.00 11.68 ? 149 ASN   B CB  1 
ATOM   1240 C CG  . ASN   A 1 143 ? -15.237 0.788   -3.996  1.00 12.17 ? 149 ASN   B CG  1 
ATOM   1241 O OD1 . ASN   A 1 143 ? -15.370 -0.042  -3.086  1.00 13.61 ? 149 ASN   B OD1 1 
ATOM   1242 N ND2 . ASN   A 1 143 ? -15.701 1.998   -3.973  1.00 13.18 ? 149 ASN   B ND2 1 
ATOM   1243 N N   . ILE   A 1 144 ? -13.816 -2.925  -3.833  1.00 12.47 ? 150 ILE   B N   1 
ATOM   1244 C CA  . ILE   A 1 144 ? -14.459 -4.240  -3.642  1.00 13.58 ? 150 ILE   B CA  1 
ATOM   1245 C C   . ILE   A 1 144 ? -15.852 -4.016  -3.024  1.00 15.26 ? 150 ILE   B C   1 
ATOM   1246 O O   . ILE   A 1 144 ? -16.778 -4.785  -3.351  1.00 16.99 ? 150 ILE   B O   1 
ATOM   1247 C CB  . ILE   A 1 144 ? -13.566 -5.135  -2.774  1.00 14.17 ? 150 ILE   B CB  1 
ATOM   1248 C CG1 . ILE   A 1 144 ? -12.156 -5.289  -3.365  1.00 15.08 ? 150 ILE   B CG1 1 
ATOM   1249 C CG2 . ILE   A 1 144 ? -14.219 -6.484  -2.495  1.00 16.12 ? 150 ILE   B CG2 1 
ATOM   1250 C CD1 . ILE   A 1 144 ? -12.136 -5.548  -4.838  1.00 18.84 ? 150 ILE   B CD1 1 
ATOM   1251 N N   . THR   A 1 145 ? -16.033 -2.995  -2.219  1.00 14.29 ? 151 THR   B N   1 
ATOM   1252 C CA  . THR   A 1 145 ? -17.333 -2.680  -1.544  1.00 14.89 ? 151 THR   B CA  1 
ATOM   1253 C C   . THR   A 1 145 ? -18.355 -2.324  -2.618  1.00 18.15 ? 151 THR   B C   1 
ATOM   1254 O O   . THR   A 1 145 ? -19.536 -2.731  -2.458  1.00 21.55 ? 151 THR   B O   1 
ATOM   1255 C CB  . THR   A 1 145 ? -17.130 -1.524  -0.557  1.00 14.35 ? 151 THR   B CB  1 
ATOM   1256 O OG1 . THR   A 1 145 ? -16.065 -1.879  0.311   1.00 15.13 ? 151 THR   B OG1 1 
ATOM   1257 C CG2 . THR   A 1 145 ? -18.392 -1.239  0.240   1.00 16.35 ? 151 THR   B CG2 1 
ATOM   1258 N N   . ASP   A 1 146 ? -17.961 -1.693  -3.720  1.00 16.59 ? 152 ASP   B N   1 
ATOM   1259 C CA  . ASP   A 1 146 ? -18.861 -1.311  -4.847  1.00 17.44 ? 152 ASP   B CA  1 
ATOM   1260 C C   . ASP   A 1 146 ? -18.713 -2.271  -6.036  1.00 17.77 ? 152 ASP   B C   1 
ATOM   1261 O O   . ASP   A 1 146 ? -18.478 -1.790  -7.144  1.00 18.67 ? 152 ASP   B O   1 
ATOM   1262 C CB  . ASP   A 1 146 ? -18.630 0.141   -5.169  1.00 17.88 ? 152 ASP   B CB  1 
ATOM   1263 C CG  . ASP   A 1 146 ? -19.527 0.673   -6.248  1.00 21.13 ? 152 ASP   B CG  1 
ATOM   1264 O OD1 . ASP   A 1 146 ? -20.743 0.353   -6.210  1.00 23.22 ? 152 ASP   B OD1 1 
ATOM   1265 O OD2 . ASP   A 1 146 ? -18.995 1.399   -7.092  1.00 21.68 ? 152 ASP   B OD2 1 
ATOM   1266 N N   . HIS   A 1 147 ? -18.818 -3.566  -5.809  1.00 19.54 ? 153 HIS   B N   1 
ATOM   1267 C CA  . HIS   A 1 147 ? -18.899 -4.597  -6.874  1.00 23.23 ? 153 HIS   B CA  1 
ATOM   1268 C C   . HIS   A 1 147 ? -17.658 -4.495  -7.770  1.00 20.66 ? 153 HIS   B C   1 
ATOM   1269 O O   . HIS   A 1 147 ? -17.742 -4.733  -8.967  1.00 23.57 ? 153 HIS   B O   1 
ATOM   1270 C CB  . HIS   A 1 147 ? -20.139 -4.437  -7.769  1.00 28.60 ? 153 HIS   B CB  1 
ATOM   1271 C CG  . HIS   A 1 147 ? -21.455 -4.239  -7.085  1.00 36.92 ? 153 HIS   B CG  1 
ATOM   1272 N ND1 . HIS   A 1 147 ? -22.172 -5.288  -6.544  1.00 43.19 ? 153 HIS   B ND1 1 
ATOM   1273 C CD2 . HIS   A 1 147 ? -22.218 -3.134  -6.934  1.00 41.36 ? 153 HIS   B CD2 1 
ATOM   1274 C CE1 . HIS   A 1 147 ? -23.304 -4.832  -6.038  1.00 47.13 ? 153 HIS   B CE1 1 
ATOM   1275 N NE2 . HIS   A 1 147 ? -23.360 -3.507  -6.272  1.00 45.00 ? 153 HIS   B NE2 1 
ATOM   1276 N N   . GLY   A 1 148 ? -16.517 -4.124  -7.203  1.00 17.81 ? 154 GLY   B N   1 
ATOM   1277 C CA  . GLY   A 1 148 ? -15.250 -4.179  -7.958  1.00 15.60 ? 154 GLY   B CA  1 
ATOM   1278 C C   . GLY   A 1 148 ? -15.066 -3.010  -8.898  1.00 14.05 ? 154 GLY   B C   1 
ATOM   1279 O O   . GLY   A 1 148 ? -14.277 -3.175  -9.815  1.00 14.82 ? 154 GLY   B O   1 
ATOM   1280 N N   . SER   A 1 149 ? -15.754 -1.916  -8.752  1.00 13.25 ? 155 SER   B N   1 
ATOM   1281 C CA  . SER   A 1 149 ? -15.661 -0.790  -9.700  1.00 12.25 ? 155 SER   B CA  1 
ATOM   1282 C C   . SER   A 1 149 ? -14.231 -0.230  -9.738  1.00 12.24 ? 155 SER   B C   1 
ATOM   1283 O O   . SER   A 1 149 ? -13.522 -0.158  -8.691  1.00 11.92 ? 155 SER   B O   1 
ATOM   1284 C CB  . SER   A 1 149 ? -16.662 0.292   -9.357  1.00 13.57 ? 155 SER   B CB  1 
ATOM   1285 O OG  . SER   A 1 149 ? -16.517 0.778   -8.024  1.00 14.34 ? 155 SER   B OG  1 
ATOM   1286 N N   . LEU   A 1 150 ? -13.798 0.257   -10.877 1.00 10.94 ? 156 LEU   B N   1 
ATOM   1287 C CA  . LEU   A 1 150 ? -12.444 0.838   -11.033 1.00 10.34 ? 156 LEU   B CA  1 
ATOM   1288 C C   . LEU   A 1 150 ? -12.346 2.136   -10.256 1.00 10.20 ? 156 LEU   B C   1 
ATOM   1289 O O   . LEU   A 1 150 ? -13.197 3.063   -10.346 1.00 10.76 ? 156 LEU   B O   1 
ATOM   1290 C CB  . LEU   A 1 150 ? -12.176 1.093   -12.522 1.00 10.74 ? 156 LEU   B CB  1 
ATOM   1291 C CG  . LEU   A 1 150 ? -10.794 1.702   -12.838 1.00 10.79 ? 156 LEU   B CG  1 
ATOM   1292 C CD1 . LEU   A 1 150 ? -9.677  0.719   -12.551 1.00 11.45 ? 156 LEU   B CD1 1 
ATOM   1293 C CD2 . LEU   A 1 150 ? -10.744 2.098   -14.330 1.00 12.04 ? 156 LEU   B CD2 1 
ATOM   1294 N N   . ILE   A 1 151 ? -11.248 2.271   -9.494  1.00 9.64  ? 157 ILE   B N   1 
ATOM   1295 C CA  . ILE   A 1 151 ? -10.869 3.513   -8.810  1.00 10.03 ? 157 ILE   B CA  1 
ATOM   1296 C C   . ILE   A 1 151 ? -9.856  4.303   -9.631  1.00 9.07  ? 157 ILE   B C   1 
ATOM   1297 O O   . ILE   A 1 151 ? -9.976  5.496   -9.855  1.00 9.46  ? 157 ILE   B O   1 
ATOM   1298 C CB  . ILE   A 1 151 ? -10.332 3.204   -7.389  1.00 10.24 ? 157 ILE   B CB  1 
ATOM   1299 C CG1 . ILE   A 1 151 ? -11.423 2.622   -6.495  1.00 10.85 ? 157 ILE   B CG1 1 
ATOM   1300 C CG2 . ILE   A 1 151 ? -9.721  4.469   -6.792  1.00 10.50 ? 157 ILE   B CG2 1 
ATOM   1301 C CD1 . ILE   A 1 151 ? -10.907 2.068   -5.186  1.00 10.96 ? 157 ILE   B CD1 1 
ATOM   1302 N N   . TYR   A 1 152 ? -8.770  3.643   -10.076 1.00 8.86  ? 158 TYR   B N   1 
ATOM   1303 C CA  . TYR   A 1 152 ? -7.674  4.355   -10.774 1.00 8.89  ? 158 TYR   B CA  1 
ATOM   1304 C C   . TYR   A 1 152 ? -6.789  3.351   -11.499 1.00 8.67  ? 158 TYR   B C   1 
ATOM   1305 O O   . TYR   A 1 152 ? -6.530  2.278   -10.938 1.00 9.45  ? 158 TYR   B O   1 
ATOM   1306 C CB  . TYR   A 1 152 ? -6.781  5.158   -9.785  1.00 8.85  ? 158 TYR   B CB  1 
ATOM   1307 C CG  . TYR   A 1 152 ? -5.873  6.124   -10.477 1.00 8.93  ? 158 TYR   B CG  1 
ATOM   1308 C CD1 . TYR   A 1 152 ? -6.313  7.367   -10.936 1.00 9.77  ? 158 TYR   B CD1 1 
ATOM   1309 C CD2 . TYR   A 1 152 ? -4.541  5.796   -10.717 1.00 9.11  ? 158 TYR   B CD2 1 
ATOM   1310 C CE1 . TYR   A 1 152 ? -5.476  8.221   -11.619 1.00 9.97  ? 158 TYR   B CE1 1 
ATOM   1311 C CE2 . TYR   A 1 152 ? -3.700  6.645   -11.391 1.00 9.80  ? 158 TYR   B CE2 1 
ATOM   1312 C CZ  . TYR   A 1 152 ? -4.175  7.840   -11.861 1.00 9.76  ? 158 TYR   B CZ  1 
ATOM   1313 O OH  . TYR   A 1 152 ? -3.383  8.687   -12.595 1.00 12.08 ? 158 TYR   B OH  1 
ATOM   1314 N N   . THR   A 1 153 ? -6.277  3.730   -12.671 1.00 8.46  ? 159 THR   B N   1 
ATOM   1315 C CA  . THR   A 1 153 ? -5.241  2.982   -13.414 1.00 8.76  ? 159 THR   B CA  1 
ATOM   1316 C C   . THR   A 1 153 ? -4.069  3.874   -13.707 1.00 9.05  ? 159 THR   B C   1 
ATOM   1317 O O   . THR   A 1 153 ? -4.197  4.878   -14.391 1.00 9.75  ? 159 THR   B O   1 
ATOM   1318 C CB  . THR   A 1 153 ? -5.796  2.382   -14.723 1.00 9.55  ? 159 THR   B CB  1 
ATOM   1319 O OG1 . THR   A 1 153 ? -6.748  1.391   -14.359 1.00 10.38 ? 159 THR   B OG1 1 
ATOM   1320 C CG2 . THR   A 1 153 ? -4.690  1.805   -15.595 1.00 10.71 ? 159 THR   B CG2 1 
ATOM   1321 N N   . PHE   A 1 154 ? -2.894  3.478   -13.184 1.00 8.94  ? 160 PHE   B N   1 
ATOM   1322 C CA  . PHE   A 1 154 ? -1.585  3.987   -13.668 1.00 9.04  ? 160 PHE   B CA  1 
ATOM   1323 C C   . PHE   A 1 154 ? -1.198  3.111   -14.876 1.00 9.64  ? 160 PHE   B C   1 
ATOM   1324 O O   . PHE   A 1 154 ? -1.090  1.907   -14.756 1.00 10.24 ? 160 PHE   B O   1 
ATOM   1325 C CB  . PHE   A 1 154 ? -0.484  3.817   -12.632 1.00 9.61  ? 160 PHE   B CB  1 
ATOM   1326 C CG  . PHE   A 1 154 ? -0.586  4.644   -11.374 1.00 8.52  ? 160 PHE   B CG  1 
ATOM   1327 C CD1 . PHE   A 1 154 ? -1.276  4.217   -10.249 1.00 8.20  ? 160 PHE   B CD1 1 
ATOM   1328 C CD2 . PHE   A 1 154 ? 0.094   5.834   -11.287 1.00 8.78  ? 160 PHE   B CD2 1 
ATOM   1329 C CE1 . PHE   A 1 154 ? -1.304  4.998   -9.100  1.00 9.07  ? 160 PHE   B CE1 1 
ATOM   1330 C CE2 . PHE   A 1 154 ? 0.073   6.608   -10.129 1.00 9.28  ? 160 PHE   B CE2 1 
ATOM   1331 C CZ  . PHE   A 1 154 ? -0.625  6.164   -9.044  1.00 8.54  ? 160 PHE   B CZ  1 
ATOM   1332 N N   . SER   A 1 155 ? -1.014  3.770   -16.022 1.00 10.85 ? 161 SER   B N   1 
ATOM   1333 C CA  . SER   A 1 155 ? -0.530  3.065   -17.220 1.00 11.78 ? 161 SER   B CA  1 
ATOM   1334 C C   . SER   A 1 155 ? 0.759   3.733   -17.667 1.00 11.33 ? 161 SER   B C   1 
ATOM   1335 O O   . SER   A 1 155 ? 1.168   4.774   -17.168 1.00 12.94 ? 161 SER   B O   1 
ATOM   1336 C CB  . SER   A 1 155 ? -1.607  3.056   -18.256 1.00 12.69 ? 161 SER   B CB  1 
ATOM   1337 O OG  . SER   A 1 155 ? -1.830  4.335   -18.766 1.00 16.54 ? 161 SER   B OG  1 
ATOM   1338 N N   . GLU   A 1 156 ? 1.461   3.056   -18.594 1.00 13.56 ? 162 GLU   B N   1 
ATOM   1339 C CA  . GLU   A 1 156 ? 2.805   3.524   -19.052 1.00 14.74 ? 162 GLU   B CA  1 
ATOM   1340 C C   . GLU   A 1 156 ? 3.750   3.605   -17.854 1.00 12.96 ? 162 GLU   B C   1 
ATOM   1341 O O   . GLU   A 1 156 ? 4.629   4.518   -17.798 1.00 14.79 ? 162 GLU   B O   1 
ATOM   1342 C CB  . GLU   A 1 156 ? 2.740   4.870   -19.771 1.00 17.71 ? 162 GLU   B CB  1 
ATOM   1343 C CG  . GLU   A 1 156 ? 1.670   5.014   -20.838 1.00 22.17 ? 162 GLU   B CG  1 
ATOM   1344 C CD  . GLU   A 1 156 ? 1.936   6.296   -21.588 1.00 32.56 ? 162 GLU   B CD  1 
ATOM   1345 O OE1 . GLU   A 1 156 ? 1.515   7.367   -21.102 1.00 36.95 ? 162 GLU   B OE1 1 
ATOM   1346 O OE2 . GLU   A 1 156 ? 2.707   6.235   -22.557 1.00 40.14 ? 162 GLU   B OE2 1 
ATOM   1347 N N   . CYS   A 1 157 ? 3.597   2.661   -16.921 1.00 11.88 ? 163 CYS   B N   1 
ATOM   1348 C CA  . CYS   A 1 157 ? 4.476   2.659   -15.733 1.00 11.12 ? 163 CYS   B CA  1 
ATOM   1349 C C   . CYS   A 1 157 ? 5.908   2.285   -16.135 1.00 11.74 ? 163 CYS   B C   1 
ATOM   1350 O O   . CYS   A 1 157 ? 6.058   1.310   -16.924 1.00 13.35 ? 163 CYS   B O   1 
ATOM   1351 C CB  . CYS   A 1 157 ? 4.001   1.724   -14.614 1.00 10.52 ? 163 CYS   B CB  1 
ATOM   1352 S SG  . CYS   A 1 157 ? 2.377   2.146   -13.928 1.00 11.24 ? 163 CYS   B SG  1 
ATOM   1353 N N   . VAL   A 1 158 ? 6.866   2.940   -15.540 1.00 11.85 ? 164 VAL   B N   1 
ATOM   1354 C CA  . VAL   A 1 158 ? 8.288   2.556   -15.751 1.00 12.60 ? 164 VAL   B CA  1 
ATOM   1355 C C   . VAL   A 1 158 ? 8.763   2.023   -14.400 1.00 11.46 ? 164 VAL   B C   1 
ATOM   1356 O O   . VAL   A 1 158 ? 9.301   2.783   -13.586 1.00 13.24 ? 164 VAL   B O   1 
ATOM   1357 C CB  . VAL   A 1 158 ? 9.067   3.748   -16.359 1.00 15.15 ? 164 VAL   B CB  1 
ATOM   1358 C CG1 . VAL   A 1 158 ? 10.539  3.356   -16.525 1.00 15.38 ? 164 VAL   B CG1 1 
ATOM   1359 C CG2 . VAL   A 1 158 ? 8.446   4.207   -17.685 1.00 16.86 ? 164 VAL   B CG2 1 
ATOM   1360 N N   . PHE   A 1 159 ? 8.560   0.747   -14.115 1.00 11.03 ? 165 PHE   B N   1 
ATOM   1361 C CA  . PHE   A 1 159 ? 8.840   0.144   -12.795 1.00 11.70 ? 165 PHE   B CA  1 
ATOM   1362 C C   . PHE   A 1 159 ? 10.332  0.270   -12.494 1.00 12.17 ? 165 PHE   B C   1 
ATOM   1363 O O   . PHE   A 1 159 ? 10.711  0.627   -11.371 1.00 13.45 ? 165 PHE   B O   1 
ATOM   1364 C CB  . PHE   A 1 159 ? 8.278   -1.260  -12.731 1.00 10.96 ? 165 PHE   B CB  1 
ATOM   1365 C CG  . PHE   A 1 159 ? 6.769   -1.334  -12.854 1.00 10.09 ? 165 PHE   B CG  1 
ATOM   1366 C CD1 . PHE   A 1 159 ? 5.948   -0.511  -12.075 1.00 10.13 ? 165 PHE   B CD1 1 
ATOM   1367 C CD2 . PHE   A 1 159 ? 6.166   -2.257  -13.687 1.00 11.15 ? 165 PHE   B CD2 1 
ATOM   1368 C CE1 . PHE   A 1 159 ? 4.551   -0.586  -12.191 1.00 10.58 ? 165 PHE   B CE1 1 
ATOM   1369 C CE2 . PHE   A 1 159 ? 4.784   -2.342  -13.807 1.00 11.15 ? 165 PHE   B CE2 1 
ATOM   1370 C CZ  . PHE   A 1 159 ? 3.974   -1.545  -13.019 1.00 11.00 ? 165 PHE   B CZ  1 
ATOM   1371 N N   . ALA   A 1 160 ? 11.191  -0.118  -13.445 1.00 11.78 ? 166 ALA   B N   1 
ATOM   1372 C CA  . ALA   A 1 160 ? 12.662  0.057   -13.399 1.00 12.07 ? 166 ALA   B CA  1 
ATOM   1373 C C   . ALA   A 1 160 ? 13.265  -0.759  -12.265 1.00 11.76 ? 166 ALA   B C   1 
ATOM   1374 O O   . ALA   A 1 160 ? 14.374  -0.353  -11.762 1.00 12.76 ? 166 ALA   B O   1 
ATOM   1375 C CB  . ALA   A 1 160 ? 13.025  1.501   -13.333 1.00 12.90 ? 166 ALA   B CB  1 
ATOM   1376 N N   . GLY   A 1 161 ? 12.667  -1.855  -11.886 1.00 12.07 ? 167 GLY   B N   1 
ATOM   1377 C CA  . GLY   A 1 161 ? 13.186  -2.720  -10.821 1.00 12.34 ? 167 GLY   B CA  1 
ATOM   1378 C C   . GLY   A 1 161 ? 12.138  -3.689  -10.343 1.00 11.11 ? 167 GLY   B C   1 
ATOM   1379 O O   . GLY   A 1 161 ? 10.954  -3.603  -10.795 1.00 11.87 ? 167 GLY   B O   1 
ATOM   1380 N N   . PRO   A 1 162 ? 12.485  -4.595  -9.448  1.00 10.98 ? 168 PRO   B N   1 
ATOM   1381 C CA  . PRO   A 1 162 ? 11.497  -5.435  -8.786  1.00 10.78 ? 168 PRO   B CA  1 
ATOM   1382 C C   . PRO   A 1 162 ? 10.490  -4.573  -7.998  1.00 10.71 ? 168 PRO   B C   1 
ATOM   1383 O O   . PRO   A 1 162 ? 10.894  -3.523  -7.461  1.00 11.51 ? 168 PRO   B O   1 
ATOM   1384 C CB  . PRO   A 1 162 ? 12.294  -6.338  -7.822  1.00 11.50 ? 168 PRO   B CB  1 
ATOM   1385 C CG  . PRO   A 1 162 ? 13.746  -6.168  -8.322  1.00 12.40 ? 168 PRO   B CG  1 
ATOM   1386 C CD  . PRO   A 1 162 ? 13.836  -4.806  -8.894  1.00 11.42 ? 168 PRO   B CD  1 
ATOM   1387 N N   . LEU   A 1 163 ? 9.265   -5.056  -7.910  1.00 10.29 ? 169 LEU   B N   1 
ATOM   1388 C CA  . LEU   A 1 163 ? 8.180   -4.356  -7.153  1.00 9.60  ? 169 LEU   B CA  1 
ATOM   1389 C C   . LEU   A 1 163 ? 7.886   -5.114  -5.872  1.00 10.12 ? 169 LEU   B C   1 
ATOM   1390 O O   . LEU   A 1 163 ? 7.897   -6.334  -5.820  1.00 11.57 ? 169 LEU   B O   1 
ATOM   1391 C CB  . LEU   A 1 163 ? 6.909   -4.282  -8.009  1.00 10.45 ? 169 LEU   B CB  1 
ATOM   1392 C CG  . LEU   A 1 163 ? 6.957   -3.369  -9.229  1.00 11.50 ? 169 LEU   B CG  1 
ATOM   1393 C CD1 . LEU   A 1 163 ? 5.679   -3.517  -10.021 1.00 11.27 ? 169 LEU   B CD1 1 
ATOM   1394 C CD2 . LEU   A 1 163 ? 7.205   -1.920  -8.855  1.00 12.01 ? 169 LEU   B CD2 1 
ATOM   1395 N N   . ARG   A 1 164 ? 7.515   -4.337  -4.857  1.00 9.60  ? 170 ARG   B N   1 
ATOM   1396 C CA  . ARG   A 1 164 ? 7.024   -4.859  -3.568  1.00 9.64  ? 170 ARG   B CA  1 
ATOM   1397 C C   . ARG   A 1 164 ? 5.679   -4.249  -3.198  1.00 8.72  ? 170 ARG   B C   1 
ATOM   1398 O O   . ARG   A 1 164 ? 5.466   -3.065  -3.430  1.00 9.21  ? 170 ARG   B O   1 
ATOM   1399 C CB  . ARG   A 1 164 ? 8.045   -4.587  -2.463  1.00 11.25 ? 170 ARG   B CB  1 
ATOM   1400 C CG  . ARG   A 1 164 ? 9.369   -5.322  -2.739  1.00 13.16 ? 170 ARG   B CG  1 
ATOM   1401 C CD  . ARG   A 1 164 ? 10.423  -5.151  -1.679  1.00 14.01 ? 170 ARG   B CD  1 
ATOM   1402 N NE  . ARG   A 1 164 ? 10.004  -5.871  -0.495  1.00 14.06 ? 170 ARG   B NE  1 
ATOM   1403 C CZ  . ARG   A 1 164 ? 10.770  -5.956  0.581   1.00 14.26 ? 170 ARG   B CZ  1 
ATOM   1404 N NH1 . ARG   A 1 164 ? 11.990  -5.476  0.552   1.00 15.07 ? 170 ARG   B NH1 1 
ATOM   1405 N NH2 . ARG   A 1 164 ? 10.291  -6.547  1.647   1.00 14.06 ? 170 ARG   B NH2 1 
ATOM   1406 N N   . PRO   A 1 165 ? 4.761   -5.032  -2.622  1.00 8.39  ? 171 PRO   B N   1 
ATOM   1407 C CA  . PRO   A 1 165 ? 3.535   -4.434  -2.062  1.00 8.45  ? 171 PRO   B CA  1 
ATOM   1408 C C   . PRO   A 1 165 ? 3.906   -3.378  -1.011  1.00 8.31  ? 171 PRO   B C   1 
ATOM   1409 O O   . PRO   A 1 165 ? 4.850   -3.540  -0.261  1.00 9.08  ? 171 PRO   B O   1 
ATOM   1410 C CB  . PRO   A 1 165 ? 2.797   -5.600  -1.421  1.00 9.22  ? 171 PRO   B CB  1 
ATOM   1411 C CG  . PRO   A 1 165 ? 3.361   -6.833  -2.157  1.00 10.36 ? 171 PRO   B CG  1 
ATOM   1412 C CD  . PRO   A 1 165 ? 4.806   -6.474  -2.405  1.00 10.63 ? 171 PRO   B CD  1 
ATOM   1413 N N   . PHE   A 1 166 ? 3.180   -2.254  -1.041  1.00 8.11  ? 172 PHE   B N   1 
ATOM   1414 C CA  . PHE   A 1 166 ? 3.453   -1.070  -0.211  1.00 8.34  ? 172 PHE   B CA  1 
ATOM   1415 C C   . PHE   A 1 166 ? 2.207   -0.714  0.620   1.00 7.68  ? 172 PHE   B C   1 
ATOM   1416 O O   . PHE   A 1 166 ? 1.073   -0.699  0.117   1.00 8.14  ? 172 PHE   B O   1 
ATOM   1417 C CB  . PHE   A 1 166 ? 3.840   0.107   -1.104  1.00 8.75  ? 172 PHE   B CB  1 
ATOM   1418 C CG  . PHE   A 1 166 ? 3.990   1.399   -0.345  1.00 8.58  ? 172 PHE   B CG  1 
ATOM   1419 C CD1 . PHE   A 1 166 ? 5.146   1.667   0.378   1.00 9.54  ? 172 PHE   B CD1 1 
ATOM   1420 C CD2 . PHE   A 1 166 ? 2.968   2.332   -0.283  1.00 10.05 ? 172 PHE   B CD2 1 
ATOM   1421 C CE1 . PHE   A 1 166 ? 5.282   2.845   1.090   1.00 9.93  ? 172 PHE   B CE1 1 
ATOM   1422 C CE2 . PHE   A 1 166 ? 3.099   3.478   0.479   1.00 10.08 ? 172 PHE   B CE2 1 
ATOM   1423 C CZ  . PHE   A 1 166 ? 4.261   3.746   1.142   1.00 10.81 ? 172 PHE   B CZ  1 
ATOM   1424 N N   . PHE   A 1 167 ? 2.450   -0.358  1.901   1.00 7.88  ? 173 PHE   B N   1 
ATOM   1425 C CA  . PHE   A 1 167 ? 1.392   -0.050  2.882   1.00 7.85  ? 173 PHE   B CA  1 
ATOM   1426 C C   . PHE   A 1 167 ? 1.826   1.133   3.738   1.00 8.52  ? 173 PHE   B C   1 
ATOM   1427 O O   . PHE   A 1 167 ? 2.969   1.172   4.222   1.00 8.98  ? 173 PHE   B O   1 
ATOM   1428 C CB  . PHE   A 1 167 ? 1.131   -1.233  3.820   1.00 8.46  ? 173 PHE   B CB  1 
ATOM   1429 C CG  . PHE   A 1 167 ? 0.886   -2.537  3.095   1.00 8.54  ? 173 PHE   B CG  1 
ATOM   1430 C CD1 . PHE   A 1 167 ? 1.934   -3.342  2.697   1.00 8.69  ? 173 PHE   B CD1 1 
ATOM   1431 C CD2 . PHE   A 1 167 ? -0.399  -2.974  2.815   1.00 9.81  ? 173 PHE   B CD2 1 
ATOM   1432 C CE1 . PHE   A 1 167 ? 1.724   -4.515  1.980   1.00 9.01  ? 173 PHE   B CE1 1 
ATOM   1433 C CE2 . PHE   A 1 167 ? -0.614  -4.154  2.122   1.00 9.94  ? 173 PHE   B CE2 1 
ATOM   1434 C CZ  . PHE   A 1 167 ? 0.444   -4.940  1.729   1.00 9.87  ? 173 PHE   B CZ  1 
ATOM   1435 N N   . ASN   A 1 168 ? 0.883   2.016   4.057   1.00 8.47  ? 174 ASN   B N   1 
ATOM   1436 C CA  . ASN   A 1 168 ? 1.038   3.064   5.089   1.00 8.47  ? 174 ASN   B CA  1 
ATOM   1437 C C   . ASN   A 1 168 ? -0.229  3.039   5.923   1.00 8.31  ? 174 ASN   B C   1 
ATOM   1438 O O   . ASN   A 1 168 ? -1.331  3.312   5.384   1.00 8.88  ? 174 ASN   B O   1 
ATOM   1439 C CB  . ASN   A 1 168 ? 1.254   4.438   4.472   1.00 8.96  ? 174 ASN   B CB  1 
ATOM   1440 C CG  . ASN   A 1 168 ? 1.546   5.498   5.504   1.00 9.73  ? 174 ASN   B CG  1 
ATOM   1441 O OD1 . ASN   A 1 168 ? 1.550   5.283   6.710   1.00 10.74 ? 174 ASN   B OD1 1 
ATOM   1442 N ND2 . ASN   A 1 168 ? 1.870   6.682   5.050   1.00 11.57 ? 174 ASN   B ND2 1 
ATOM   1443 N N   . VAL   A 1 169 ? -0.123  2.717   7.217   1.00 8.69  ? 175 VAL   B N   1 
ATOM   1444 C CA  . VAL   A 1 169 ? -1.321  2.701   8.104   1.00 9.19  ? 175 VAL   B CA  1 
ATOM   1445 C C   . VAL   A 1 169 ? -1.743  4.112   8.495   1.00 8.93  ? 175 VAL   B C   1 
ATOM   1446 O O   . VAL   A 1 169 ? -2.833  4.235   9.096   1.00 9.91  ? 175 VAL   B O   1 
ATOM   1447 C CB  . VAL   A 1 169 ? -1.117  1.838   9.367   1.00 9.71  ? 175 VAL   B CB  1 
ATOM   1448 C CG1 . VAL   A 1 169 ? -0.859  0.386   9.031   1.00 10.84 ? 175 VAL   B CG1 1 
ATOM   1449 C CG2 . VAL   A 1 169 ? -0.015  2.375   10.274  1.00 10.09 ? 175 VAL   B CG2 1 
ATOM   1450 N N   . GLY   A 1 170 ? -0.907  5.117   8.228   1.00 9.24  ? 176 GLY   B N   1 
ATOM   1451 C CA  . GLY   A 1 170 ? -1.207  6.506   8.640   1.00 9.85  ? 176 GLY   B CA  1 
ATOM   1452 C C   . GLY   A 1 170 ? -0.945  6.753   10.114  1.00 9.68  ? 176 GLY   B C   1 
ATOM   1453 O O   . GLY   A 1 170 ? -0.834  5.857   10.931  1.00 9.50  ? 176 GLY   B O   1 
ATOM   1454 N N   . PHE   A 1 171 ? -0.740  8.031   10.414  1.00 10.44 ? 177 PHE   B N   1 
ATOM   1455 C CA  . PHE   A 1 171 ? -0.648  8.517   11.811  1.00 10.03 ? 177 PHE   B CA  1 
ATOM   1456 C C   . PHE   A 1 171 ? -2.000  8.408   12.478  1.00 9.67  ? 177 PHE   B C   1 
ATOM   1457 O O   . PHE   A 1 171 ? -3.037  8.245   11.833  1.00 9.85  ? 177 PHE   B O   1 
ATOM   1458 C CB  . PHE   A 1 171 ? -0.052  9.933   11.874  1.00 11.21 ? 177 PHE   B CB  1 
ATOM   1459 C CG  . PHE   A 1 171 ? 1.399   10.000  11.472  1.00 11.91 ? 177 PHE   B CG  1 
ATOM   1460 C CD1 . PHE   A 1 171 ? 2.398   9.590   12.328  1.00 14.36 ? 177 PHE   B CD1 1 
ATOM   1461 C CD2 . PHE   A 1 171 ? 1.751   10.488  10.233  1.00 14.02 ? 177 PHE   B CD2 1 
ATOM   1462 C CE1 . PHE   A 1 171 ? 3.734   9.659   11.925  1.00 15.40 ? 177 PHE   B CE1 1 
ATOM   1463 C CE2 . PHE   A 1 171 ? 3.088   10.549  9.842   1.00 15.38 ? 177 PHE   B CE2 1 
ATOM   1464 C CZ  . PHE   A 1 171 ? 4.051   10.160  10.698  1.00 15.44 ? 177 PHE   B CZ  1 
ATOM   1465 N N   . ASN   A 1 172 ? -1.962  8.524   13.797  1.00 10.18 ? 178 ASN   B N   1 
ATOM   1466 C CA  . ASN   A 1 172 ? -3.207  8.501   14.592  1.00 9.78  ? 178 ASN   B CA  1 
ATOM   1467 C C   . ASN   A 1 172 ? -3.159  9.698   15.555  1.00 10.16 ? 178 ASN   B C   1 
ATOM   1468 O O   . ASN   A 1 172 ? -3.461  9.550   16.757  1.00 11.86 ? 178 ASN   B O   1 
ATOM   1469 C CB  . ASN   A 1 172 ? -3.377  7.185   15.333  1.00 10.46 ? 178 ASN   B CB  1 
ATOM   1470 C CG  . ASN   A 1 172 ? -4.720  7.064   15.993  1.00 10.76 ? 178 ASN   B CG  1 
ATOM   1471 O OD1 . ASN   A 1 172 ? -5.716  7.649   15.585  1.00 11.13 ? 178 ASN   B OD1 1 
ATOM   1472 N ND2 . ASN   A 1 172 ? -4.751  6.254   17.031  1.00 12.65 ? 178 ASN   B ND2 1 
ATOM   1473 N N   . TYR   A 1 173 ? -2.955  10.884  15.043  1.00 10.37 ? 179 TYR   B N   1 
ATOM   1474 C CA  . TYR   A 1 173 ? -3.080  12.132  15.843  1.00 9.84  ? 179 TYR   B CA  1 
ATOM   1475 C C   . TYR   A 1 173 ? -4.507  12.335  16.306  1.00 10.08 ? 179 TYR   B C   1 
ATOM   1476 O O   . TYR   A 1 173 ? -4.733  12.937  17.412  1.00 11.94 ? 179 TYR   B O   1 
ATOM   1477 C CB  . TYR   A 1 173 ? -2.629  13.350  15.030  1.00 10.63 ? 179 TYR   B CB  1 
ATOM   1478 C CG  . TYR   A 1 173 ? -1.175  13.365  14.641  1.00 13.07 ? 179 TYR   B CG  1 
ATOM   1479 C CD1 . TYR   A 1 173 ? -0.197  13.681  15.576  1.00 16.44 ? 179 TYR   B CD1 1 
ATOM   1480 C CD2 . TYR   A 1 173 ? -0.784  13.167  13.326  1.00 14.85 ? 179 TYR   B CD2 1 
ATOM   1481 C CE1 . TYR   A 1 173 ? 1.153   13.672  15.234  1.00 17.52 ? 179 TYR   B CE1 1 
ATOM   1482 C CE2 . TYR   A 1 173 ? 0.572   13.173  12.975  1.00 14.71 ? 179 TYR   B CE2 1 
ATOM   1483 C CZ  . TYR   A 1 173 ? 1.516   13.402  13.932  1.00 17.08 ? 179 TYR   B CZ  1 
ATOM   1484 O OH  . TYR   A 1 173 ? 2.852   13.456  13.587  1.00 22.64 ? 179 TYR   B OH  1 
ATOM   1485 N N   . SER   A 1 174 ? -5.515  11.918  15.559  1.00 9.95  ? 180 SER   B N   1 
ATOM   1486 C CA  . SER   A 1 174 ? -6.929  12.201  15.838  1.00 11.00 ? 180 SER   B CA  1 
ATOM   1487 C C   . SER   A 1 174 ? -7.530  11.240  16.879  1.00 11.14 ? 180 SER   B C   1 
ATOM   1488 O O   . SER   A 1 174 ? -8.621  11.527  17.425  1.00 12.90 ? 180 SER   B O   1 
ATOM   1489 C CB  . SER   A 1 174 ? -7.758  12.104  14.609  1.00 11.08 ? 180 SER   B CB  1 
ATOM   1490 O OG  . SER   A 1 174 ? -7.730  10.734  14.149  1.00 11.40 ? 180 SER   B OG  1 
ATOM   1491 N N   . GLY   A 1 175 ? -6.913  10.090  17.120  1.00 10.00 ? 181 GLY   B N   1 
ATOM   1492 C CA  . GLY   A 1 175 ? -7.553  9.023   17.898  1.00 10.40 ? 181 GLY   B CA  1 
ATOM   1493 C C   . GLY   A 1 175 ? -8.613  8.286   17.128  1.00 11.17 ? 181 GLY   B C   1 
ATOM   1494 O O   . GLY   A 1 175 ? -9.267  7.428   17.727  1.00 13.23 ? 181 GLY   B O   1 
ATOM   1495 N N   . GLY   A 1 176 ? -8.829  8.570   15.846  1.00 10.69 ? 182 GLY   B N   1 
ATOM   1496 C CA  . GLY   A 1 176 ? -9.825  7.894   15.010  1.00 10.82 ? 182 GLY   B CA  1 
ATOM   1497 C C   . GLY   A 1 176 ? -9.190  7.003   13.942  1.00 10.82 ? 182 GLY   B C   1 
ATOM   1498 O O   . GLY   A 1 176 ? -9.980  6.464   13.138  1.00 12.53 ? 182 GLY   B O   1 
ATOM   1499 N N   . ASN   A 1 177 ? -7.891  6.817   13.935  1.00 9.32  ? 183 ASN   B N   1 
ATOM   1500 C CA  . ASN   A 1 177 ? -7.202  6.066   12.871  1.00 9.27  ? 183 ASN   B CA  1 
ATOM   1501 C C   . ASN   A 1 177 ? -6.397  4.901   13.421  1.00 9.54  ? 183 ASN   B C   1 
ATOM   1502 O O   . ASN   A 1 177 ? -5.475  4.456   12.722  1.00 10.78 ? 183 ASN   B O   1 
ATOM   1503 C CB  . ASN   A 1 177 ? -6.314  6.960   12.028  1.00 8.91  ? 183 ASN   B CB  1 
ATOM   1504 C CG  . ASN   A 1 177 ? -5.980  6.332   10.679  1.00 8.93  ? 183 ASN   B CG  1 
ATOM   1505 O OD1 . ASN   A 1 177 ? -6.829  5.647   10.097  1.00 9.62  ? 183 ASN   B OD1 1 
ATOM   1506 N ND2 . ASN   A 1 177 ? -4.755  6.551   10.231  1.00 8.77  ? 183 ASN   B ND2 1 
ATOM   1507 N N   . ALA   A 1 178 ? -6.803  4.289   14.532  1.00 10.33 ? 184 ALA   B N   1 
ATOM   1508 C CA  . ALA   A 1 178 ? -6.031  3.173   15.124  1.00 11.43 ? 184 ALA   B CA  1 
ATOM   1509 C C   . ALA   A 1 178 ? -6.251  1.851   14.385  1.00 11.11 ? 184 ALA   B C   1 
ATOM   1510 O O   . ALA   A 1 178 ? -5.429  0.946   14.567  1.00 12.70 ? 184 ALA   B O   1 
ATOM   1511 C CB  . ALA   A 1 178 ? -6.409  2.993   16.612  1.00 12.41 ? 184 ALA   B CB  1 
ATOM   1512 N N   . ALA   A 1 179 ? -7.314  1.729   13.619  1.00 10.52 ? 185 ALA   B N   1 
ATOM   1513 C CA  . ALA   A 1 179 ? -7.656  0.409   13.019  1.00 10.84 ? 185 ALA   B CA  1 
ATOM   1514 C C   . ALA   A 1 179 ? -6.532  -0.098  12.106  1.00 10.67 ? 185 ALA   B C   1 
ATOM   1515 O O   . ALA   A 1 179 ? -5.787  0.674   11.468  1.00 10.24 ? 185 ALA   B O   1 
ATOM   1516 C CB  . ALA   A 1 179 ? -8.946  0.486   12.263  1.00 10.99 ? 185 ALA   B CB  1 
ATOM   1517 N N   . PRO   A 1 180 ? -6.381  -1.422  11.984  1.00 10.36 ? 186 PRO   B N   1 
ATOM   1518 C CA  . PRO   A 1 180 ? -5.326  -1.999  11.138  1.00 10.66 ? 186 PRO   B CA  1 
ATOM   1519 C C   . PRO   A 1 180 ? -5.631  -1.957  9.621   1.00 9.61  ? 186 PRO   B C   1 
ATOM   1520 O O   . PRO   A 1 180 ? -6.766  -1.831  9.228   1.00 10.66 ? 186 PRO   B O   1 
ATOM   1521 C CB  . PRO   A 1 180 ? -5.313  -3.472  11.613  1.00 11.64 ? 186 PRO   B CB  1 
ATOM   1522 C CG  . PRO   A 1 180 ? -6.728  -3.739  11.991  1.00 13.73 ? 186 PRO   B CG  1 
ATOM   1523 C CD  . PRO   A 1 180 ? -7.161  -2.456  12.695  1.00 12.74 ? 186 PRO   B CD  1 
ATOM   1524 N N   . LEU   A 1 181 ? -4.574  -2.134  8.831   1.00 10.04 ? 187 LEU   B N   1 
ATOM   1525 C CA  . LEU   A 1 181 ? -4.700  -2.671  7.456   1.00 10.07 ? 187 LEU   B CA  1 
ATOM   1526 C C   . LEU   A 1 181 ? -4.634  -4.186  7.561   1.00 9.86  ? 187 LEU   B C   1 
ATOM   1527 O O   . LEU   A 1 181 ? -3.753  -4.719  8.273   1.00 12.12 ? 187 LEU   B O   1 
ATOM   1528 C CB  . LEU   A 1 181 ? -3.577  -2.130  6.607   1.00 9.70  ? 187 LEU   B CB  1 
ATOM   1529 C CG  . LEU   A 1 181 ? -3.619  -0.621  6.323   1.00 10.55 ? 187 LEU   B CG  1 
ATOM   1530 C CD1 . LEU   A 1 181 ? -2.370  -0.152  5.571   1.00 11.07 ? 187 LEU   B CD1 1 
ATOM   1531 C CD2 . LEU   A 1 181 ? -4.842  -0.188  5.541   1.00 11.86 ? 187 LEU   B CD2 1 
ATOM   1532 N N   . LYS   A 1 182 ? -5.493  -4.882  6.840   1.00 10.24 ? 188 LYS   B N   1 
ATOM   1533 C CA  . LYS   A 1 182 ? -5.502  -6.363  6.887   1.00 11.18 ? 188 LYS   B CA  1 
ATOM   1534 C C   . LYS   A 1 182 ? -5.450  -6.886  5.462   1.00 11.52 ? 188 LYS   B C   1 
ATOM   1535 O O   . LYS   A 1 182 ? -6.320  -6.515  4.628   1.00 12.05 ? 188 LYS   B O   1 
ATOM   1536 C CB  . LYS   A 1 182 ? -6.734  -6.950  7.585   1.00 12.66 ? 188 LYS   B CB  1 
ATOM   1537 C CG  . LYS   A 1 182 ? -7.045  -6.413  8.967   1.00 15.79 ? 188 LYS   B CG  1 
ATOM   1538 C CD  . LYS   A 1 182 ? -8.190  -7.150  9.672   1.00 18.66 ? 188 LYS   B CD  1 
ATOM   1539 C CE  . LYS   A 1 182 ? -8.654  -6.510  10.956  1.00 22.70 ? 188 LYS   B CE  1 
ATOM   1540 N NZ  . LYS   A 1 182 ? -9.878  -7.197  11.439  1.00 29.71 ? 188 LYS   B NZ  1 
ATOM   1541 N N   . LEU   A 1 183 ? -4.598  -7.839  5.187   1.00 11.17 ? 189 LEU   B N   1 
ATOM   1542 C CA  . LEU   A 1 183 ? -4.621  -8.578  3.899   1.00 11.47 ? 189 LEU   B CA  1 
ATOM   1543 C C   . LEU   A 1 183 ? -5.747  -9.596  3.949   1.00 13.17 ? 189 LEU   B C   1 
ATOM   1544 O O   . LEU   A 1 183 ? -5.709  -10.477 4.876   1.00 16.40 ? 189 LEU   B O   1 
ATOM   1545 C CB  . LEU   A 1 183 ? -3.255  -9.212  3.655   1.00 12.10 ? 189 LEU   B CB  1 
ATOM   1546 C CG  . LEU   A 1 183 ? -2.215  -8.182  3.190   1.00 12.95 ? 189 LEU   B CG  1 
ATOM   1547 C CD1 . LEU   A 1 183 ? -0.778  -8.539  3.545   1.00 16.09 ? 189 LEU   B CD1 1 
ATOM   1548 C CD2 . LEU   A 1 183 ? -2.393  -7.844  1.700   1.00 11.83 ? 189 LEU   B CD2 1 
ATOM   1549 N N   . CYS   A 1 184 ? -6.679  -9.510  3.012   1.00 14.81 ? 190 CYS   B N   1 
ATOM   1550 C CA  . CYS   A 1 184 ? -7.928  -10.335 2.999   1.00 17.34 ? 190 CYS   B CA  1 
ATOM   1551 C C   . CYS   A 1 184 ? -7.646  -11.680 2.377   1.00 19.56 ? 190 CYS   B C   1 
ATOM   1552 O O   . CYS   A 1 184 ? -6.898  -11.780 1.423   1.00 21.47 ? 190 CYS   B O   1 
ATOM   1553 C CB  . CYS   A 1 184 ? -8.955  -9.775  2.033   1.00 20.03 ? 190 CYS   B CB  1 
ATOM   1554 S SG  . CYS   A 1 184 ? -9.314  -8.042  2.243   1.00 20.63 ? 190 CYS   B SG  1 
ATOM   1555 N N   . PRO   A 1 185 ? -8.321  -12.743 2.855   1.00 25.60 ? 191 PRO   B N   1 
ATOM   1556 C CA  . PRO   A 1 185 ? -8.113  -14.080 2.335   1.00 31.68 ? 191 PRO   B CA  1 
ATOM   1557 C C   . PRO   A 1 185 ? -8.644  -14.142 0.903   1.00 30.59 ? 191 PRO   B C   1 
ATOM   1558 O O   . PRO   A 1 185 ? -9.616  -13.452 0.582   1.00 32.58 ? 191 PRO   B O   1 
ATOM   1559 C CB  . PRO   A 1 185 ? -8.875  -14.973 3.331   1.00 30.46 ? 191 PRO   B CB  1 
ATOM   1560 C CG  . PRO   A 1 185 ? -9.919  -14.075 3.930   1.00 29.82 ? 191 PRO   B CG  1 
ATOM   1561 C CD  . PRO   A 1 185 ? -9.278  -12.705 3.971   1.00 27.55 ? 191 PRO   B CD  1 
ATOM   1562 N N   . LEU   A 1 186 ? -7.940  -14.953 0.105   1.00 38.23 ? 192 LEU   B N   1 
ATOM   1563 C CA  . LEU   A 1 186 ? -8.300  -15.488 -1.236  1.00 37.87 ? 192 LEU   B CA  1 
ATOM   1564 C C   . LEU   A 1 186 ? -9.615  -16.264 -1.163  1.00 45.53 ? 192 LEU   B C   1 
ATOM   1565 O O   . LEU   A 1 186 ? -10.242 -16.428 -2.215  1.00 50.88 ? 192 LEU   B O   1 
ATOM   1566 C CB  . LEU   A 1 186 ? -7.171  -16.417 -1.691  1.00 38.18 ? 192 LEU   B CB  1 
HETATM 1567 C C1  . EDO   B 2 .   ? 0.385   9.785   16.030  1.00 27.17 ? 201 EDO   B C1  1 
HETATM 1568 O O1  . EDO   B 2 .   ? 0.292   8.477   15.485  1.00 19.42 ? 201 EDO   B O1  1 
HETATM 1569 C C2  . EDO   B 2 .   ? 1.743   10.336  16.267  1.00 33.94 ? 201 EDO   B C2  1 
HETATM 1570 O O2  . EDO   B 2 .   ? 2.656   9.394   16.799  1.00 38.34 ? 201 EDO   B O2  1 
HETATM 1571 C C1  . EDO   C 2 .   ? 15.618  16.554  10.018  1.00 34.87 ? 202 EDO   B C1  1 
HETATM 1572 O O1  . EDO   C 2 .   ? 15.066  15.272  9.763   1.00 29.08 ? 202 EDO   B O1  1 
HETATM 1573 C C2  . EDO   C 2 .   ? 14.603  17.610  10.130  1.00 35.12 ? 202 EDO   B C2  1 
HETATM 1574 O O2  . EDO   C 2 .   ? 13.548  17.203  10.958  1.00 42.48 ? 202 EDO   B O2  1 
HETATM 1575 S S   . SO4   D 3 .   ? 10.209  14.802  -3.034  1.00 35.03 ? 203 SO4   B S   1 
HETATM 1576 O O1  . SO4   D 3 .   ? 10.404  13.470  -2.558  1.00 23.66 ? 203 SO4   B O1  1 
HETATM 1577 O O2  . SO4   D 3 .   ? 11.438  15.544  -2.947  1.00 43.41 ? 203 SO4   B O2  1 
HETATM 1578 O O3  . SO4   D 3 .   ? 9.783   14.722  -4.417  1.00 41.39 ? 203 SO4   B O3  1 
HETATM 1579 O O4  . SO4   D 3 .   ? 9.176   15.471  -2.256  1.00 38.72 ? 203 SO4   B O4  1 
HETATM 1580 N N1  . A1BFA E 4 .   ? -6.942  -2.209  19.295  0.22 20.97 ? 204 A1BFA B N1  1 
HETATM 1581 N N3  . A1BFA E 4 .   ? -9.355  0.025   15.822  0.22 18.03 ? 204 A1BFA B N3  1 
HETATM 1582 C C4  . A1BFA E 4 .   ? -8.050  -3.065  17.289  0.22 20.14 ? 204 A1BFA B C4  1 
HETATM 1583 C C5  . A1BFA E 4 .   ? -7.191  -0.790  17.337  0.22 20.13 ? 204 A1BFA B C5  1 
HETATM 1584 C C6  . A1BFA E 4 .   ? -7.166  -0.836  18.849  0.22 20.68 ? 204 A1BFA B C6  1 
HETATM 1585 C C7  . A1BFA E 4 .   ? -9.168  -1.283  15.966  0.22 17.62 ? 204 A1BFA B C7  1 
HETATM 1586 C C1  . A1BFA E 4 .   ? -5.487  -4.012  20.095  0.22 21.26 ? 204 A1BFA B C1  1 
HETATM 1587 C C2  . A1BFA E 4 .   ? -5.862  -2.562  20.021  0.22 21.05 ? 204 A1BFA B C2  1 
HETATM 1588 C C3  . A1BFA E 4 .   ? -7.982  -3.113  18.803  0.22 20.39 ? 204 A1BFA B C3  1 
HETATM 1589 N N2  . A1BFA E 4 .   ? -8.217  -1.689  16.826  0.22 19.71 ? 204 A1BFA B N2  1 
HETATM 1590 O O1  . A1BFA E 4 .   ? -5.183  -1.713  20.592  0.22 22.27 ? 204 A1BFA B O1  1 
HETATM 1591 O O2  . A1BFA E 4 .   ? -9.833  -2.092  15.340  0.22 16.86 ? 204 A1BFA B O2  1 
HETATM 1592 O O   . HOH   F 5 .   ? -16.712 -4.235  1.480   1.00 24.63 ? 301 HOH   B O   1 
HETATM 1593 O O   . HOH   F 5 .   ? 7.967   2.235   23.824  1.00 16.14 ? 302 HOH   B O   1 
HETATM 1594 O O   . HOH   F 5 .   ? 5.901   -6.328  14.305  1.00 18.47 ? 303 HOH   B O   1 
HETATM 1595 O O   . HOH   F 5 .   ? -2.135  3.443   24.646  1.00 38.17 ? 304 HOH   B O   1 
HETATM 1596 O O   . HOH   F 5 .   ? -3.537  0.756   16.530  1.00 17.82 ? 305 HOH   B O   1 
HETATM 1597 O O   . HOH   F 5 .   ? -11.058 12.105  16.564  1.00 15.91 ? 306 HOH   B O   1 
HETATM 1598 O O   . HOH   F 5 .   ? 1.380   7.734   21.242  1.00 30.49 ? 307 HOH   B O   1 
HETATM 1599 O O   . HOH   F 5 .   ? -11.877 3.966   2.605   1.00 13.13 ? 308 HOH   B O   1 
HETATM 1600 O O   . HOH   F 5 .   ? 5.301   -13.419 12.631  1.00 28.80 ? 309 HOH   B O   1 
HETATM 1601 O O   . HOH   F 5 .   ? -2.661  13.530  19.025  1.00 22.94 ? 310 HOH   B O   1 
HETATM 1602 O O   . HOH   F 5 .   ? -10.548 10.744  6.224   1.00 13.33 ? 311 HOH   B O   1 
HETATM 1603 O O   . HOH   F 5 .   ? -2.750  4.529   12.498  1.00 13.21 ? 312 HOH   B O   1 
HETATM 1604 O O   . HOH   F 5 .   ? -9.540  -2.081  9.900   1.00 21.77 ? 313 HOH   B O   1 
HETATM 1605 O O   . HOH   F 5 .   ? 7.823   -2.378  13.982  1.00 15.40 ? 314 HOH   B O   1 
HETATM 1606 O O   . HOH   F 5 .   ? -5.283  -12.234 9.618   1.00 23.15 ? 315 HOH   B O   1 
HETATM 1607 O O   . HOH   F 5 .   ? -16.190 -3.545  6.908   1.00 23.87 ? 316 HOH   B O   1 
HETATM 1608 O O   . HOH   F 5 .   ? -9.091  12.440  10.294  1.00 15.86 ? 317 HOH   B O   1 
HETATM 1609 O O   . HOH   F 5 .   ? -10.761 3.672   5.115   1.00 11.21 ? 318 HOH   B O   1 
HETATM 1610 O O   . HOH   F 5 .   ? -3.062  1.716   12.513  1.00 12.49 ? 319 HOH   B O   1 
HETATM 1611 O O   . HOH   F 5 .   ? -6.002  -10.643 7.687   1.00 25.13 ? 320 HOH   B O   1 
HETATM 1612 O O   . HOH   F 5 .   ? 0.269   6.476   17.491  1.00 24.64 ? 321 HOH   B O   1 
HETATM 1613 O O   . HOH   F 5 .   ? -9.582  3.647   12.970  1.00 14.94 ? 322 HOH   B O   1 
HETATM 1614 O O   . HOH   F 5 .   ? -13.217 6.906   7.654   1.00 39.40 ? 323 HOH   B O   1 
HETATM 1615 O O   . HOH   F 5 .   ? 10.733  6.435   17.659  1.00 18.30 ? 324 HOH   B O   1 
HETATM 1616 O O   . HOH   F 5 .   ? -3.994  -5.961  13.718  1.00 21.33 ? 325 HOH   B O   1 
HETATM 1617 O O   . HOH   F 5 .   ? -1.364  -6.133  13.980  1.00 20.30 ? 326 HOH   B O   1 
HETATM 1618 O O   . HOH   F 5 .   ? -7.363  12.572  7.716   1.00 17.56 ? 327 HOH   B O   1 
HETATM 1619 O O   . HOH   F 5 .   ? -0.532  -11.611 16.628  1.00 29.50 ? 328 HOH   B O   1 
HETATM 1620 O O   . HOH   F 5 .   ? -14.065 8.194   3.528   1.00 23.90 ? 329 HOH   B O   1 
HETATM 1621 O O   . HOH   F 5 .   ? 1.280   0.116   21.499  1.00 24.24 ? 330 HOH   B O   1 
HETATM 1622 O O   . HOH   F 5 .   ? 5.060   -2.481  22.945  1.00 26.40 ? 331 HOH   B O   1 
HETATM 1623 O O   . HOH   F 5 .   ? 11.554  3.310   12.087  1.00 20.02 ? 332 HOH   B O   1 
HETATM 1624 O O   . HOH   F 5 .   ? -6.436  5.995   19.547  1.00 20.03 ? 333 HOH   B O   1 
HETATM 1625 O O   . HOH   F 5 .   ? -1.999  -13.797 13.605  1.00 26.75 ? 334 HOH   B O   1 
HETATM 1626 O O   . HOH   F 5 .   ? -15.077 10.072  1.990   1.00 39.97 ? 335 HOH   B O   1 
HETATM 1627 O O   . HOH   F 5 .   ? -12.914 9.417   5.651   1.00 25.89 ? 336 HOH   B O   1 
HETATM 1628 O O   . HOH   F 5 .   ? 7.066   -12.695 -19.537 1.00 26.20 ? 337 HOH   B O   1 
HETATM 1629 O O   . HOH   F 5 .   ? 0.478   -17.629 12.139  1.00 27.71 ? 338 HOH   B O   1 
# 
